data_4KHP
#
_entry.id   4KHP
#
_cell.length_a   401.000
_cell.length_b   401.000
_cell.length_c   176.000
_cell.angle_alpha   90.000
_cell.angle_beta   90.000
_cell.angle_gamma   90.000
#
_symmetry.space_group_name_H-M   'P 41 21 2'
#
loop_
_entity.id
_entity.type
_entity.pdbx_description
1 polymer '16S Ribosomal RNA'
2 polymer '30S Ribosomal protein S2'
3 polymer '30S Ribosomal protein S3'
4 polymer '30S Ribosomal protein S4'
5 polymer '30S Ribosomal protein S5'
6 polymer '30S Ribosomal protein S6'
7 polymer '30S Ribosomal protein S7'
8 polymer '30S Ribosomal protein S8'
9 polymer '30S Ribosomal protein S9'
10 polymer '30S Ribosomal protein S10'
11 polymer '30S Ribosomal protein S11'
12 polymer '30S Ribosomal protein S12'
13 polymer '30S Ribosomal protein S13'
14 polymer '30S Ribosomal protein S14'
15 polymer '30S Ribosomal protein S15'
16 polymer '30S Ribosomal protein S16'
17 polymer '30S Ribosomal protein S17'
18 polymer '30S Ribosomal protein S18'
19 polymer '30S Ribosomal protein S19'
20 polymer '30S Ribosomal protein S20'
21 polymer '30S Ribosomal protein THX'
22 polymer 'Fragment of messenger RNA'
23 non-polymer PAROMOMYCIN
24 non-polymer Pactamycin
25 non-polymer 'MAGNESIUM ION'
#
loop_
_entity_poly.entity_id
_entity_poly.type
_entity_poly.pdbx_seq_one_letter_code
_entity_poly.pdbx_strand_id
1 'polyribonucleotide'
;UGGAGAGUUUGAUCCUGGCUCAGGGUGAACGCUGGCGGCGUGCCUAAGACAUGCAAGUCGUGCGGGCCGCGGGAUUUUAC
UCCGUGGUCAGCGGCGGACGGGUGAGUAACGCGUGGGUGACCUACCCGGAAGAGGGGGACAACCCGGGGAAACUCGGGCU
AAUCCCCCAUGUGGACCCGCCCCUUGGGGUGUGUCCAAAGGGCUUUGCCCGCUUCCGGAUGGGCCCGCGUCCCAUCAGCU
AGUUGGUGGGGUAAUGGCCCACCAAGGCGACGACGGGUAGCCGGUCUGAGAGGAUGGCCGGCCACAGGGGCACUGAGACA
CGGGCCCCACUCCUACGGGAGGCAGCAGUUAGGAAUCUUCCGCAAUGGGCGCAAGCCUGACGGAGCGACGCCGCUUGGAG
GAAGAAGCCCUUCGGGGUGUAAACUCCUGAACCCGGGACGAAACCCCCGACGAGGGGACUGACGGUACCGGGGUAAUAGC
GCCGGCCAACUCCGUGCCAGCAGCCGCGGUAAUACGGAGGGCGCGAGCGUUACCCGGAUUCACUGGGCGUAAAGGGCGUG
UAGGCGGCCUGGGGCGUCCCAUGUGAAAGACCACGGCUCAACCGUGGGGGAGCGUGGGAUACGCUCAGGCUAGACGGUGG
GAGAGGGUGGUGGAAUUCCCGGAGUAGCGGUGAAAUGCGCAGAUACCGGGAGGAACGCCGAUGGCGAAGGCAGCCACCUG
GUCCACCCGUGACGCUGAGGCGCGAAAGCGUGGGGAGCAAACCGGAUUAGAUACCCGGGUAGUCCACGCCCUAAACGAUG
CGCGCUAGGUCUCUGGGUCUCCUGGGGGCCGAAGCUAACGCGUUAAGCGCGCCGCCUGGGGAGUACGGCCGCAAGGCUGA
AACUCAAAGGAAUUGACGGGGGCCCGCACAAGCGGUGGAGCAUGUGGUUUAAUUCGAAGCAACGCGAAGAACCUUACCAG
GCCUUGACAUGCUAGGGAACCCGGGUGAAAGCCUGGGGUGCCCCGCGAGGGGAGCCCUAGCACAGGUGCUGCAUGGCCGU
CGUCAGCUCGUGCCGUGAGGUGUUGGGUUAAGUCCCGCAACGAGCGCAACCCCCGCCGUUAGUUGCCAGCGGUUCGGCCG
GGCACUCUAACGGGACUGCCCGCGAAAGCGGGAGGAAGGAGGGGACGACGUCUGGUCAGCAUGGCCCUUACGGCCUGGGC
GACACACGUGCUACAAUGCCCACUACAAAGCGAUGCCACCCGGCAACGGGGAGCUAAUCGCAAAAAGGUGGGCCCAGUUC
GGAUUGGGGUCUGCAACCCGACCCCAUGAAGCCGGAAUCGCUAGUAAUCGCGGAUCAGCCAUGCCGCGGUGAAUACGUUC
CCGGGCCUUGUACACACCGCCCGUCACGCCAUGGGAGCGGGCUCUACCCGAAGUCGCCGGGAGCCUACGGGCAGGCGCCG
AGGGUAGGGCCCGUGACUGGGGCGAAGUCGUAACAAGGUAGCUGUACCGGAAGGUGCGGCUGGAUC
;
A
2 'polypeptide(L)'
;VKELLEAGVHFGHERKRWNPKFARYIYAERNGIHIIDLQKTMEELERTFRFIEDLAMRGGTILFVGTKKQAQDIVRMEAE
RAGMPYVNQRWLGGMLTNFKTISQRVHRLEELEALFASPEIEERPKKEQVRLKHELERLQKYLSGFRLLKRLPDAIFVVD
PTKEAIAVREARKLFIPVIALADTDSDPDLVDYIIPGNDDAIRSIQLILSRAVDLIIQARGGVVEPSPSYALVQ
;
B
3 'polypeptide(L)'
;GNKIHPIGFRLGITRDWESRWYAGKKQYRHLLLEDQRIRGLLEKELYSAGLARVDIERAADNVAVTVHVAKPGVVIGRGG
ERIRVLREELAKLTGKNVALNVQEVQNPNLSAPLVAQRVAEQIERRFAVRRAIKQAVQRVMESGAKGAKVIVSGRIGGAE
QARTEWAAQGRVPLHTLRANIDYGFALARTTYGVLGVKAYIFLGEV
;
C
4 'polypeptide(L)'
;GRYIGPVCRLCRREGVKLYLKGERCYSPKCAMERRPYPPGQHGQKRARRPSDYAVRLREKQKLRRIYGISERQFRNLFEE
ASKKKGVTGSVFLGLLESRLDNVVYRLGFAVSRRQARQLVRHGHITVNGRRVDLPSYRVRPGDEIAVAEKSRNLELIRQN
LEAMKGRKVGPWLSLDVEGMKGKFLRLPDREDLALPVNEQLVIEFYSR
;
D
5 'polypeptide(L)'
;DFEEKMILIRRTARMQAGGRRFRFGALVVVGDRQGRVGLGFGKAPEVPLAVQKAGYYARRNMVEVPLQNGTIPHEIEVEF
GASKIVLKPAAPGTGVIAGAVPRAILELAGVTDILTKELGSRNPINIAYATMEALRQLRTKADVERLRKG
;
E
6 'polypeptide(L)'
;MRRYEVNIVLNPNLDQSQLALEKEIIQRALENYGARVEKVEELGLRRLAYPIAKDPQGYFLWYQVEMPEDRVNDLARELR
IRDNVRRVMVVKSQEPFLANA
;
F
7 'polypeptide(L)'
;ARRRRAEVRQLQPDLVYGDVLVTAFINKIMRDGKKNLAARIFYDACKIIQEKTGQEPLKVFKQAVENVKPRMEVRSRRVG
GANYQVPMEVSPRRQQSLALRWLVQAANQRPERRAAVRIAHELMDAAEGKGGAVKKKEDVERMAEANRAYAHYRW
;
G
8 'polypeptide(L)'
;MLTDPIADMLTRIRNATRVYKESTDVPASRFKEEILRILAREGFIKGYERVDVDGKPYLRVYLKYGPRRQGPDPRPEQVI
HHIRRISKPGRRVYVGVKEIPRVRRGLGIAILSTSKGVLTDREARKLGVGGELICEVW
;
H
9 'polypeptide(L)'
;EQYYGTGRRKEAVARVFLRPGNGKVTVNGQDFNEYFQGLVRAVAALEPLRAVDALGRFDAYITVRGGGKSGQIDAIKLGI
ARALVQYNPDYRAKLKPLGFLTRDARVVERKKYGKHKARRAPQYSKR
;
I
10 'polypeptide(L)'
;KIRIKLRGFDHKTLDASAQKIVEAARRSGAQVSGPIPLPTRVRRFTVIRGPFKHKDSREHFELRTHNRLVDIINPNRKTI
EQLMTLDLPTGVEIEIKT
;
J
11 'polypeptide(L)'
;KRQVASGRAYIHASYNNTIVTITDPDGNPITWSSGGVIGYKGSRKGTPYAAQLAALDAAKKAMAYGMQSVDVIVRGTGAG
REQAIRALQASGLQVKSIVDDTPVPHNGCRPKKKFRKAS
;
K
12 'polypeptide(L)'
;PTINQLVRKGREKVRKKSKVPALKGAPFRRGVCTVVRTVTPKKPNSALRKVAKVRLTSGYEVTAYIPGEGHNLQEHSVVL
IRGGRVKDLPGVRYHIVRGVYDAAGVKDRKKSRSKYGTKKPKEAA
;
L
13 'polypeptide(L)'
;ARIAGVEIPRNKRVDVALTYIYGIGKARAKEALEKTGINPATRVKDLTEAEVVRLREYVENTWKLEGELRAEVAANIKRL
MDIGCYRGLRHRRGLPVRGQRTRTNARTRKGPRKTVAGKK
;
M
14 'polypeptide(L)' ARKALIEKAKRTPKFKVRAYTRCVRCGRARSVYRFFGLCRICLRELAHKGQLPGVRKASW N
15 'polypeptide(L)'
;PITKEEKQKVIQEFARFPGDTGSTEVQVALLTLRINRLSEHLKVHKKDHHSHRGLLMMVGQRRRLLRYLQREDPERYRAL
IEKLGIRG
;
O
16 'polypeptide(L)'
;MVKIRLARFGSKHNPHYRIVVTDARRKRDGKYIEKIGYYDPRKTTPDWLKVDVERARYWLSVGAQPTDTARRLLRQAGVF
RQE
;
P
17 'polypeptide(L)'
;PKKVLTGVVVSDKMQKTVTVLVERQFPHPLYGKVIKRSKKYLAHDPEEKYKLGDVVEIIESRPISKRKRFRVLRLVESGR
MDLVEKYLIRRQNYESLSK
;
Q
18 'polypeptide(L)' KAKVKATLGEFDLRDYRNVEVLKRFLSETGKILPRRRTGLSAKEQRILAKTIKRARILGLLPFTEKLVRK R
19 'polypeptide(L)' SLKKGVFVDDHLLEKVLELNAKGEKRLIKTWSRRSTIVPEMVGHTIAVYNGKQHVPVYITENMVGHKLGEFAPTRTYR S
20 'polypeptide(L)'
;RNLSALKRHRQSLKRRLRNKAKKSAIKTLSKKAIQLAQEGKAEEALKIMRKAESLIDKAAKGSTLHKNAAARRKSRLMRK
VRQLLEAAGAPLIGGGLSA
;
T
21 'polypeptide(L)' GKGDRRTRRGKIWRGTYGKYRPRK U
22 'polyribonucleotide' CUUUCU X
#
# COMPACT_ATOMS: atom_id res chain seq x y z
N VAL B 1 -48.78 -13.57 -38.54
CA VAL B 1 -49.44 -12.23 -38.40
C VAL B 1 -48.86 -11.51 -37.16
N LYS B 2 -47.66 -10.95 -37.32
CA LYS B 2 -47.07 -10.09 -36.31
C LYS B 2 -47.63 -8.69 -36.69
N GLU B 3 -46.80 -7.75 -37.12
CA GLU B 3 -47.27 -6.60 -37.93
C GLU B 3 -47.98 -5.42 -37.15
N LEU B 4 -49.31 -5.50 -37.05
CA LEU B 4 -50.09 -4.48 -36.36
C LEU B 4 -50.36 -4.96 -34.94
N LEU B 5 -50.05 -6.23 -34.70
CA LEU B 5 -50.16 -6.82 -33.38
C LEU B 5 -49.04 -6.25 -32.53
N GLU B 6 -48.01 -5.74 -33.19
CA GLU B 6 -47.00 -4.95 -32.51
C GLU B 6 -47.64 -3.64 -32.04
N ALA B 7 -48.22 -2.83 -32.93
CA ALA B 7 -48.93 -1.62 -32.46
C ALA B 7 -49.92 -1.95 -31.32
N GLY B 8 -50.43 -3.20 -31.30
CA GLY B 8 -51.27 -3.76 -30.21
C GLY B 8 -51.24 -3.05 -28.86
N VAL B 9 -50.06 -2.99 -28.26
CA VAL B 9 -49.71 -2.12 -27.11
C VAL B 9 -48.22 -2.34 -26.76
N HIS B 10 -47.34 -2.15 -27.75
CA HIS B 10 -45.97 -2.72 -27.72
C HIS B 10 -44.85 -1.94 -28.48
N PHE B 11 -45.24 -0.87 -29.19
CA PHE B 11 -44.34 0.09 -29.87
C PHE B 11 -43.38 0.82 -28.91
N GLY B 12 -43.40 2.16 -28.97
CA GLY B 12 -42.75 3.10 -28.03
C GLY B 12 -42.52 2.78 -26.55
N HIS B 13 -41.46 3.38 -25.99
CA HIS B 13 -41.15 3.26 -24.55
C HIS B 13 -40.63 4.60 -23.94
N GLU B 14 -39.53 4.60 -23.19
CA GLU B 14 -39.13 5.69 -22.26
C GLU B 14 -38.82 7.05 -22.90
N ARG B 15 -38.31 8.01 -22.12
CA ARG B 15 -38.20 9.40 -22.58
C ARG B 15 -37.11 10.22 -21.88
N LYS B 16 -36.20 10.82 -22.66
CA LYS B 16 -35.07 11.67 -22.16
C LYS B 16 -34.20 10.96 -21.12
N ARG B 17 -34.33 9.63 -21.11
CA ARG B 17 -33.58 8.70 -20.27
C ARG B 17 -32.78 7.78 -21.24
N TRP B 18 -32.69 8.21 -22.50
CA TRP B 18 -32.23 7.40 -23.65
C TRP B 18 -30.73 7.28 -23.79
N ASN B 19 -30.32 6.33 -24.64
CA ASN B 19 -28.94 6.21 -25.12
C ASN B 19 -28.96 6.64 -26.57
N PRO B 20 -28.09 7.57 -26.94
CA PRO B 20 -28.30 8.18 -28.26
C PRO B 20 -27.81 7.31 -29.41
N LYS B 21 -27.17 6.18 -29.05
CA LYS B 21 -26.79 5.14 -29.97
C LYS B 21 -28.03 4.31 -30.36
N PHE B 22 -29.15 4.54 -29.68
CA PHE B 22 -30.39 3.88 -30.04
C PHE B 22 -31.23 4.79 -30.96
N ALA B 23 -30.61 5.84 -31.49
CA ALA B 23 -31.35 6.85 -32.27
C ALA B 23 -31.89 6.32 -33.61
N ARG B 24 -31.16 5.40 -34.25
CA ARG B 24 -31.56 4.88 -35.56
C ARG B 24 -32.93 4.19 -35.48
N TYR B 25 -33.14 3.40 -34.43
CA TYR B 25 -34.40 2.71 -34.24
C TYR B 25 -35.56 3.59 -33.74
N ILE B 26 -35.45 4.91 -33.79
CA ILE B 26 -36.56 5.73 -33.29
C ILE B 26 -37.27 6.52 -34.38
N TYR B 27 -38.59 6.47 -34.29
CA TYR B 27 -39.46 7.02 -35.29
C TYR B 27 -39.74 8.48 -34.95
N ALA B 28 -40.10 8.74 -33.69
CA ALA B 28 -40.25 10.12 -33.20
C ALA B 28 -40.41 10.25 -31.67
N GLU B 29 -40.41 11.51 -31.23
CA GLU B 29 -40.77 11.90 -29.87
C GLU B 29 -42.14 12.57 -29.89
N ARG B 30 -43.18 11.76 -30.08
CA ARG B 30 -44.55 12.23 -29.95
C ARG B 30 -44.87 12.31 -28.48
N ASN B 31 -45.34 13.48 -28.04
CA ASN B 31 -45.90 13.65 -26.70
C ASN B 31 -44.83 13.55 -25.62
N GLY B 32 -43.59 13.88 -25.99
CA GLY B 32 -42.45 13.79 -25.09
C GLY B 32 -41.96 12.38 -24.75
N ILE B 33 -42.48 11.38 -25.45
CA ILE B 33 -42.06 10.01 -25.24
C ILE B 33 -41.31 9.60 -26.53
N HIS B 34 -40.38 8.66 -26.42
CA HIS B 34 -39.68 8.14 -27.62
C HIS B 34 -40.46 6.95 -28.17
N ILE B 35 -41.15 7.18 -29.28
CA ILE B 35 -41.87 6.09 -29.93
C ILE B 35 -40.92 5.37 -30.87
N ILE B 36 -40.75 4.09 -30.61
CA ILE B 36 -39.74 3.34 -31.29
C ILE B 36 -40.37 2.85 -32.57
N ASP B 37 -39.55 2.76 -33.62
CA ASP B 37 -40.01 2.47 -34.98
C ASP B 37 -40.46 1.03 -35.05
N LEU B 38 -41.76 0.90 -34.77
CA LEU B 38 -42.64 -0.18 -35.22
C LEU B 38 -41.96 -1.11 -36.25
N GLN B 39 -41.87 -0.64 -37.49
CA GLN B 39 -41.50 -1.48 -38.62
C GLN B 39 -40.04 -1.96 -38.60
N LYS B 40 -39.13 -1.16 -38.02
CA LYS B 40 -37.71 -1.58 -37.88
C LYS B 40 -37.57 -2.73 -36.90
N THR B 41 -38.51 -2.79 -35.96
CA THR B 41 -38.63 -3.95 -35.11
C THR B 41 -38.87 -5.21 -35.95
N MET B 42 -39.74 -5.10 -36.95
CA MET B 42 -40.02 -6.22 -37.86
C MET B 42 -38.80 -6.66 -38.65
N GLU B 43 -38.01 -5.69 -39.13
CA GLU B 43 -36.78 -6.00 -39.89
C GLU B 43 -35.76 -6.68 -38.97
N GLU B 44 -35.69 -6.23 -37.73
CA GLU B 44 -34.85 -6.88 -36.72
C GLU B 44 -35.41 -8.23 -36.25
N LEU B 45 -36.73 -8.34 -36.24
CA LEU B 45 -37.41 -9.57 -35.83
C LEU B 45 -37.06 -10.79 -36.66
N GLU B 46 -37.17 -10.67 -37.98
CA GLU B 46 -36.99 -11.84 -38.82
C GLU B 46 -35.54 -12.32 -38.66
N ARG B 47 -34.60 -11.38 -38.79
CA ARG B 47 -33.16 -11.65 -38.70
C ARG B 47 -32.87 -12.39 -37.39
N THR B 48 -33.52 -11.95 -36.31
CA THR B 48 -33.31 -12.55 -35.00
C THR B 48 -33.93 -13.92 -34.97
N PHE B 49 -35.22 -13.98 -35.23
CA PHE B 49 -35.93 -15.26 -35.23
C PHE B 49 -35.19 -16.28 -36.06
N ARG B 50 -34.69 -15.85 -37.22
CA ARG B 50 -33.95 -16.71 -38.15
C ARG B 50 -32.72 -17.33 -37.49
N PHE B 51 -32.00 -16.52 -36.73
CA PHE B 51 -30.89 -17.01 -35.91
C PHE B 51 -31.40 -18.03 -34.85
N ILE B 52 -32.59 -17.76 -34.28
CA ILE B 52 -33.16 -18.67 -33.27
C ILE B 52 -33.62 -19.97 -33.92
N GLU B 53 -34.36 -19.82 -35.03
CA GLU B 53 -34.77 -20.95 -35.86
C GLU B 53 -33.57 -21.84 -36.08
N ASP B 54 -32.51 -21.26 -36.64
CA ASP B 54 -31.33 -22.05 -36.90
C ASP B 54 -30.80 -22.68 -35.60
N LEU B 55 -30.66 -21.86 -34.57
CA LEU B 55 -30.11 -22.31 -33.28
C LEU B 55 -30.99 -23.39 -32.67
N ALA B 56 -32.29 -23.23 -32.84
CA ALA B 56 -33.27 -24.15 -32.24
C ALA B 56 -33.14 -25.54 -32.83
N MET B 57 -33.22 -25.62 -34.17
CA MET B 57 -33.22 -26.87 -34.92
C MET B 57 -31.87 -27.57 -34.82
N ARG B 58 -30.79 -26.80 -34.68
CA ARG B 58 -29.48 -27.39 -34.43
C ARG B 58 -29.38 -28.04 -33.04
N GLY B 59 -30.44 -27.91 -32.24
CA GLY B 59 -30.53 -28.56 -30.93
C GLY B 59 -29.73 -27.83 -29.89
N GLY B 60 -29.39 -26.56 -30.17
CA GLY B 60 -28.62 -25.71 -29.26
C GLY B 60 -29.46 -25.17 -28.13
N THR B 61 -28.93 -24.18 -27.41
CA THR B 61 -29.64 -23.65 -26.23
C THR B 61 -29.66 -22.14 -26.13
N ILE B 62 -30.82 -21.63 -25.77
CA ILE B 62 -30.93 -20.26 -25.37
C ILE B 62 -30.97 -20.21 -23.82
N LEU B 63 -30.32 -19.20 -23.26
CA LEU B 63 -30.47 -18.84 -21.85
C LEU B 63 -31.32 -17.57 -21.73
N PHE B 64 -32.47 -17.74 -21.10
CA PHE B 64 -33.39 -16.66 -20.91
C PHE B 64 -33.03 -15.95 -19.63
N VAL B 65 -32.89 -14.64 -19.70
CA VAL B 65 -32.56 -13.84 -18.51
C VAL B 65 -33.48 -12.62 -18.44
N GLY B 66 -34.31 -12.65 -17.40
CA GLY B 66 -35.18 -11.55 -17.04
C GLY B 66 -35.26 -11.53 -15.53
N THR B 67 -34.62 -10.53 -14.95
CA THR B 67 -34.66 -10.39 -13.52
C THR B 67 -35.45 -9.16 -13.13
N LYS B 68 -35.76 -8.28 -14.08
CA LYS B 68 -36.60 -7.14 -13.75
C LYS B 68 -37.96 -7.69 -13.43
N LYS B 69 -38.66 -7.04 -12.49
CA LYS B 69 -39.83 -7.64 -11.83
C LYS B 69 -41.04 -7.97 -12.76
N GLN B 70 -41.32 -7.13 -13.76
CA GLN B 70 -42.46 -7.40 -14.66
C GLN B 70 -42.21 -8.65 -15.51
N ALA B 71 -40.95 -8.99 -15.70
CA ALA B 71 -40.58 -10.15 -16.51
C ALA B 71 -40.32 -11.39 -15.68
N GLN B 72 -39.89 -11.20 -14.42
CA GLN B 72 -39.64 -12.31 -13.49
C GLN B 72 -40.34 -13.63 -13.87
N ASP B 73 -41.64 -13.56 -14.12
CA ASP B 73 -42.46 -14.77 -14.16
C ASP B 73 -42.78 -15.19 -15.56
N ILE B 74 -43.10 -14.24 -16.42
CA ILE B 74 -43.37 -14.58 -17.83
C ILE B 74 -42.14 -15.17 -18.55
N VAL B 75 -40.96 -14.94 -18.00
CA VAL B 75 -39.75 -15.61 -18.46
C VAL B 75 -39.76 -17.07 -18.06
N ARG B 76 -40.04 -17.38 -16.80
CA ARG B 76 -39.95 -18.80 -16.36
C ARG B 76 -41.09 -19.65 -16.95
N MET B 77 -42.13 -19.01 -17.49
CA MET B 77 -43.19 -19.74 -18.18
C MET B 77 -42.61 -20.21 -19.50
N GLU B 78 -42.26 -19.24 -20.35
CA GLU B 78 -41.86 -19.52 -21.73
C GLU B 78 -40.61 -20.36 -21.83
N ALA B 79 -39.73 -20.27 -20.84
CA ALA B 79 -38.47 -21.02 -20.83
C ALA B 79 -38.73 -22.48 -20.53
N GLU B 80 -39.72 -22.72 -19.67
CA GLU B 80 -40.09 -24.07 -19.27
C GLU B 80 -40.92 -24.67 -20.38
N ARG B 81 -41.72 -23.81 -21.00
CA ARG B 81 -42.51 -24.14 -22.18
C ARG B 81 -41.61 -24.27 -23.43
N ALA B 82 -40.28 -24.21 -23.23
CA ALA B 82 -39.30 -24.47 -24.29
C ALA B 82 -38.20 -25.42 -23.86
N GLY B 83 -38.31 -26.01 -22.66
CA GLY B 83 -37.24 -26.83 -22.09
C GLY B 83 -35.88 -26.13 -22.02
N MET B 84 -35.88 -24.80 -21.98
CA MET B 84 -34.63 -24.03 -21.96
C MET B 84 -34.33 -23.59 -20.52
N PRO B 85 -33.05 -23.28 -20.22
CA PRO B 85 -32.63 -22.60 -18.98
C PRO B 85 -33.06 -21.13 -18.93
N TYR B 86 -33.23 -20.64 -17.71
CA TYR B 86 -33.61 -19.26 -17.48
C TYR B 86 -32.95 -18.76 -16.21
N VAL B 87 -32.66 -17.47 -16.15
CA VAL B 87 -32.23 -16.84 -14.92
C VAL B 87 -33.18 -15.71 -14.55
N ASN B 88 -33.61 -15.76 -13.29
CA ASN B 88 -34.86 -15.15 -12.88
C ASN B 88 -34.79 -14.14 -11.75
N GLN B 89 -34.21 -14.58 -10.65
CA GLN B 89 -34.02 -13.73 -9.47
C GLN B 89 -32.83 -12.74 -9.58
N ARG B 90 -31.60 -13.24 -9.44
CA ARG B 90 -30.40 -12.42 -9.49
C ARG B 90 -29.45 -12.98 -10.55
N TRP B 91 -28.88 -12.15 -11.41
CA TRP B 91 -27.80 -12.63 -12.25
C TRP B 91 -26.59 -12.66 -11.36
N LEU B 92 -26.01 -13.84 -11.19
CA LEU B 92 -24.80 -13.95 -10.38
C LEU B 92 -23.51 -13.68 -11.16
N GLY B 93 -22.51 -13.19 -10.46
CA GLY B 93 -21.28 -12.87 -11.10
C GLY B 93 -20.61 -14.13 -11.58
N GLY B 94 -20.62 -14.30 -12.89
CA GLY B 94 -19.88 -15.40 -13.54
C GLY B 94 -20.68 -16.69 -13.67
N MET B 95 -22.00 -16.58 -13.75
CA MET B 95 -22.81 -17.72 -14.17
C MET B 95 -22.19 -18.30 -15.44
N LEU B 96 -21.83 -17.45 -16.39
CA LEU B 96 -21.12 -17.84 -17.60
C LEU B 96 -19.56 -17.85 -17.49
N THR B 97 -19.02 -16.75 -17.04
CA THR B 97 -17.60 -16.51 -17.05
C THR B 97 -16.89 -17.42 -16.07
N ASN B 98 -17.59 -17.74 -14.99
CA ASN B 98 -17.13 -18.67 -13.98
C ASN B 98 -18.09 -19.88 -13.85
N PHE B 99 -18.82 -20.17 -14.93
CA PHE B 99 -19.72 -21.31 -15.07
C PHE B 99 -19.25 -22.53 -14.30
N LYS B 100 -18.05 -23.03 -14.59
CA LYS B 100 -17.60 -24.26 -13.95
C LYS B 100 -17.92 -24.25 -12.46
N THR B 101 -17.62 -23.12 -11.84
CA THR B 101 -17.71 -22.96 -10.41
C THR B 101 -19.12 -22.79 -9.95
N ILE B 102 -19.83 -21.85 -10.56
CA ILE B 102 -21.25 -21.70 -10.27
C ILE B 102 -21.99 -23.02 -10.51
N SER B 103 -21.45 -23.88 -11.36
CA SER B 103 -22.07 -25.18 -11.65
C SER B 103 -22.02 -26.04 -10.41
N GLN B 104 -20.85 -26.18 -9.81
CA GLN B 104 -20.71 -26.88 -8.53
C GLN B 104 -21.83 -26.66 -7.52
N ARG B 105 -22.51 -25.52 -7.62
CA ARG B 105 -23.72 -25.27 -6.82
C ARG B 105 -24.96 -26.07 -7.29
N VAL B 106 -25.15 -26.19 -8.61
CA VAL B 106 -26.11 -27.14 -9.14
C VAL B 106 -25.76 -28.50 -8.56
N HIS B 107 -24.49 -28.90 -8.71
CA HIS B 107 -23.99 -30.16 -8.14
C HIS B 107 -24.42 -30.37 -6.68
N ARG B 108 -24.35 -29.31 -5.87
CA ARG B 108 -24.78 -29.36 -4.46
C ARG B 108 -26.28 -29.47 -4.31
N LEU B 109 -27.04 -28.89 -5.23
CA LEU B 109 -28.49 -28.82 -5.08
C LEU B 109 -29.08 -30.20 -5.08
N GLU B 110 -28.67 -30.97 -6.08
CA GLU B 110 -29.15 -32.32 -6.22
C GLU B 110 -28.49 -33.33 -5.26
N GLU B 111 -27.55 -32.91 -4.41
CA GLU B 111 -27.16 -33.70 -3.22
C GLU B 111 -28.19 -33.55 -2.12
N LEU B 112 -28.91 -32.43 -2.14
CA LEU B 112 -29.92 -32.09 -1.13
C LEU B 112 -31.33 -32.39 -1.62
N GLU B 113 -31.51 -32.34 -2.93
CA GLU B 113 -32.66 -32.94 -3.58
C GLU B 113 -32.69 -34.42 -3.13
N ALA B 114 -31.51 -35.03 -3.07
CA ALA B 114 -31.30 -36.43 -2.67
C ALA B 114 -31.38 -36.74 -1.16
N LEU B 115 -31.65 -35.73 -0.31
CA LEU B 115 -31.83 -35.98 1.12
C LEU B 115 -33.21 -35.52 1.64
N PHE B 116 -34.11 -35.12 0.75
CA PHE B 116 -35.51 -34.84 1.14
C PHE B 116 -36.29 -36.15 0.96
N ALA B 117 -36.27 -36.68 -0.25
CA ALA B 117 -36.75 -38.03 -0.51
C ALA B 117 -35.61 -38.99 -0.17
N SER B 118 -35.47 -39.32 1.11
CA SER B 118 -34.35 -40.13 1.60
C SER B 118 -34.61 -40.68 3.00
N PRO B 119 -33.89 -41.75 3.40
CA PRO B 119 -33.84 -42.20 4.80
C PRO B 119 -33.42 -41.12 5.84
N GLU B 120 -32.72 -40.07 5.40
CA GLU B 120 -32.25 -39.00 6.30
C GLU B 120 -33.16 -37.76 6.34
N ILE B 121 -34.40 -37.90 5.86
CA ILE B 121 -35.49 -36.95 6.19
C ILE B 121 -36.02 -37.24 7.60
N GLU B 122 -35.62 -38.39 8.16
CA GLU B 122 -35.87 -38.70 9.56
C GLU B 122 -34.70 -38.32 10.49
N GLU B 123 -33.45 -38.56 10.06
CA GLU B 123 -32.29 -38.27 10.92
C GLU B 123 -31.53 -36.99 10.51
N ARG B 124 -30.24 -36.91 10.85
CA ARG B 124 -29.41 -35.70 10.73
C ARG B 124 -29.49 -35.00 12.10
N PRO B 125 -28.35 -34.55 12.66
CA PRO B 125 -28.38 -33.75 13.88
C PRO B 125 -29.42 -32.64 13.85
N LYS B 126 -29.89 -32.25 15.04
CA LYS B 126 -30.94 -31.22 15.23
C LYS B 126 -30.82 -30.00 14.31
N LYS B 127 -29.69 -29.30 14.43
CA LYS B 127 -29.45 -28.02 13.77
C LYS B 127 -28.99 -28.18 12.32
N GLU B 128 -29.42 -29.26 11.66
CA GLU B 128 -29.05 -29.50 10.27
C GLU B 128 -30.24 -29.75 9.37
N GLN B 129 -31.44 -29.82 9.94
CA GLN B 129 -32.64 -29.91 9.13
C GLN B 129 -33.23 -28.50 8.97
N VAL B 130 -32.36 -27.52 9.22
CA VAL B 130 -32.59 -26.12 8.88
C VAL B 130 -31.35 -25.58 8.15
N ARG B 131 -30.20 -25.87 8.74
CA ARG B 131 -28.90 -25.52 8.18
C ARG B 131 -28.78 -26.06 6.75
N LEU B 132 -29.04 -27.36 6.57
CA LEU B 132 -29.03 -27.97 5.24
C LEU B 132 -30.26 -27.61 4.45
N LYS B 133 -31.43 -27.64 5.09
CA LYS B 133 -32.65 -27.43 4.33
C LYS B 133 -32.90 -25.97 3.97
N HIS B 134 -32.23 -25.02 4.64
CA HIS B 134 -32.34 -23.61 4.26
C HIS B 134 -31.35 -23.29 3.14
N GLU B 135 -30.23 -24.01 3.10
CA GLU B 135 -29.28 -23.95 1.98
C GLU B 135 -29.93 -24.37 0.65
N LEU B 136 -30.79 -25.39 0.72
CA LEU B 136 -31.55 -25.84 -0.45
C LEU B 136 -32.59 -24.81 -0.89
N GLU B 137 -32.98 -23.92 0.02
CA GLU B 137 -34.00 -22.92 -0.29
C GLU B 137 -33.41 -21.92 -1.25
N ARG B 138 -32.23 -21.40 -0.90
CA ARG B 138 -31.61 -20.37 -1.72
C ARG B 138 -31.23 -20.98 -3.09
N LEU B 139 -30.63 -22.18 -3.03
CA LEU B 139 -30.25 -22.89 -4.24
C LEU B 139 -31.46 -23.11 -5.08
N GLN B 140 -32.58 -23.48 -4.49
CA GLN B 140 -33.85 -23.48 -5.21
C GLN B 140 -34.19 -22.09 -5.78
N LYS B 141 -33.89 -21.02 -5.07
CA LYS B 141 -34.40 -19.69 -5.46
C LYS B 141 -33.69 -19.10 -6.68
N TYR B 142 -32.39 -19.26 -6.74
CA TYR B 142 -31.60 -18.66 -7.80
C TYR B 142 -31.34 -19.61 -8.97
N LEU B 143 -31.09 -20.88 -8.62
CA LEU B 143 -30.77 -21.94 -9.56
C LEU B 143 -31.97 -22.83 -9.89
N SER B 144 -33.10 -22.21 -10.17
CA SER B 144 -34.27 -22.95 -10.60
C SER B 144 -34.08 -23.31 -12.06
N GLY B 145 -33.90 -22.29 -12.90
CA GLY B 145 -33.81 -22.46 -14.36
C GLY B 145 -32.40 -22.64 -14.84
N PHE B 146 -31.48 -22.19 -14.02
CA PHE B 146 -30.13 -22.32 -14.37
C PHE B 146 -29.67 -23.76 -14.15
N ARG B 147 -30.48 -24.58 -13.49
CA ARG B 147 -30.04 -25.93 -13.19
C ARG B 147 -29.93 -26.75 -14.46
N LEU B 148 -30.57 -26.30 -15.55
CA LEU B 148 -30.62 -27.09 -16.79
C LEU B 148 -29.33 -27.13 -17.58
N LEU B 149 -28.86 -26.00 -18.09
CA LEU B 149 -27.64 -26.07 -18.90
C LEU B 149 -26.40 -26.36 -18.08
N LYS B 150 -25.66 -27.39 -18.54
CA LYS B 150 -24.41 -27.93 -17.96
C LYS B 150 -23.21 -27.91 -18.96
N ARG B 151 -23.37 -27.13 -20.02
CA ARG B 151 -22.24 -26.51 -20.72
C ARG B 151 -22.69 -25.07 -21.05
N LEU B 152 -21.78 -24.12 -21.24
CA LEU B 152 -22.25 -22.78 -21.65
C LEU B 152 -23.31 -22.80 -22.75
N PRO B 153 -24.30 -21.91 -22.72
CA PRO B 153 -25.26 -21.89 -23.84
C PRO B 153 -24.67 -21.39 -25.14
N ASP B 154 -25.50 -21.39 -26.16
CA ASP B 154 -25.07 -21.13 -27.50
C ASP B 154 -25.51 -19.76 -27.86
N ALA B 155 -26.41 -19.23 -27.03
CA ALA B 155 -26.93 -17.85 -27.13
C ALA B 155 -27.60 -17.50 -25.79
N ILE B 156 -27.91 -16.21 -25.60
CA ILE B 156 -28.69 -15.74 -24.45
C ILE B 156 -29.73 -14.73 -24.93
N PHE B 157 -30.93 -14.85 -24.36
CA PHE B 157 -32.02 -13.96 -24.68
C PHE B 157 -32.24 -13.13 -23.45
N VAL B 158 -32.04 -11.82 -23.61
CA VAL B 158 -32.03 -10.90 -22.52
C VAL B 158 -33.16 -9.94 -22.70
N VAL B 159 -33.81 -9.61 -21.59
CA VAL B 159 -34.96 -8.71 -21.62
C VAL B 159 -34.60 -7.24 -21.56
N ASP B 160 -33.74 -6.86 -20.64
CA ASP B 160 -33.30 -5.47 -20.60
C ASP B 160 -31.82 -5.53 -20.43
N PRO B 161 -31.08 -5.27 -21.52
CA PRO B 161 -29.65 -5.53 -21.47
C PRO B 161 -28.90 -4.53 -20.59
N THR B 162 -29.52 -3.35 -20.36
CA THR B 162 -28.99 -2.38 -19.40
C THR B 162 -29.24 -2.87 -17.99
N LYS B 163 -30.43 -3.37 -17.73
CA LYS B 163 -30.69 -3.91 -16.40
C LYS B 163 -29.77 -5.10 -16.19
N GLU B 164 -29.57 -5.84 -17.28
CA GLU B 164 -28.92 -7.14 -17.24
C GLU B 164 -27.49 -7.09 -17.80
N ALA B 165 -26.84 -5.95 -17.62
CA ALA B 165 -25.56 -5.61 -18.22
C ALA B 165 -24.39 -6.56 -17.87
N ILE B 166 -24.30 -6.93 -16.60
CA ILE B 166 -23.30 -7.94 -16.14
C ILE B 166 -23.37 -9.24 -16.95
N ALA B 167 -24.57 -9.56 -17.43
CA ALA B 167 -24.83 -10.81 -18.14
C ALA B 167 -24.29 -10.68 -19.56
N VAL B 168 -24.83 -9.72 -20.31
CA VAL B 168 -24.30 -9.33 -21.60
C VAL B 168 -22.75 -9.25 -21.59
N ARG B 169 -22.17 -8.41 -20.75
CA ARG B 169 -20.71 -8.42 -20.56
C ARG B 169 -20.14 -9.84 -20.73
N GLU B 170 -20.53 -10.76 -19.84
CA GLU B 170 -19.96 -12.14 -19.82
C GLU B 170 -20.16 -12.89 -21.12
N ALA B 171 -21.32 -12.68 -21.73
CA ALA B 171 -21.66 -13.37 -22.96
C ALA B 171 -20.57 -12.98 -23.95
N ARG B 172 -20.54 -11.71 -24.29
CA ARG B 172 -19.61 -11.14 -25.24
C ARG B 172 -18.16 -11.52 -24.94
N LYS B 173 -17.83 -11.53 -23.65
CA LYS B 173 -16.51 -11.89 -23.21
C LYS B 173 -16.19 -13.28 -23.70
N LEU B 174 -17.20 -14.16 -23.63
CA LEU B 174 -17.07 -15.54 -24.06
C LEU B 174 -17.48 -15.82 -25.51
N PHE B 175 -17.88 -14.78 -26.25
CA PHE B 175 -18.33 -14.93 -27.64
C PHE B 175 -19.61 -15.73 -27.74
N ILE B 176 -20.46 -15.63 -26.73
CA ILE B 176 -21.81 -16.14 -26.82
C ILE B 176 -22.67 -15.02 -27.38
N PRO B 177 -23.43 -15.31 -28.43
CA PRO B 177 -24.19 -14.21 -28.99
C PRO B 177 -25.30 -13.75 -28.08
N VAL B 178 -25.74 -12.52 -28.32
CA VAL B 178 -26.66 -11.88 -27.44
C VAL B 178 -27.91 -11.47 -28.23
N ILE B 179 -29.01 -12.17 -27.94
CA ILE B 179 -30.32 -11.75 -28.40
C ILE B 179 -30.89 -10.88 -27.32
N ALA B 180 -31.54 -9.79 -27.70
CA ALA B 180 -32.22 -9.03 -26.69
C ALA B 180 -33.41 -8.23 -27.15
N LEU B 181 -34.43 -8.21 -26.30
CA LEU B 181 -35.51 -7.26 -26.39
C LEU B 181 -34.95 -6.08 -25.68
N ALA B 182 -34.79 -4.98 -26.39
CA ALA B 182 -34.19 -3.79 -25.82
C ALA B 182 -34.99 -2.58 -26.24
N ASP B 183 -34.70 -1.45 -25.61
CA ASP B 183 -35.42 -0.24 -25.90
C ASP B 183 -34.50 0.93 -25.65
N THR B 184 -35.05 2.13 -25.70
CA THR B 184 -34.28 3.37 -25.68
C THR B 184 -33.24 3.47 -24.53
N ASP B 185 -33.53 2.83 -23.40
CA ASP B 185 -32.56 2.46 -22.34
C ASP B 185 -31.14 2.18 -22.83
N SER B 186 -31.02 1.32 -23.84
CA SER B 186 -29.83 0.50 -23.99
C SER B 186 -28.97 0.86 -25.18
N ASP B 187 -27.72 0.38 -25.10
CA ASP B 187 -26.74 0.53 -26.17
C ASP B 187 -26.97 -0.69 -27.04
N PRO B 188 -27.45 -0.46 -28.27
CA PRO B 188 -27.70 -1.55 -29.21
C PRO B 188 -26.42 -2.26 -29.70
N ASP B 189 -25.37 -1.50 -29.93
CA ASP B 189 -24.17 -2.00 -30.55
C ASP B 189 -23.63 -3.27 -29.93
N LEU B 190 -23.88 -3.51 -28.64
CA LEU B 190 -23.40 -4.78 -28.04
C LEU B 190 -24.48 -5.83 -27.81
N VAL B 191 -25.58 -5.67 -28.54
CA VAL B 191 -26.53 -6.73 -28.77
C VAL B 191 -26.35 -7.22 -30.21
N ASP B 192 -26.10 -8.51 -30.36
CA ASP B 192 -25.91 -9.12 -31.68
C ASP B 192 -27.25 -9.14 -32.44
N TYR B 193 -28.23 -9.83 -31.85
CA TYR B 193 -29.62 -9.90 -32.38
C TYR B 193 -30.59 -9.19 -31.42
N ILE B 194 -31.11 -8.08 -31.91
CA ILE B 194 -31.76 -7.05 -31.10
C ILE B 194 -33.17 -7.19 -31.50
N ILE B 195 -34.09 -7.00 -30.56
CA ILE B 195 -35.47 -6.79 -30.96
C ILE B 195 -35.85 -5.48 -30.32
N PRO B 196 -35.84 -4.41 -31.12
CA PRO B 196 -36.21 -3.09 -30.67
C PRO B 196 -37.65 -3.11 -30.25
N GLY B 197 -37.89 -3.04 -28.95
CA GLY B 197 -39.24 -3.03 -28.44
C GLY B 197 -39.41 -2.23 -27.18
N ASN B 198 -39.69 -2.95 -26.10
CA ASN B 198 -40.20 -2.39 -24.88
C ASN B 198 -39.91 -3.35 -23.76
N ASP B 199 -38.79 -3.13 -23.08
CA ASP B 199 -38.36 -3.97 -21.96
C ASP B 199 -39.33 -3.95 -20.73
N ASP B 200 -40.34 -3.06 -20.70
CA ASP B 200 -41.20 -2.86 -19.51
C ASP B 200 -42.58 -3.52 -19.54
N ALA B 201 -43.35 -3.23 -20.59
CA ALA B 201 -44.71 -3.77 -20.72
C ALA B 201 -44.75 -5.31 -20.67
N ILE B 202 -45.60 -5.82 -19.81
CA ILE B 202 -45.82 -7.26 -19.65
C ILE B 202 -46.44 -7.78 -20.95
N ARG B 203 -47.26 -6.94 -21.60
CA ARG B 203 -47.72 -7.20 -22.96
C ARG B 203 -46.57 -7.51 -23.94
N SER B 204 -45.59 -6.59 -24.02
CA SER B 204 -44.45 -6.65 -24.97
C SER B 204 -43.52 -7.80 -24.71
N ILE B 205 -43.06 -7.88 -23.48
CA ILE B 205 -42.28 -9.02 -23.07
C ILE B 205 -43.03 -10.28 -23.44
N GLN B 206 -44.34 -10.29 -23.24
CA GLN B 206 -45.13 -11.50 -23.50
C GLN B 206 -45.21 -11.79 -24.98
N LEU B 207 -45.80 -10.87 -25.74
CA LEU B 207 -45.92 -11.05 -27.19
C LEU B 207 -44.64 -11.68 -27.77
N ILE B 208 -43.49 -11.12 -27.42
CA ILE B 208 -42.23 -11.50 -28.04
C ILE B 208 -41.69 -12.80 -27.44
N LEU B 209 -41.48 -12.82 -26.14
CA LEU B 209 -40.94 -14.00 -25.47
C LEU B 209 -41.65 -15.30 -25.89
N SER B 210 -42.98 -15.26 -25.97
CA SER B 210 -43.78 -16.43 -26.33
C SER B 210 -43.56 -16.83 -27.77
N ARG B 211 -43.84 -15.91 -28.69
CA ARG B 211 -43.72 -16.23 -30.10
C ARG B 211 -42.33 -16.72 -30.44
N ALA B 212 -41.32 -16.29 -29.69
CA ALA B 212 -39.99 -16.80 -29.88
C ALA B 212 -39.88 -18.25 -29.39
N VAL B 213 -40.66 -18.59 -28.38
CA VAL B 213 -40.65 -19.95 -27.91
C VAL B 213 -41.56 -20.83 -28.80
N ASP B 214 -42.43 -20.22 -29.61
CA ASP B 214 -43.12 -20.95 -30.69
C ASP B 214 -42.04 -21.50 -31.61
N LEU B 215 -41.40 -20.61 -32.35
CA LEU B 215 -40.24 -20.98 -33.17
C LEU B 215 -39.35 -22.06 -32.52
N ILE B 216 -39.09 -21.97 -31.22
CA ILE B 216 -38.17 -22.91 -30.58
C ILE B 216 -38.70 -24.35 -30.58
N ILE B 217 -39.99 -24.50 -30.32
CA ILE B 217 -40.62 -25.83 -30.35
C ILE B 217 -40.94 -26.14 -31.80
N GLN B 218 -41.47 -25.14 -32.50
CA GLN B 218 -41.76 -25.22 -33.94
C GLN B 218 -40.50 -25.50 -34.82
N ALA B 219 -39.31 -25.50 -34.21
CA ALA B 219 -38.12 -26.06 -34.84
C ALA B 219 -37.79 -27.35 -34.07
N ARG B 220 -38.61 -28.37 -34.37
CA ARG B 220 -38.78 -29.61 -33.57
C ARG B 220 -40.22 -30.17 -33.72
N GLY B 221 -41.12 -29.39 -34.33
CA GLY B 221 -42.50 -29.77 -34.62
C GLY B 221 -43.44 -29.74 -33.41
N GLY B 222 -44.74 -29.53 -33.67
CA GLY B 222 -45.80 -29.80 -32.67
C GLY B 222 -46.01 -28.69 -31.66
N VAL B 223 -46.34 -27.50 -32.18
CA VAL B 223 -46.51 -26.29 -31.35
C VAL B 223 -47.64 -26.49 -30.32
N VAL B 224 -47.63 -25.70 -29.24
CA VAL B 224 -48.74 -25.70 -28.25
C VAL B 224 -49.52 -24.37 -28.30
N GLU B 225 -50.48 -24.21 -27.38
CA GLU B 225 -51.28 -22.98 -27.24
C GLU B 225 -50.43 -21.72 -27.08
N PRO B 226 -51.02 -20.52 -27.29
CA PRO B 226 -50.33 -19.28 -26.88
C PRO B 226 -49.97 -19.14 -25.36
N SER B 227 -49.88 -20.28 -24.65
CA SER B 227 -49.12 -20.42 -23.39
C SER B 227 -49.84 -19.97 -22.11
N PRO B 228 -49.51 -20.60 -20.96
CA PRO B 228 -49.87 -19.94 -19.70
C PRO B 228 -48.95 -18.72 -19.50
N SER B 229 -49.41 -17.55 -19.93
CA SER B 229 -48.59 -16.33 -19.90
C SER B 229 -49.46 -15.09 -19.66
N TYR B 230 -50.33 -15.17 -18.67
CA TYR B 230 -51.22 -14.08 -18.31
C TYR B 230 -51.42 -14.07 -16.80
N ALA B 231 -50.37 -13.67 -16.06
CA ALA B 231 -50.29 -13.76 -14.56
C ALA B 231 -51.65 -13.64 -13.82
N LEU B 232 -52.05 -12.41 -13.47
CA LEU B 232 -53.47 -12.03 -13.34
C LEU B 232 -53.60 -10.84 -14.28
N VAL B 233 -53.20 -11.06 -15.54
CA VAL B 233 -52.76 -9.98 -16.45
C VAL B 233 -53.74 -8.78 -16.43
N GLN B 234 -53.45 -7.85 -15.50
CA GLN B 234 -54.10 -6.53 -15.28
C GLN B 234 -54.02 -6.13 -13.79
N GLY C 1 3.67 -19.39 20.97
CA GLY C 1 3.63 -20.77 21.62
C GLY C 1 2.33 -21.36 22.21
N ASN C 2 1.37 -21.64 21.36
CA ASN C 2 0.00 -21.89 21.80
C ASN C 2 -0.29 -23.41 21.70
N LYS C 3 -1.55 -23.87 21.51
CA LYS C 3 -1.90 -25.21 20.83
C LYS C 3 -1.60 -26.65 21.42
N ILE C 4 -2.66 -27.39 21.85
CA ILE C 4 -2.42 -28.76 22.45
C ILE C 4 -2.24 -29.81 21.43
N HIS C 5 -1.48 -30.81 21.87
CA HIS C 5 -1.25 -32.03 21.16
C HIS C 5 -2.58 -32.68 20.76
N PRO C 6 -2.71 -33.07 19.50
CA PRO C 6 -4.06 -33.43 19.00
C PRO C 6 -4.51 -34.84 19.40
N ILE C 7 -3.52 -35.66 19.69
CA ILE C 7 -3.74 -36.98 20.22
C ILE C 7 -4.27 -36.80 21.61
N GLY C 8 -3.44 -36.21 22.49
CA GLY C 8 -3.79 -36.00 23.91
C GLY C 8 -5.14 -35.33 24.11
N PHE C 9 -5.48 -34.46 23.16
CA PHE C 9 -6.76 -33.80 23.15
C PHE C 9 -7.88 -34.81 22.89
N ARG C 10 -7.55 -35.93 22.28
CA ARG C 10 -8.57 -36.86 21.86
C ARG C 10 -8.60 -38.18 22.62
N LEU C 11 -7.60 -38.49 23.44
CA LEU C 11 -7.50 -39.85 24.02
C LEU C 11 -8.83 -40.54 24.42
N GLY C 12 -9.72 -39.84 25.07
CA GLY C 12 -10.97 -40.51 25.44
C GLY C 12 -11.86 -40.88 24.28
N ILE C 13 -11.59 -40.37 23.10
CA ILE C 13 -12.56 -40.47 22.03
C ILE C 13 -11.83 -40.19 20.73
N THR C 14 -12.11 -40.95 19.68
CA THR C 14 -11.45 -40.74 18.39
C THR C 14 -9.91 -40.86 18.44
N ARG C 15 -9.44 -41.72 19.33
CA ARG C 15 -8.03 -41.98 19.52
C ARG C 15 -7.94 -42.67 20.88
N ASP C 16 -7.34 -43.86 20.96
CA ASP C 16 -7.24 -44.62 22.22
C ASP C 16 -5.73 -44.81 22.49
N TRP C 17 -5.35 -45.48 23.57
CA TRP C 17 -3.96 -45.33 24.07
C TRP C 17 -2.92 -46.22 23.36
N GLU C 18 -1.64 -45.93 23.56
CA GLU C 18 -0.54 -46.78 23.06
C GLU C 18 -0.10 -47.76 24.13
N SER C 19 -0.92 -47.93 25.15
CA SER C 19 -0.57 -48.77 26.29
C SER C 19 -1.90 -49.00 27.04
N ARG C 20 -2.42 -50.23 26.99
CA ARG C 20 -3.74 -50.56 27.59
C ARG C 20 -3.57 -51.59 28.69
N TRP C 21 -2.77 -51.26 29.71
CA TRP C 21 -2.57 -52.13 30.85
C TRP C 21 -2.82 -51.45 32.19
N TYR C 22 -3.80 -51.97 32.94
CA TYR C 22 -4.03 -51.58 34.34
C TYR C 22 -2.83 -51.86 35.27
N ALA C 23 -2.73 -51.12 36.35
CA ALA C 23 -1.74 -51.39 37.38
C ALA C 23 -2.18 -50.72 38.66
N GLY C 24 -1.68 -51.25 39.76
CA GLY C 24 -1.85 -50.63 41.04
C GLY C 24 -0.78 -49.58 41.20
N LYS C 25 -0.95 -48.81 42.26
CA LYS C 25 -0.14 -47.64 42.52
C LYS C 25 1.30 -47.90 42.94
N LYS C 26 1.82 -49.11 42.69
CA LYS C 26 3.24 -49.42 42.98
C LYS C 26 3.90 -50.32 41.94
N GLN C 27 3.12 -50.82 40.99
CA GLN C 27 3.64 -51.49 39.81
C GLN C 27 3.75 -50.46 38.65
N TYR C 28 2.68 -49.68 38.45
CA TYR C 28 2.60 -48.66 37.37
C TYR C 28 3.96 -48.01 37.08
N ARG C 29 4.61 -47.53 38.12
CA ARG C 29 5.94 -46.94 37.99
C ARG C 29 6.91 -47.78 37.15
N HIS C 30 6.98 -49.10 37.41
CA HIS C 30 7.96 -49.98 36.73
C HIS C 30 7.46 -50.56 35.41
N LEU C 31 6.17 -50.93 35.39
CA LEU C 31 5.51 -51.30 34.15
C LEU C 31 5.52 -50.17 33.13
N LEU C 32 5.86 -48.96 33.56
CA LEU C 32 6.07 -47.86 32.66
C LEU C 32 7.49 -47.81 32.22
N LEU C 33 8.43 -47.72 33.16
CA LEU C 33 9.84 -47.60 32.77
C LEU C 33 10.19 -48.65 31.74
N GLU C 34 9.71 -49.87 31.95
CA GLU C 34 9.86 -50.96 30.98
C GLU C 34 9.21 -50.55 29.65
N ASP C 35 7.87 -50.50 29.66
CA ASP C 35 7.04 -49.94 28.58
C ASP C 35 7.76 -48.96 27.64
N GLN C 36 8.68 -48.19 28.21
CA GLN C 36 9.30 -47.08 27.52
C GLN C 36 10.61 -47.49 26.92
N ARG C 37 11.53 -48.04 27.73
CA ARG C 37 12.82 -48.54 27.23
C ARG C 37 12.63 -49.60 26.14
N ILE C 38 11.49 -50.31 26.22
CA ILE C 38 10.94 -51.04 25.07
C ILE C 38 10.92 -50.19 23.79
N ARG C 39 10.02 -49.21 23.71
CA ARG C 39 9.95 -48.34 22.53
C ARG C 39 11.31 -47.71 22.22
N GLY C 40 12.05 -47.34 23.25
CA GLY C 40 13.43 -46.85 23.08
C GLY C 40 14.31 -47.75 22.24
N LEU C 41 14.16 -49.06 22.44
CA LEU C 41 14.94 -50.07 21.71
C LEU C 41 14.31 -50.43 20.38
N LEU C 42 13.00 -50.62 20.38
CA LEU C 42 12.29 -50.98 19.16
C LEU C 42 12.49 -49.90 18.11
N GLU C 43 12.02 -48.71 18.43
CA GLU C 43 12.10 -47.59 17.50
C GLU C 43 13.52 -47.40 16.96
N LYS C 44 14.52 -47.54 17.83
CA LYS C 44 15.94 -47.36 17.42
C LYS C 44 16.41 -48.41 16.37
N GLU C 45 16.23 -49.69 16.69
CA GLU C 45 16.65 -50.76 15.77
C GLU C 45 15.40 -51.27 15.06
N LEU C 46 14.81 -50.41 14.22
CA LEU C 46 13.62 -50.78 13.42
C LEU C 46 13.08 -49.61 12.52
N TYR C 47 13.96 -48.63 12.29
CA TYR C 47 13.65 -47.42 11.54
C TYR C 47 13.33 -47.77 10.08
N SER C 48 14.18 -48.64 9.51
CA SER C 48 14.05 -49.19 8.15
C SER C 48 12.63 -49.63 7.82
N ALA C 49 12.06 -50.46 8.69
CA ALA C 49 10.71 -50.94 8.48
C ALA C 49 9.70 -49.81 8.40
N GLY C 50 9.95 -48.74 9.16
CA GLY C 50 9.03 -47.60 9.29
C GLY C 50 7.84 -47.90 10.20
N LEU C 51 8.04 -47.77 11.52
CA LEU C 51 6.97 -48.06 12.50
C LEU C 51 6.10 -46.85 12.90
N ALA C 52 4.79 -46.99 12.77
CA ALA C 52 3.84 -45.96 13.24
C ALA C 52 3.68 -46.09 14.75
N ARG C 53 2.65 -46.84 15.16
CA ARG C 53 2.33 -47.07 16.56
C ARG C 53 3.12 -48.28 17.13
N VAL C 54 3.37 -48.30 18.44
CA VAL C 54 4.02 -49.44 19.13
C VAL C 54 3.11 -49.92 20.25
N ASP C 55 1.87 -50.24 19.88
CA ASP C 55 0.83 -50.64 20.84
C ASP C 55 1.36 -51.66 21.87
N ILE C 56 0.83 -51.63 23.09
CA ILE C 56 1.21 -52.58 24.18
C ILE C 56 0.06 -52.95 25.13
N GLU C 57 -0.05 -54.23 25.50
CA GLU C 57 -1.00 -54.69 26.55
C GLU C 57 -0.32 -55.58 27.62
N ARG C 58 -0.97 -55.79 28.76
CA ARG C 58 -0.44 -56.72 29.77
C ARG C 58 -1.55 -57.47 30.47
N ALA C 59 -1.17 -58.61 31.10
CA ALA C 59 -2.04 -59.44 31.96
C ALA C 59 -1.26 -60.34 32.93
N ALA C 60 -0.21 -59.78 33.55
CA ALA C 60 0.65 -60.45 34.55
C ALA C 60 1.74 -61.36 33.93
N ASP C 61 2.93 -60.79 33.72
CA ASP C 61 4.13 -61.48 33.18
C ASP C 61 4.04 -61.95 31.71
N ASN C 62 3.11 -61.34 30.97
CA ASN C 62 3.04 -61.49 29.52
C ASN C 62 2.66 -60.14 28.90
N VAL C 63 3.17 -59.88 27.70
CA VAL C 63 3.11 -58.55 27.08
C VAL C 63 2.78 -58.65 25.58
N ALA C 64 1.85 -57.81 25.09
CA ALA C 64 1.32 -57.95 23.71
C ALA C 64 2.24 -57.36 22.62
N VAL C 65 2.53 -56.08 22.71
CA VAL C 65 3.53 -55.43 21.84
C VAL C 65 3.20 -55.49 20.34
N THR C 66 1.94 -55.23 20.00
CA THR C 66 1.46 -55.24 18.61
C THR C 66 2.00 -54.11 17.69
N VAL C 67 3.32 -54.10 17.45
CA VAL C 67 4.01 -53.18 16.49
C VAL C 67 3.40 -53.02 15.06
N HIS C 68 2.89 -51.83 14.71
CA HIS C 68 2.42 -51.53 13.34
C HIS C 68 3.51 -50.92 12.46
N VAL C 69 3.66 -51.48 11.25
CA VAL C 69 4.73 -51.11 10.30
C VAL C 69 4.22 -51.10 8.86
N ALA C 70 4.93 -50.36 8.01
CA ALA C 70 4.67 -50.34 6.58
C ALA C 70 5.24 -51.55 5.87
N LYS C 71 6.43 -51.97 6.29
CA LYS C 71 7.20 -53.08 5.66
C LYS C 71 7.40 -54.30 6.58
N PRO C 72 6.32 -55.09 6.80
CA PRO C 72 6.45 -56.23 7.70
C PRO C 72 7.69 -57.06 7.36
N GLY C 73 7.92 -57.29 6.07
CA GLY C 73 9.07 -58.07 5.59
C GLY C 73 10.37 -57.81 6.33
N VAL C 74 10.57 -56.57 6.76
CA VAL C 74 11.87 -56.14 7.30
C VAL C 74 12.03 -56.54 8.78
N VAL C 75 10.91 -56.73 9.48
CA VAL C 75 10.98 -57.09 10.91
C VAL C 75 11.13 -58.60 11.03
N ILE C 76 10.57 -59.31 10.06
CA ILE C 76 10.54 -60.75 10.09
C ILE C 76 11.92 -61.28 9.66
N GLY C 77 12.34 -60.94 8.43
CA GLY C 77 13.45 -61.62 7.74
C GLY C 77 12.86 -62.81 6.98
N ARG C 78 13.41 -63.15 5.81
CA ARG C 78 12.84 -64.24 4.96
C ARG C 78 12.66 -65.60 5.69
N GLY C 79 11.53 -65.76 6.38
CA GLY C 79 11.23 -66.99 7.14
C GLY C 79 10.79 -66.66 8.56
N GLY C 80 11.76 -66.29 9.39
CA GLY C 80 11.51 -65.75 10.75
C GLY C 80 12.77 -65.43 11.55
N GLU C 81 13.82 -65.01 10.85
CA GLU C 81 15.16 -64.93 11.45
C GLU C 81 15.39 -63.72 12.34
N ARG C 82 14.69 -62.63 12.06
CA ARG C 82 14.84 -61.37 12.81
C ARG C 82 13.84 -61.35 13.97
N ILE C 83 12.55 -61.57 13.67
CA ILE C 83 11.51 -61.66 14.71
C ILE C 83 11.89 -62.59 15.89
N ARG C 84 12.74 -63.57 15.64
CA ARG C 84 13.34 -64.38 16.71
C ARG C 84 14.34 -63.55 17.51
N VAL C 85 15.25 -62.87 16.82
CA VAL C 85 16.29 -62.09 17.48
C VAL C 85 15.64 -61.04 18.38
N LEU C 86 14.52 -60.47 17.95
CA LEU C 86 13.83 -59.42 18.71
C LEU C 86 13.12 -59.97 19.95
N ARG C 87 12.29 -61.00 19.81
CA ARG C 87 11.73 -61.70 20.99
C ARG C 87 12.80 -62.08 22.02
N GLU C 88 13.98 -62.43 21.53
CA GLU C 88 15.12 -62.78 22.36
C GLU C 88 15.72 -61.54 23.05
N GLU C 89 15.97 -60.47 22.28
CA GLU C 89 16.47 -59.18 22.84
C GLU C 89 15.55 -58.57 23.92
N LEU C 90 14.24 -58.76 23.73
CA LEU C 90 13.23 -58.16 24.60
C LEU C 90 13.28 -58.74 26.01
N ALA C 91 13.24 -60.07 26.11
CA ALA C 91 13.19 -60.71 27.42
C ALA C 91 14.47 -60.52 28.27
N LYS C 92 15.57 -60.08 27.67
CA LYS C 92 16.80 -59.80 28.42
C LYS C 92 16.65 -58.59 29.35
N LEU C 93 15.82 -57.62 28.96
CA LEU C 93 15.46 -56.48 29.83
C LEU C 93 14.09 -56.69 30.50
N THR C 94 13.11 -57.10 29.72
CA THR C 94 11.80 -57.45 30.23
C THR C 94 11.80 -58.84 30.84
N GLY C 95 12.01 -58.96 32.14
CA GLY C 95 12.09 -60.29 32.78
C GLY C 95 10.82 -61.14 32.70
N LYS C 96 10.08 -61.02 31.60
CA LYS C 96 8.73 -61.61 31.47
C LYS C 96 8.63 -62.20 30.09
N ASN C 97 7.54 -62.92 29.83
CA ASN C 97 7.43 -63.53 28.52
C ASN C 97 6.79 -62.62 27.49
N VAL C 98 7.69 -62.06 26.68
CA VAL C 98 7.37 -61.11 25.62
C VAL C 98 6.69 -61.77 24.41
N ALA C 99 5.37 -61.66 24.31
CA ALA C 99 4.69 -61.96 23.03
C ALA C 99 5.03 -60.84 22.04
N LEU C 100 4.40 -60.80 20.85
CA LEU C 100 4.82 -59.84 19.79
C LEU C 100 4.11 -59.99 18.43
N ASN C 101 2.91 -59.46 18.26
CA ASN C 101 2.32 -59.43 16.93
C ASN C 101 3.02 -58.42 16.00
N VAL C 102 2.74 -58.49 14.69
CA VAL C 102 3.23 -57.50 13.70
C VAL C 102 2.09 -57.19 12.73
N GLN C 103 1.97 -55.92 12.38
CA GLN C 103 0.89 -55.43 11.52
C GLN C 103 1.40 -54.59 10.36
N GLU C 104 0.70 -54.71 9.23
CA GLU C 104 0.96 -53.92 8.05
C GLU C 104 0.05 -52.71 8.19
N VAL C 105 0.61 -51.52 8.02
CA VAL C 105 -0.21 -50.33 7.83
C VAL C 105 -0.52 -50.33 6.35
N GLN C 106 -1.77 -50.63 6.02
CA GLN C 106 -2.12 -50.92 4.63
C GLN C 106 -1.75 -49.76 3.71
N ASN C 107 -2.04 -48.53 4.13
CA ASN C 107 -1.59 -47.35 3.42
C ASN C 107 -0.76 -46.44 4.31
N PRO C 108 0.56 -46.36 4.07
CA PRO C 108 1.49 -45.58 4.90
C PRO C 108 1.46 -44.08 4.64
N ASN C 109 0.80 -43.67 3.57
CA ASN C 109 0.65 -42.24 3.35
C ASN C 109 -0.50 -41.64 4.16
N LEU C 110 -1.18 -42.47 4.94
CA LEU C 110 -2.21 -42.02 5.88
C LEU C 110 -1.80 -42.28 7.32
N SER C 111 -0.55 -42.69 7.50
CA SER C 111 -0.01 -42.74 8.82
C SER C 111 0.90 -41.54 8.95
N ALA C 112 0.37 -40.54 9.65
CA ALA C 112 1.05 -39.29 9.97
C ALA C 112 2.52 -39.39 10.41
N PRO C 113 2.83 -40.31 11.35
CA PRO C 113 4.23 -40.38 11.79
C PRO C 113 5.12 -40.98 10.72
N LEU C 114 4.52 -41.60 9.69
CA LEU C 114 5.31 -42.10 8.58
C LEU C 114 5.60 -40.96 7.62
N VAL C 115 4.55 -40.21 7.33
CA VAL C 115 4.66 -39.02 6.53
C VAL C 115 5.68 -38.04 7.12
N ALA C 116 5.67 -37.87 8.44
CA ALA C 116 6.68 -37.02 9.07
C ALA C 116 8.06 -37.53 8.75
N GLN C 117 8.28 -38.80 9.12
CA GLN C 117 9.55 -39.52 8.93
C GLN C 117 10.09 -39.38 7.50
N ARG C 118 9.21 -39.66 6.54
CA ARG C 118 9.42 -39.47 5.09
C ARG C 118 10.09 -38.10 4.83
N VAL C 119 9.39 -37.04 5.22
CA VAL C 119 9.81 -35.66 5.01
C VAL C 119 11.08 -35.36 5.78
N ALA C 120 11.14 -35.82 7.01
CA ALA C 120 12.35 -35.68 7.79
C ALA C 120 13.52 -36.35 7.09
N GLU C 121 13.28 -37.55 6.53
CA GLU C 121 14.33 -38.31 5.82
C GLU C 121 14.87 -37.48 4.66
N GLN C 122 13.96 -37.03 3.80
CA GLN C 122 14.34 -36.13 2.70
C GLN C 122 15.21 -34.90 3.14
N ILE C 123 14.85 -34.29 4.27
CA ILE C 123 15.52 -33.07 4.69
C ILE C 123 16.96 -33.34 5.05
N GLU C 124 17.21 -34.48 5.70
CA GLU C 124 18.56 -34.85 6.06
C GLU C 124 19.41 -35.13 4.80
N ARG C 125 18.78 -35.56 3.71
CA ARG C 125 19.45 -35.71 2.41
C ARG C 125 19.27 -34.44 1.59
N ARG C 126 19.85 -33.34 2.08
CA ARG C 126 19.52 -31.95 1.65
C ARG C 126 18.49 -31.77 0.51
N PHE C 127 17.24 -32.18 0.73
CA PHE C 127 16.23 -32.05 -0.31
C PHE C 127 15.53 -30.68 -0.32
N ALA C 128 14.69 -30.45 -1.31
CA ALA C 128 13.99 -29.16 -1.46
C ALA C 128 12.96 -29.05 -0.38
N VAL C 129 13.33 -28.33 0.67
CA VAL C 129 12.56 -28.34 1.90
C VAL C 129 11.11 -27.96 1.67
N ARG C 130 10.85 -27.06 0.74
CA ARG C 130 9.51 -26.55 0.53
C ARG C 130 8.69 -27.45 -0.39
N ARG C 131 9.35 -28.10 -1.35
CA ARG C 131 8.63 -29.01 -2.24
C ARG C 131 8.33 -30.34 -1.54
N ALA C 132 9.19 -30.72 -0.60
CA ALA C 132 9.01 -31.97 0.15
C ALA C 132 7.65 -31.94 0.76
N ILE C 133 7.46 -30.87 1.54
CA ILE C 133 6.19 -30.49 2.14
C ILE C 133 5.09 -30.56 1.09
N LYS C 134 5.28 -29.82 0.00
CA LYS C 134 4.25 -29.73 -1.02
C LYS C 134 3.83 -31.13 -1.48
N GLN C 135 4.84 -31.93 -1.83
CA GLN C 135 4.63 -33.29 -2.33
C GLN C 135 3.95 -34.16 -1.29
N ALA C 136 4.57 -34.22 -0.11
CA ALA C 136 4.05 -35.02 1.00
C ALA C 136 2.55 -34.80 1.18
N VAL C 137 2.15 -33.55 1.27
CA VAL C 137 0.73 -33.26 1.43
C VAL C 137 -0.04 -33.88 0.28
N GLN C 138 0.45 -33.63 -0.94
CA GLN C 138 -0.19 -34.15 -2.13
C GLN C 138 -0.37 -35.66 -1.99
N ARG C 139 0.75 -36.37 -1.82
CA ARG C 139 0.73 -37.82 -1.63
C ARG C 139 -0.38 -38.21 -0.68
N VAL C 140 -0.45 -37.55 0.47
CA VAL C 140 -1.47 -37.85 1.48
C VAL C 140 -2.89 -37.55 1.00
N MET C 141 -3.05 -36.50 0.22
CA MET C 141 -4.37 -36.19 -0.28
C MET C 141 -4.71 -37.18 -1.35
N GLU C 142 -3.66 -37.61 -2.05
CA GLU C 142 -3.74 -38.51 -3.20
C GLU C 142 -4.22 -39.88 -2.76
N SER C 143 -3.68 -40.39 -1.66
CA SER C 143 -4.22 -41.61 -1.04
C SER C 143 -5.57 -41.41 -0.29
N GLY C 144 -6.41 -40.50 -0.80
CA GLY C 144 -7.81 -40.40 -0.41
C GLY C 144 -8.18 -39.71 0.90
N ALA C 145 -7.28 -38.91 1.50
CA ALA C 145 -7.59 -38.23 2.80
C ALA C 145 -8.59 -37.08 2.73
N LYS C 146 -9.07 -36.68 3.89
CA LYS C 146 -10.03 -35.58 4.00
C LYS C 146 -9.33 -34.24 4.16
N GLY C 147 -8.11 -34.28 4.65
CA GLY C 147 -7.22 -33.16 4.62
C GLY C 147 -5.86 -33.53 5.16
N ALA C 148 -4.89 -32.64 4.97
CA ALA C 148 -3.62 -32.86 5.59
C ALA C 148 -2.90 -31.54 5.78
N LYS C 149 -1.81 -31.57 6.54
CA LYS C 149 -1.01 -30.37 6.78
C LYS C 149 0.35 -30.78 7.30
N VAL C 150 1.40 -30.17 6.75
CA VAL C 150 2.73 -30.50 7.22
C VAL C 150 3.48 -29.24 7.56
N ILE C 151 4.30 -29.33 8.60
CA ILE C 151 5.02 -28.19 9.13
C ILE C 151 6.45 -28.56 9.35
N VAL C 152 7.34 -27.73 8.82
CA VAL C 152 8.72 -27.83 9.18
C VAL C 152 9.17 -26.53 9.81
N SER C 153 9.93 -26.69 10.88
CA SER C 153 10.54 -25.63 11.63
C SER C 153 11.57 -24.83 10.86
N GLY C 154 12.78 -24.70 11.43
CA GLY C 154 13.69 -23.65 11.03
C GLY C 154 15.14 -24.02 10.92
N ARG C 155 15.83 -23.18 10.14
CA ARG C 155 17.14 -23.40 9.53
C ARG C 155 16.91 -24.13 8.24
N ILE C 156 15.69 -23.96 7.72
CA ILE C 156 15.35 -24.42 6.40
C ILE C 156 16.54 -24.15 5.48
N GLY C 157 17.01 -25.24 4.87
CA GLY C 157 18.11 -25.24 3.93
C GLY C 157 19.38 -24.64 4.51
N GLY C 158 19.62 -24.90 5.78
CA GLY C 158 20.84 -24.41 6.42
C GLY C 158 20.98 -22.91 6.53
N ALA C 159 19.90 -22.19 6.21
CA ALA C 159 19.82 -20.72 6.34
C ALA C 159 20.20 -20.27 7.75
N GLU C 160 20.78 -19.07 7.88
CA GLU C 160 21.23 -18.63 9.20
C GLU C 160 20.04 -18.36 10.15
N GLN C 161 19.00 -17.70 9.67
CA GLN C 161 17.81 -17.38 10.48
C GLN C 161 16.77 -18.48 10.39
N ALA C 162 16.44 -19.10 11.51
CA ALA C 162 15.31 -20.01 11.62
C ALA C 162 13.99 -19.47 11.00
N ARG C 163 13.25 -20.33 10.30
CA ARG C 163 11.99 -19.94 9.66
C ARG C 163 11.02 -21.07 9.87
N THR C 164 9.85 -21.04 9.24
CA THR C 164 8.87 -22.13 9.38
C THR C 164 7.98 -22.30 8.15
N GLU C 165 8.15 -23.44 7.49
CA GLU C 165 7.41 -23.75 6.30
C GLU C 165 6.24 -24.62 6.66
N TRP C 166 5.10 -24.33 6.05
CA TRP C 166 3.94 -25.17 6.21
C TRP C 166 3.19 -25.26 4.90
N ALA C 167 2.33 -26.27 4.82
CA ALA C 167 1.43 -26.44 3.69
C ALA C 167 0.36 -27.41 4.11
N ALA C 168 -0.78 -27.33 3.44
CA ALA C 168 -1.94 -28.05 3.88
C ALA C 168 -2.95 -28.07 2.83
N GLN C 169 -3.87 -29.03 2.92
CA GLN C 169 -4.99 -29.13 1.99
C GLN C 169 -6.23 -29.72 2.67
N GLY C 170 -7.39 -29.50 2.04
CA GLY C 170 -8.67 -29.91 2.61
C GLY C 170 -8.91 -29.36 4.01
N ARG C 171 -9.53 -30.15 4.87
CA ARG C 171 -9.85 -29.74 6.23
C ARG C 171 -8.86 -30.35 7.18
N VAL C 172 -8.43 -29.57 8.16
CA VAL C 172 -7.75 -30.12 9.30
C VAL C 172 -8.28 -29.38 10.53
N PRO C 173 -9.51 -29.73 10.97
CA PRO C 173 -10.18 -29.02 12.06
C PRO C 173 -9.69 -29.41 13.47
N LEU C 174 -8.53 -28.90 13.84
CA LEU C 174 -7.92 -29.21 15.15
C LEU C 174 -8.79 -28.98 16.44
N HIS C 175 -9.92 -28.30 16.32
CA HIS C 175 -10.73 -27.99 17.48
C HIS C 175 -11.89 -28.98 17.63
N THR C 176 -12.22 -29.73 16.57
CA THR C 176 -13.26 -30.74 16.62
C THR C 176 -12.74 -32.00 17.30
N LEU C 177 -13.40 -32.44 18.37
CA LEU C 177 -12.98 -33.64 19.09
C LEU C 177 -13.22 -34.88 18.24
N ARG C 178 -14.41 -34.95 17.65
CA ARG C 178 -14.79 -36.04 16.74
C ARG C 178 -14.15 -35.94 15.33
N ALA C 179 -12.84 -35.69 15.26
CA ALA C 179 -12.21 -35.49 13.97
C ALA C 179 -11.43 -36.73 13.53
N ASN C 180 -10.59 -37.25 14.40
CA ASN C 180 -9.70 -38.35 14.03
C ASN C 180 -8.61 -37.77 13.16
N ILE C 181 -7.61 -37.25 13.83
CA ILE C 181 -6.56 -36.61 13.15
C ILE C 181 -5.28 -37.27 13.60
N ASP C 182 -4.81 -38.22 12.81
CA ASP C 182 -3.54 -38.79 13.13
C ASP C 182 -2.53 -37.64 13.06
N TYR C 183 -1.75 -37.51 14.11
CA TYR C 183 -0.71 -36.53 14.14
C TYR C 183 0.63 -37.29 14.17
N GLY C 184 1.71 -36.67 13.70
CA GLY C 184 3.00 -37.30 13.87
C GLY C 184 4.14 -36.33 13.83
N PHE C 185 5.22 -36.69 14.49
CA PHE C 185 6.36 -35.80 14.63
C PHE C 185 7.64 -36.53 14.34
N ALA C 186 8.48 -35.93 13.50
CA ALA C 186 9.79 -36.46 13.26
C ALA C 186 10.83 -35.39 13.53
N LEU C 187 11.99 -35.79 14.05
CA LEU C 187 13.22 -34.97 14.12
C LEU C 187 13.86 -34.73 12.78
N ALA C 188 15.10 -34.26 12.76
CA ALA C 188 15.86 -34.22 11.52
C ALA C 188 17.19 -33.65 11.85
N ARG C 189 18.08 -34.47 12.38
CA ARG C 189 19.34 -33.93 12.87
C ARG C 189 20.24 -33.67 11.64
N THR C 190 20.48 -32.42 11.31
CA THR C 190 21.31 -32.09 10.15
C THR C 190 22.68 -31.51 10.54
N THR C 191 23.50 -31.19 9.54
CA THR C 191 24.85 -30.66 9.75
C THR C 191 24.84 -29.29 10.46
N TYR C 192 23.70 -28.61 10.37
CA TYR C 192 23.51 -27.25 10.86
C TYR C 192 22.33 -27.19 11.89
N GLY C 193 22.08 -28.31 12.57
CA GLY C 193 21.11 -28.37 13.67
C GLY C 193 19.80 -29.07 13.33
N VAL C 194 18.94 -29.19 14.33
CA VAL C 194 17.64 -29.87 14.22
C VAL C 194 16.54 -29.05 13.52
N LEU C 195 15.72 -29.74 12.74
CA LEU C 195 14.50 -29.18 12.19
C LEU C 195 13.44 -30.07 12.75
N GLY C 196 12.19 -29.66 12.63
CA GLY C 196 11.11 -30.31 13.33
C GLY C 196 9.98 -30.52 12.36
N VAL C 197 9.50 -31.75 12.25
CA VAL C 197 8.49 -32.02 11.27
C VAL C 197 7.23 -32.51 11.90
N LYS C 198 6.15 -31.81 11.62
CA LYS C 198 4.89 -32.17 12.17
C LYS C 198 3.99 -32.51 11.01
N ALA C 199 3.04 -33.41 11.22
CA ALA C 199 2.16 -33.90 10.17
C ALA C 199 0.78 -34.26 10.70
N TYR C 200 -0.25 -33.83 9.96
CA TYR C 200 -1.62 -33.90 10.40
C TYR C 200 -2.42 -34.49 9.28
N ILE C 201 -3.19 -35.52 9.60
CA ILE C 201 -4.01 -36.15 8.59
C ILE C 201 -5.43 -36.29 9.08
N PHE C 202 -6.32 -35.61 8.40
CA PHE C 202 -7.71 -35.68 8.72
C PHE C 202 -8.32 -36.83 7.93
N LEU C 203 -9.15 -37.63 8.59
CA LEU C 203 -9.91 -38.74 7.98
C LEU C 203 -11.33 -38.72 8.54
N GLY C 204 -11.44 -38.89 9.86
CA GLY C 204 -12.65 -39.42 10.51
C GLY C 204 -13.80 -38.48 10.90
N GLU C 205 -14.67 -39.01 11.77
CA GLU C 205 -15.94 -38.36 12.18
C GLU C 205 -16.79 -39.24 13.16
N VAL C 206 -18.13 -39.19 13.01
CA VAL C 206 -19.08 -39.89 13.87
C VAL C 206 -18.66 -41.36 13.91
N GLY D 1 48.85 -16.33 -29.82
CA GLY D 1 48.64 -17.61 -30.55
C GLY D 1 47.38 -18.34 -30.12
N ARG D 2 46.72 -18.96 -31.10
CA ARG D 2 45.54 -19.83 -30.90
C ARG D 2 45.59 -20.65 -29.60
N TYR D 3 44.41 -21.10 -29.15
CA TYR D 3 44.20 -21.54 -27.76
C TYR D 3 45.38 -22.22 -27.02
N ILE D 4 45.77 -23.45 -27.42
CA ILE D 4 46.83 -24.23 -26.69
C ILE D 4 46.47 -24.53 -25.21
N GLY D 5 45.93 -25.72 -24.96
CA GLY D 5 45.48 -26.07 -23.62
C GLY D 5 44.41 -27.14 -23.74
N PRO D 6 43.95 -27.67 -22.59
CA PRO D 6 42.99 -28.77 -22.60
C PRO D 6 41.80 -28.54 -23.53
N VAL D 7 41.40 -29.61 -24.22
CA VAL D 7 40.45 -29.55 -25.32
C VAL D 7 39.19 -30.37 -25.00
N CYS D 8 39.21 -31.73 -25.13
CA CYS D 8 37.98 -32.58 -24.90
C CYS D 8 37.73 -32.40 -23.37
N ARG D 9 37.23 -31.16 -23.07
CA ARG D 9 37.17 -30.33 -21.78
C ARG D 9 36.29 -29.06 -21.99
N LEU D 10 36.19 -28.66 -23.25
CA LEU D 10 35.12 -27.85 -23.79
C LEU D 10 34.28 -28.81 -24.66
N CYS D 11 34.87 -29.91 -25.26
CA CYS D 11 34.08 -31.11 -25.74
C CYS D 11 32.99 -30.93 -24.61
N ARG D 12 33.40 -30.87 -23.32
CA ARG D 12 32.46 -30.71 -22.16
C ARG D 12 31.76 -29.36 -22.11
N ARG D 13 31.63 -28.73 -20.92
CA ARG D 13 31.17 -27.31 -20.79
C ARG D 13 30.18 -26.75 -21.83
N GLU D 14 30.57 -26.79 -23.09
CA GLU D 14 29.72 -26.30 -24.16
C GLU D 14 28.52 -27.21 -24.41
N GLY D 15 28.35 -28.26 -23.61
CA GLY D 15 27.22 -29.20 -23.72
C GLY D 15 27.47 -30.25 -24.80
N VAL D 16 27.41 -29.79 -26.05
CA VAL D 16 27.61 -30.60 -27.25
C VAL D 16 29.04 -31.16 -27.31
N LYS D 17 29.18 -32.28 -28.03
CA LYS D 17 30.48 -32.85 -28.44
C LYS D 17 31.12 -32.12 -29.64
N LEU D 18 32.19 -31.37 -29.34
CA LEU D 18 33.01 -30.68 -30.36
C LEU D 18 34.17 -31.58 -30.78
N TYR D 19 34.57 -31.47 -32.04
CA TYR D 19 35.53 -32.43 -32.58
C TYR D 19 36.87 -31.77 -32.74
N LEU D 20 37.54 -31.58 -31.61
CA LEU D 20 38.81 -30.84 -31.56
C LEU D 20 40.08 -31.71 -31.46
N LYS D 21 39.86 -33.02 -31.22
CA LYS D 21 40.88 -34.08 -31.25
C LYS D 21 40.70 -35.07 -32.42
N GLY D 22 39.56 -35.05 -33.09
CA GLY D 22 39.43 -35.88 -34.28
C GLY D 22 39.34 -37.39 -34.05
N GLU D 23 40.43 -38.08 -33.66
CA GLU D 23 40.44 -39.56 -33.61
C GLU D 23 39.76 -40.16 -32.37
N ARG D 24 40.03 -39.56 -31.22
CA ARG D 24 39.49 -40.00 -29.94
C ARG D 24 38.19 -39.25 -29.68
N CYS D 25 38.20 -37.89 -29.60
CA CYS D 25 36.96 -37.07 -29.56
C CYS D 25 36.22 -37.54 -30.81
N TYR D 26 35.69 -38.79 -30.70
CA TYR D 26 35.19 -39.72 -31.78
C TYR D 26 35.00 -41.24 -31.39
N SER D 27 35.31 -41.65 -30.14
CA SER D 27 35.45 -43.08 -29.79
C SER D 27 35.63 -43.34 -28.27
N PRO D 28 34.70 -44.11 -27.67
CA PRO D 28 34.38 -44.15 -26.24
C PRO D 28 35.06 -43.08 -25.38
N LYS D 29 34.81 -41.81 -25.75
CA LYS D 29 35.22 -40.53 -25.08
C LYS D 29 35.54 -39.35 -26.06
N CYS D 30 34.75 -38.27 -26.12
CA CYS D 30 35.38 -36.96 -26.39
C CYS D 30 35.77 -36.41 -25.01
N ALA D 31 36.12 -37.36 -24.12
CA ALA D 31 35.91 -37.31 -22.65
C ALA D 31 34.44 -37.17 -22.28
N MET D 32 33.63 -36.95 -23.30
CA MET D 32 32.28 -36.45 -23.18
C MET D 32 31.37 -37.64 -23.00
N GLU D 33 31.78 -38.77 -23.59
CA GLU D 33 31.00 -40.01 -23.47
C GLU D 33 31.15 -40.60 -22.05
N ARG D 34 32.19 -40.17 -21.32
CA ARG D 34 32.34 -40.50 -19.91
C ARG D 34 31.74 -39.46 -18.94
N ARG D 35 31.96 -38.17 -19.17
CA ARG D 35 31.50 -37.12 -18.24
C ARG D 35 30.85 -35.97 -18.99
N PRO D 36 29.52 -36.06 -19.22
CA PRO D 36 28.80 -35.05 -19.99
C PRO D 36 28.31 -33.86 -19.15
N TYR D 37 29.27 -33.18 -18.52
CA TYR D 37 28.97 -32.03 -17.69
C TYR D 37 30.17 -31.10 -17.61
N PRO D 38 29.92 -29.83 -17.26
CA PRO D 38 30.98 -28.84 -17.24
C PRO D 38 32.18 -29.25 -16.40
N PRO D 39 33.36 -28.72 -16.74
CA PRO D 39 34.58 -28.96 -15.97
C PRO D 39 34.48 -28.32 -14.61
N GLY D 40 35.36 -28.68 -13.69
CA GLY D 40 35.39 -28.04 -12.39
C GLY D 40 34.51 -28.60 -11.31
N GLN D 41 34.77 -28.11 -10.11
CA GLN D 41 34.17 -28.54 -8.87
C GLN D 41 32.68 -28.53 -8.88
N HIS D 42 32.07 -27.62 -9.64
CA HIS D 42 30.61 -27.49 -9.63
C HIS D 42 29.93 -28.27 -10.76
N GLY D 43 30.70 -28.77 -11.72
CA GLY D 43 30.16 -29.34 -12.96
C GLY D 43 28.85 -30.11 -12.87
N GLN D 44 28.71 -30.89 -11.80
CA GLN D 44 27.56 -31.77 -11.69
C GLN D 44 26.74 -31.29 -10.52
N LYS D 45 25.93 -30.29 -10.81
CA LYS D 45 25.02 -29.67 -9.86
C LYS D 45 23.98 -28.91 -10.65
N ARG D 46 22.79 -28.72 -10.08
CA ARG D 46 21.67 -28.19 -10.85
C ARG D 46 22.04 -26.85 -11.49
N ALA D 47 22.35 -26.92 -12.78
CA ALA D 47 22.62 -25.75 -13.62
C ALA D 47 21.52 -24.70 -13.49
N ARG D 48 21.91 -23.43 -13.43
CA ARG D 48 20.92 -22.39 -13.28
C ARG D 48 20.39 -21.88 -14.62
N ARG D 49 19.10 -21.57 -14.62
CA ARG D 49 18.47 -21.04 -15.80
C ARG D 49 19.43 -20.00 -16.41
N PRO D 50 19.85 -20.20 -17.67
CA PRO D 50 20.80 -19.28 -18.27
C PRO D 50 20.17 -18.00 -18.77
N SER D 51 20.83 -16.88 -18.47
CA SER D 51 20.47 -15.55 -18.99
C SER D 51 20.55 -15.47 -20.53
N ASP D 52 19.68 -14.69 -21.15
CA ASP D 52 19.75 -14.52 -22.61
C ASP D 52 21.20 -14.31 -23.11
N TYR D 53 21.98 -13.56 -22.35
CA TYR D 53 23.38 -13.30 -22.65
C TYR D 53 24.18 -14.61 -22.60
N ALA D 54 24.01 -15.36 -21.51
CA ALA D 54 24.78 -16.58 -21.30
C ALA D 54 24.61 -17.44 -22.53
N VAL D 55 23.37 -17.55 -22.98
CA VAL D 55 23.01 -18.39 -24.09
C VAL D 55 23.81 -17.98 -25.33
N ARG D 56 23.70 -16.69 -25.65
CA ARG D 56 24.24 -16.21 -26.89
C ARG D 56 25.74 -16.26 -26.81
N LEU D 57 26.25 -16.09 -25.60
CA LEU D 57 27.69 -16.17 -25.36
C LEU D 57 28.13 -17.57 -25.74
N ARG D 58 27.62 -18.53 -24.99
CA ARG D 58 27.89 -19.93 -25.23
C ARG D 58 27.85 -20.30 -26.73
N GLU D 59 26.81 -19.92 -27.45
CA GLU D 59 26.68 -20.41 -28.82
C GLU D 59 27.84 -19.92 -29.64
N LYS D 60 28.18 -18.66 -29.51
CA LYS D 60 29.37 -18.13 -30.16
C LYS D 60 30.65 -18.76 -29.62
N GLN D 61 30.77 -19.07 -28.35
CA GLN D 61 31.99 -19.77 -27.91
C GLN D 61 32.10 -21.14 -28.55
N LYS D 62 30.96 -21.80 -28.63
CA LYS D 62 30.89 -23.06 -29.31
C LYS D 62 31.49 -22.89 -30.72
N LEU D 63 30.84 -22.09 -31.55
CA LEU D 63 31.21 -21.94 -32.95
C LEU D 63 32.68 -21.58 -33.08
N ARG D 64 33.10 -20.60 -32.33
CA ARG D 64 34.51 -20.23 -32.33
C ARG D 64 35.45 -21.35 -31.92
N ARG D 65 35.15 -22.03 -30.83
CA ARG D 65 36.06 -23.07 -30.35
C ARG D 65 36.16 -24.21 -31.34
N ILE D 66 35.10 -24.46 -32.08
CA ILE D 66 35.13 -25.46 -33.14
C ILE D 66 36.22 -25.17 -34.14
N TYR D 67 36.28 -23.95 -34.64
CA TYR D 67 37.26 -23.62 -35.67
C TYR D 67 38.63 -23.27 -35.12
N GLY D 68 38.80 -23.25 -33.80
CA GLY D 68 40.12 -23.02 -33.18
C GLY D 68 40.73 -21.65 -33.40
N ILE D 69 39.89 -20.72 -33.77
CA ILE D 69 40.32 -19.42 -34.17
C ILE D 69 40.14 -18.54 -32.94
N SER D 70 40.87 -17.42 -32.92
CA SER D 70 40.87 -16.46 -31.78
C SER D 70 39.72 -15.46 -31.88
N GLU D 71 39.40 -14.82 -30.76
CA GLU D 71 38.30 -13.86 -30.76
C GLU D 71 38.47 -12.71 -31.76
N ARG D 72 39.70 -12.21 -31.90
CA ARG D 72 39.94 -11.05 -32.78
C ARG D 72 39.75 -11.43 -34.25
N GLN D 73 40.11 -12.66 -34.56
CA GLN D 73 40.11 -13.04 -35.94
C GLN D 73 38.69 -13.44 -36.28
N PHE D 74 38.05 -14.14 -35.34
CA PHE D 74 36.63 -14.53 -35.44
C PHE D 74 35.74 -13.31 -35.65
N ARG D 75 36.01 -12.29 -34.85
CA ARG D 75 35.24 -11.07 -34.84
C ARG D 75 35.34 -10.34 -36.14
N ASN D 76 36.52 -10.31 -36.72
CA ASN D 76 36.74 -9.53 -37.94
C ASN D 76 36.05 -10.24 -39.05
N LEU D 77 36.08 -11.56 -39.02
CA LEU D 77 35.35 -12.34 -39.99
C LEU D 77 33.87 -12.08 -39.92
N PHE D 78 33.36 -11.99 -38.70
CA PHE D 78 31.96 -11.73 -38.58
C PHE D 78 31.65 -10.37 -39.21
N GLU D 79 32.49 -9.38 -38.93
CA GLU D 79 32.21 -8.03 -39.39
C GLU D 79 32.30 -7.99 -40.89
N GLU D 80 33.16 -8.82 -41.46
CA GLU D 80 33.29 -8.90 -42.89
C GLU D 80 32.06 -9.50 -43.53
N ALA D 81 31.53 -10.52 -42.90
CA ALA D 81 30.32 -11.17 -43.39
C ALA D 81 29.13 -10.22 -43.32
N SER D 82 29.17 -9.32 -42.33
CA SER D 82 28.05 -8.41 -42.13
C SER D 82 27.96 -7.38 -43.24
N LYS D 83 29.11 -6.90 -43.74
CA LYS D 83 29.13 -5.89 -44.80
C LYS D 83 28.64 -6.52 -46.07
N LYS D 84 29.03 -7.78 -46.27
CA LYS D 84 28.80 -8.46 -47.53
C LYS D 84 27.30 -8.73 -47.77
N LYS D 85 26.96 -8.78 -49.06
CA LYS D 85 25.66 -9.21 -49.59
C LYS D 85 25.23 -10.54 -48.99
N GLY D 86 23.92 -10.69 -48.74
CA GLY D 86 23.33 -12.01 -48.45
C GLY D 86 23.39 -12.53 -47.02
N VAL D 87 22.62 -13.58 -46.74
CA VAL D 87 22.32 -13.98 -45.36
C VAL D 87 23.61 -14.05 -44.59
N THR D 88 23.70 -13.14 -43.65
CA THR D 88 24.97 -12.81 -43.04
C THR D 88 25.37 -13.97 -42.13
N GLY D 89 24.40 -14.78 -41.73
CA GLY D 89 24.71 -15.98 -40.95
C GLY D 89 25.54 -17.03 -41.68
N SER D 90 25.08 -17.39 -42.88
CA SER D 90 25.68 -18.44 -43.72
C SER D 90 27.01 -17.94 -44.19
N VAL D 91 27.00 -16.68 -44.66
CA VAL D 91 28.20 -16.06 -45.20
C VAL D 91 29.43 -16.21 -44.32
N PHE D 92 29.24 -15.87 -43.05
CA PHE D 92 30.20 -16.07 -42.01
C PHE D 92 30.70 -17.50 -42.03
N LEU D 93 29.76 -18.45 -42.01
CA LEU D 93 30.14 -19.86 -42.02
C LEU D 93 30.88 -20.18 -43.29
N GLY D 94 30.45 -19.55 -44.39
CA GLY D 94 31.14 -19.64 -45.69
C GLY D 94 32.61 -19.28 -45.53
N LEU D 95 32.83 -18.15 -44.87
CA LEU D 95 34.16 -17.63 -44.68
C LEU D 95 34.91 -18.49 -43.71
N LEU D 96 34.28 -18.88 -42.61
CA LEU D 96 34.97 -19.73 -41.64
C LEU D 96 35.44 -21.05 -42.24
N GLU D 97 34.66 -21.59 -43.18
CA GLU D 97 34.95 -22.86 -43.84
C GLU D 97 35.93 -22.71 -45.04
N SER D 98 36.16 -21.46 -45.45
CA SER D 98 37.14 -21.15 -46.47
C SER D 98 38.60 -21.03 -45.93
N ARG D 99 38.80 -21.20 -44.62
CA ARG D 99 40.16 -21.06 -44.08
C ARG D 99 40.91 -22.28 -44.54
N LEU D 100 42.11 -22.09 -45.07
CA LEU D 100 42.90 -23.22 -45.49
C LEU D 100 43.02 -24.26 -44.39
N ASP D 101 43.39 -23.84 -43.19
CA ASP D 101 43.50 -24.80 -42.09
C ASP D 101 42.27 -25.72 -41.98
N ASN D 102 41.09 -25.24 -42.38
CA ASN D 102 39.87 -25.99 -42.24
C ASN D 102 39.68 -26.91 -43.42
N VAL D 103 39.71 -26.32 -44.60
CA VAL D 103 39.68 -27.08 -45.83
C VAL D 103 40.59 -28.31 -45.76
N VAL D 104 41.84 -28.09 -45.41
CA VAL D 104 42.77 -29.18 -45.24
C VAL D 104 42.18 -30.27 -44.35
N TYR D 105 41.53 -29.88 -43.27
CA TYR D 105 40.90 -30.87 -42.39
C TYR D 105 39.62 -31.47 -42.98
N ARG D 106 38.80 -30.62 -43.58
CA ARG D 106 37.67 -31.09 -44.36
C ARG D 106 38.12 -32.05 -45.44
N LEU D 107 39.32 -31.88 -45.97
CA LEU D 107 39.80 -32.77 -47.04
C LEU D 107 40.45 -34.04 -46.55
N GLY D 108 40.42 -34.28 -45.24
CA GLY D 108 40.99 -35.50 -44.69
C GLY D 108 42.50 -35.51 -44.50
N PHE D 109 43.25 -34.57 -45.09
CA PHE D 109 44.74 -34.57 -45.00
C PHE D 109 45.19 -34.54 -43.55
N ALA D 110 44.37 -33.86 -42.73
CA ALA D 110 44.51 -33.96 -41.28
C ALA D 110 43.24 -34.46 -40.65
N VAL D 111 43.44 -35.12 -39.51
CA VAL D 111 42.37 -35.63 -38.69
C VAL D 111 41.71 -34.57 -37.77
N SER D 112 42.45 -33.52 -37.42
CA SER D 112 41.94 -32.42 -36.59
C SER D 112 42.22 -31.11 -37.29
N ARG D 113 41.38 -30.11 -37.03
CA ARG D 113 41.68 -28.73 -37.40
C ARG D 113 43.01 -28.28 -36.77
N ARG D 114 43.24 -28.64 -35.52
CA ARG D 114 44.43 -28.24 -34.81
C ARG D 114 45.61 -28.84 -35.54
N GLN D 115 45.56 -30.15 -35.78
CA GLN D 115 46.60 -30.86 -36.58
C GLN D 115 46.69 -30.34 -38.02
N ALA D 116 45.56 -29.99 -38.62
CA ALA D 116 45.57 -29.37 -39.95
C ALA D 116 46.33 -28.07 -39.91
N ARG D 117 46.24 -27.38 -38.78
CA ARG D 117 46.89 -26.09 -38.61
C ARG D 117 48.40 -26.26 -38.72
N GLN D 118 48.92 -27.17 -37.90
CA GLN D 118 50.31 -27.53 -37.94
C GLN D 118 50.78 -27.96 -39.33
N LEU D 119 49.94 -28.69 -40.07
CA LEU D 119 50.35 -29.12 -41.41
C LEU D 119 50.58 -27.92 -42.28
N VAL D 120 49.66 -26.97 -42.21
CA VAL D 120 49.68 -25.80 -43.08
C VAL D 120 50.88 -24.90 -42.74
N ARG D 121 51.09 -24.74 -41.43
CA ARG D 121 52.15 -23.93 -40.86
C ARG D 121 53.51 -24.44 -41.23
N HIS D 122 53.74 -25.73 -41.03
CA HIS D 122 55.03 -26.32 -41.33
C HIS D 122 55.21 -26.66 -42.81
N GLY D 123 54.53 -25.99 -43.73
CA GLY D 123 54.87 -26.08 -45.16
C GLY D 123 54.42 -27.33 -45.92
N HIS D 124 53.74 -28.24 -45.22
CA HIS D 124 53.29 -29.51 -45.80
C HIS D 124 52.16 -29.37 -46.80
N ILE D 125 51.62 -28.16 -46.95
CA ILE D 125 50.44 -27.92 -47.81
C ILE D 125 50.72 -26.91 -48.94
N THR D 126 50.01 -27.07 -50.04
CA THR D 126 50.20 -26.25 -51.21
C THR D 126 48.86 -25.93 -51.87
N VAL D 127 48.62 -24.65 -52.11
CA VAL D 127 47.45 -24.20 -52.84
C VAL D 127 47.81 -23.89 -54.28
N ASN D 128 47.18 -24.56 -55.22
CA ASN D 128 47.47 -24.33 -56.62
C ASN D 128 48.94 -24.45 -56.94
N GLY D 129 49.60 -25.47 -56.40
CA GLY D 129 51.00 -25.74 -56.71
C GLY D 129 51.91 -24.93 -55.81
N ARG D 130 51.82 -23.60 -55.87
CA ARG D 130 52.56 -22.74 -54.94
C ARG D 130 52.23 -23.16 -53.51
N ARG D 131 53.21 -23.17 -52.62
CA ARG D 131 52.92 -23.56 -51.26
C ARG D 131 52.63 -22.37 -50.36
N VAL D 132 51.94 -22.65 -49.26
CA VAL D 132 51.30 -21.63 -48.43
C VAL D 132 51.26 -22.06 -46.98
N ASP D 133 51.83 -21.27 -46.08
CA ASP D 133 51.92 -21.68 -44.66
C ASP D 133 51.02 -20.86 -43.72
N LEU D 134 50.00 -20.20 -44.28
CA LEU D 134 49.05 -19.38 -43.51
C LEU D 134 47.68 -20.04 -43.28
N PRO D 135 47.43 -20.54 -42.06
CA PRO D 135 46.17 -21.12 -41.61
C PRO D 135 44.94 -20.31 -41.93
N SER D 136 45.12 -18.99 -41.91
CA SER D 136 44.05 -18.06 -42.17
C SER D 136 43.77 -17.88 -43.64
N TYR D 137 44.60 -18.44 -44.52
CA TYR D 137 44.50 -18.08 -45.94
C TYR D 137 43.11 -18.41 -46.42
N ARG D 138 42.53 -17.47 -47.15
CA ARG D 138 41.20 -17.66 -47.73
C ARG D 138 41.23 -18.55 -48.98
N VAL D 139 40.79 -19.80 -48.84
CA VAL D 139 40.67 -20.64 -50.01
C VAL D 139 39.45 -20.17 -50.78
N ARG D 140 39.64 -19.85 -52.05
CA ARG D 140 38.54 -19.42 -52.91
C ARG D 140 38.18 -20.62 -53.75
N PRO D 141 37.10 -20.52 -54.53
CA PRO D 141 36.69 -21.70 -55.26
C PRO D 141 37.47 -21.82 -56.55
N GLY D 142 37.68 -23.06 -56.98
CA GLY D 142 38.60 -23.37 -58.06
C GLY D 142 39.92 -23.90 -57.52
N ASP D 143 40.29 -23.50 -56.32
CA ASP D 143 41.61 -23.75 -55.82
C ASP D 143 41.84 -25.22 -55.56
N GLU D 144 42.99 -25.72 -55.99
CA GLU D 144 43.41 -27.09 -55.71
C GLU D 144 44.23 -27.09 -54.44
N ILE D 145 43.87 -27.90 -53.45
CA ILE D 145 44.67 -27.97 -52.24
C ILE D 145 45.42 -29.30 -52.24
N ALA D 146 46.70 -29.24 -52.61
CA ALA D 146 47.55 -30.42 -52.64
C ALA D 146 48.26 -30.61 -51.30
N VAL D 147 48.94 -31.74 -51.17
CA VAL D 147 49.90 -32.02 -50.12
C VAL D 147 51.25 -31.81 -50.78
N ALA D 148 52.24 -31.40 -49.99
CA ALA D 148 53.58 -31.15 -50.50
C ALA D 148 54.30 -32.45 -50.86
N GLU D 149 54.53 -32.62 -52.17
CA GLU D 149 55.29 -33.76 -52.68
C GLU D 149 56.37 -34.16 -51.71
N LYS D 150 57.18 -33.21 -51.25
CA LYS D 150 58.26 -33.54 -50.29
C LYS D 150 57.71 -34.16 -49.01
N SER D 151 56.46 -33.85 -48.68
CA SER D 151 55.93 -34.22 -47.39
C SER D 151 55.20 -35.56 -47.45
N ARG D 152 54.86 -36.01 -48.66
CA ARG D 152 54.09 -37.26 -48.85
C ARG D 152 54.56 -38.51 -48.08
N ASN D 153 55.86 -38.73 -47.97
CA ASN D 153 56.38 -39.99 -47.35
C ASN D 153 56.01 -40.18 -45.88
N LEU D 154 55.57 -39.09 -45.24
CA LEU D 154 55.38 -39.02 -43.79
C LEU D 154 54.26 -39.94 -43.34
N GLU D 155 54.50 -40.67 -42.24
CA GLU D 155 53.57 -41.69 -41.72
C GLU D 155 52.18 -41.12 -41.61
N LEU D 156 52.16 -39.95 -40.97
CA LEU D 156 50.97 -39.19 -40.67
C LEU D 156 50.15 -38.85 -41.92
N ILE D 157 50.76 -38.26 -42.94
CA ILE D 157 50.00 -37.97 -44.16
C ILE D 157 49.49 -39.26 -44.80
N ARG D 158 50.31 -40.29 -44.75
CA ARG D 158 49.97 -41.60 -45.30
C ARG D 158 48.72 -42.14 -44.67
N GLN D 159 48.76 -42.31 -43.35
CA GLN D 159 47.63 -42.89 -42.63
C GLN D 159 46.36 -42.20 -43.01
N ASN D 160 46.38 -40.87 -42.89
CA ASN D 160 45.21 -40.02 -43.09
C ASN D 160 44.72 -40.09 -44.52
N LEU D 161 45.65 -40.09 -45.47
CA LEU D 161 45.24 -40.25 -46.84
C LEU D 161 44.75 -41.70 -47.12
N GLU D 162 45.23 -42.69 -46.34
CA GLU D 162 44.82 -44.11 -46.48
C GLU D 162 43.47 -44.39 -45.83
N ALA D 163 43.28 -43.93 -44.60
CA ALA D 163 41.97 -43.92 -44.00
C ALA D 163 40.94 -43.10 -44.81
N MET D 164 41.39 -42.28 -45.77
CA MET D 164 40.42 -41.67 -46.68
C MET D 164 40.12 -42.59 -47.87
N LYS D 165 40.67 -43.82 -47.83
CA LYS D 165 40.24 -44.93 -48.70
C LYS D 165 38.77 -44.85 -49.03
N GLY D 166 37.95 -45.17 -48.02
CA GLY D 166 36.54 -45.30 -48.24
C GLY D 166 35.91 -43.95 -48.32
N ARG D 167 36.43 -43.01 -47.52
CA ARG D 167 35.64 -41.87 -47.06
C ARG D 167 35.10 -40.91 -48.14
N LYS D 168 33.99 -40.25 -47.78
CA LYS D 168 33.24 -39.36 -48.65
C LYS D 168 33.50 -37.93 -48.14
N VAL D 169 33.54 -36.96 -49.04
CA VAL D 169 33.91 -35.60 -48.66
C VAL D 169 32.78 -34.61 -49.02
N GLY D 170 32.63 -33.56 -48.21
CA GLY D 170 31.55 -32.60 -48.39
C GLY D 170 31.27 -32.22 -49.83
N PRO D 171 30.01 -31.93 -50.15
CA PRO D 171 29.57 -31.54 -51.48
C PRO D 171 30.27 -30.38 -52.15
N TRP D 172 30.99 -29.55 -51.37
CA TRP D 172 31.65 -28.33 -51.91
C TRP D 172 33.13 -28.60 -52.20
N LEU D 173 33.53 -29.82 -51.86
CA LEU D 173 34.87 -30.32 -52.04
C LEU D 173 34.89 -31.53 -52.97
N SER D 174 36.06 -31.78 -53.57
CA SER D 174 36.38 -33.06 -54.22
C SER D 174 37.80 -33.49 -53.85
N LEU D 175 38.17 -34.74 -54.15
CA LEU D 175 39.42 -35.29 -53.64
C LEU D 175 39.99 -36.45 -54.47
N ASP D 176 41.00 -36.19 -55.29
CA ASP D 176 41.80 -37.31 -55.79
C ASP D 176 42.68 -37.86 -54.64
N VAL D 177 42.31 -39.02 -54.12
CA VAL D 177 42.94 -39.57 -52.92
C VAL D 177 44.37 -40.02 -53.13
N GLU D 178 44.67 -40.42 -54.37
CA GLU D 178 45.97 -41.00 -54.73
C GLU D 178 46.97 -39.89 -54.98
N GLY D 179 46.54 -38.90 -55.76
CA GLY D 179 47.34 -37.69 -55.95
C GLY D 179 47.36 -36.80 -54.71
N MET D 180 46.71 -37.22 -53.63
CA MET D 180 46.76 -36.51 -52.37
C MET D 180 46.41 -35.03 -52.56
N LYS D 181 45.40 -34.75 -53.36
CA LYS D 181 45.04 -33.38 -53.68
C LYS D 181 43.53 -33.28 -53.78
N GLY D 182 42.98 -32.21 -53.22
CA GLY D 182 41.55 -31.99 -53.28
C GLY D 182 41.29 -30.72 -54.03
N LYS D 183 40.04 -30.30 -54.00
CA LYS D 183 39.60 -29.13 -54.73
C LYS D 183 38.48 -28.40 -53.94
N PHE D 184 38.30 -27.13 -54.23
CA PHE D 184 37.34 -26.30 -53.53
C PHE D 184 36.42 -25.79 -54.65
N LEU D 185 35.28 -26.46 -54.78
CA LEU D 185 34.41 -26.32 -55.96
C LEU D 185 33.51 -25.14 -55.79
N ARG D 186 33.05 -24.92 -54.57
CA ARG D 186 32.28 -23.73 -54.21
C ARG D 186 32.19 -23.58 -52.68
N LEU D 187 31.66 -22.46 -52.24
CA LEU D 187 31.56 -22.26 -50.79
C LEU D 187 30.26 -22.87 -50.26
N PRO D 188 30.35 -23.50 -49.08
CA PRO D 188 29.24 -24.22 -48.52
C PRO D 188 28.05 -23.34 -48.08
N ASP D 189 26.85 -23.84 -48.39
CA ASP D 189 25.60 -23.28 -47.87
C ASP D 189 25.48 -23.71 -46.40
N ARG D 190 24.65 -23.02 -45.63
CA ARG D 190 24.41 -23.40 -44.24
C ARG D 190 23.98 -24.86 -44.18
N GLU D 191 23.17 -25.27 -45.15
CA GLU D 191 22.61 -26.60 -45.13
C GLU D 191 23.68 -27.64 -45.34
N ASP D 192 24.74 -27.30 -46.10
CA ASP D 192 25.82 -28.25 -46.39
C ASP D 192 26.50 -28.74 -45.12
N LEU D 193 26.54 -27.91 -44.07
CA LEU D 193 27.18 -28.29 -42.80
C LEU D 193 26.17 -28.76 -41.78
N ALA D 194 26.62 -29.52 -40.81
CA ALA D 194 25.73 -29.99 -39.75
C ALA D 194 26.32 -29.55 -38.43
N LEU D 195 26.44 -28.26 -38.29
CA LEU D 195 27.06 -27.75 -37.10
C LEU D 195 26.05 -27.61 -36.00
N PRO D 196 26.43 -27.98 -34.80
CA PRO D 196 25.56 -27.93 -33.62
C PRO D 196 25.28 -26.51 -33.14
N VAL D 197 25.12 -25.58 -34.06
CA VAL D 197 25.16 -24.17 -33.72
C VAL D 197 24.14 -23.38 -34.50
N ASN D 198 23.32 -22.66 -33.76
CA ASN D 198 22.37 -21.75 -34.33
C ASN D 198 23.01 -20.39 -34.46
N GLU D 199 23.36 -20.01 -35.67
CA GLU D 199 24.11 -18.79 -35.87
C GLU D 199 23.24 -17.57 -35.60
N GLN D 200 21.92 -17.74 -35.65
CA GLN D 200 21.02 -16.63 -35.31
C GLN D 200 21.34 -16.10 -33.92
N LEU D 201 21.72 -16.99 -33.00
CA LEU D 201 22.23 -16.57 -31.71
C LEU D 201 23.57 -15.88 -31.75
N VAL D 202 24.39 -16.17 -32.75
CA VAL D 202 25.71 -15.58 -32.77
C VAL D 202 25.53 -14.16 -33.29
N ILE D 203 24.73 -14.00 -34.33
CA ILE D 203 24.57 -12.67 -34.88
C ILE D 203 24.03 -11.81 -33.77
N GLU D 204 23.15 -12.41 -32.98
CA GLU D 204 22.48 -11.72 -31.92
C GLU D 204 23.51 -11.26 -30.90
N PHE D 205 24.38 -12.15 -30.47
CA PHE D 205 25.48 -11.79 -29.55
C PHE D 205 26.33 -10.59 -29.96
N TYR D 206 26.54 -10.38 -31.24
CA TYR D 206 27.30 -9.23 -31.69
C TYR D 206 26.44 -8.03 -31.99
N SER D 207 25.26 -7.94 -31.37
CA SER D 207 24.35 -6.84 -31.65
C SER D 207 24.39 -5.74 -30.61
N ARG D 208 24.61 -6.09 -29.34
CA ARG D 208 25.02 -5.08 -28.36
C ARG D 208 26.56 -5.10 -28.24
N ASP E 1 0.40 -28.09 -27.89
CA ASP E 1 1.12 -27.37 -26.78
C ASP E 1 2.29 -26.50 -27.30
N PHE E 2 2.43 -25.34 -26.67
CA PHE E 2 3.30 -24.27 -27.11
C PHE E 2 4.57 -24.29 -26.23
N GLU E 3 5.40 -23.23 -26.27
CA GLU E 3 6.71 -23.34 -25.62
C GLU E 3 6.80 -22.83 -24.18
N GLU E 4 6.22 -21.65 -23.88
CA GLU E 4 6.20 -21.10 -22.50
C GLU E 4 7.56 -20.57 -21.97
N LYS E 5 7.85 -19.31 -22.29
CA LYS E 5 8.99 -18.56 -21.77
C LYS E 5 8.52 -17.63 -20.62
N MET E 6 9.34 -17.51 -19.58
CA MET E 6 8.94 -16.68 -18.47
C MET E 6 9.84 -15.43 -18.39
N ILE E 7 9.23 -14.26 -18.50
CA ILE E 7 9.98 -13.03 -18.71
C ILE E 7 10.43 -12.37 -17.41
N LEU E 8 9.48 -12.25 -16.49
CA LEU E 8 9.62 -11.43 -15.33
C LEU E 8 8.97 -12.15 -14.19
N ILE E 9 9.67 -12.45 -13.10
CA ILE E 9 8.94 -12.72 -11.84
C ILE E 9 9.47 -11.88 -10.72
N ARG E 10 8.53 -11.41 -9.91
CA ARG E 10 8.82 -10.46 -8.87
C ARG E 10 8.01 -10.74 -7.62
N ARG E 11 8.45 -10.24 -6.47
CA ARG E 11 7.68 -10.44 -5.25
C ARG E 11 7.16 -9.12 -4.79
N THR E 12 5.85 -9.01 -4.66
CA THR E 12 5.21 -7.82 -4.14
C THR E 12 4.85 -8.04 -2.69
N ALA E 13 4.34 -7.01 -2.02
CA ALA E 13 4.15 -7.10 -0.55
C ALA E 13 3.10 -6.11 -0.06
N ARG E 14 2.21 -6.58 0.81
CA ARG E 14 1.19 -5.76 1.38
C ARG E 14 1.42 -5.72 2.88
N MET E 15 0.94 -4.66 3.50
CA MET E 15 1.21 -4.47 4.91
C MET E 15 0.01 -4.81 5.73
N GLN E 16 0.33 -5.37 6.86
CA GLN E 16 -0.65 -5.83 7.75
C GLN E 16 0.02 -5.64 9.14
N ALA E 17 -0.82 -5.31 10.13
CA ALA E 17 -0.50 -5.46 11.54
C ALA E 17 0.58 -6.51 11.78
N GLY E 18 1.58 -6.18 12.57
CA GLY E 18 2.73 -7.10 12.70
C GLY E 18 3.23 -7.80 11.41
N GLY E 19 3.58 -7.03 10.40
CA GLY E 19 4.46 -7.55 9.37
C GLY E 19 3.97 -7.41 7.96
N ARG E 20 4.93 -7.57 7.04
CA ARG E 20 4.66 -7.53 5.60
C ARG E 20 4.24 -8.90 5.10
N ARG E 21 3.39 -8.90 4.07
CA ARG E 21 2.83 -10.14 3.57
C ARG E 21 2.87 -10.30 2.05
N PHE E 22 3.76 -11.22 1.63
CA PHE E 22 4.23 -11.31 0.26
C PHE E 22 3.35 -12.05 -0.73
N ARG E 23 3.27 -11.50 -1.93
CA ARG E 23 2.66 -12.11 -3.08
C ARG E 23 3.73 -12.22 -4.19
N PHE E 24 3.46 -13.04 -5.20
CA PHE E 24 4.36 -13.19 -6.33
C PHE E 24 3.66 -13.03 -7.64
N GLY E 25 4.34 -12.39 -8.58
CA GLY E 25 3.78 -12.19 -9.91
C GLY E 25 4.70 -12.84 -10.92
N ALA E 26 4.15 -13.21 -12.07
CA ALA E 26 4.93 -13.89 -13.08
C ALA E 26 4.41 -13.50 -14.43
N LEU E 27 5.30 -13.03 -15.27
CA LEU E 27 4.92 -12.78 -16.65
C LEU E 27 5.42 -13.93 -17.49
N VAL E 28 4.52 -14.47 -18.31
CA VAL E 28 4.85 -15.59 -19.13
C VAL E 28 4.31 -15.37 -20.52
N VAL E 29 5.21 -15.57 -21.49
CA VAL E 29 4.81 -15.72 -22.89
C VAL E 29 4.67 -17.19 -23.23
N VAL E 30 3.72 -17.50 -24.09
CA VAL E 30 3.61 -18.81 -24.65
C VAL E 30 3.41 -18.66 -26.15
N GLY E 31 4.12 -19.51 -26.89
CA GLY E 31 3.97 -19.50 -28.35
C GLY E 31 4.59 -20.67 -29.06
N ASP E 32 4.09 -20.92 -30.28
CA ASP E 32 4.51 -22.06 -31.12
C ASP E 32 5.66 -21.79 -32.08
N ARG E 33 6.09 -20.55 -32.15
CA ARG E 33 7.07 -20.12 -33.12
C ARG E 33 6.51 -20.16 -34.52
N GLN E 34 5.20 -19.94 -34.67
CA GLN E 34 4.59 -19.99 -36.01
C GLN E 34 3.35 -19.12 -36.09
N GLY E 35 3.41 -17.91 -35.53
CA GLY E 35 2.30 -16.96 -35.65
C GLY E 35 1.31 -16.94 -34.49
N ARG E 36 1.54 -17.73 -33.45
CA ARG E 36 0.72 -17.66 -32.25
C ARG E 36 1.61 -17.41 -31.04
N VAL E 37 1.36 -16.26 -30.37
CA VAL E 37 1.86 -15.98 -28.99
C VAL E 37 0.75 -15.49 -28.07
N GLY E 38 0.99 -15.78 -26.80
CA GLY E 38 0.10 -15.32 -25.73
C GLY E 38 0.87 -14.85 -24.53
N LEU E 39 0.37 -13.76 -23.96
CA LEU E 39 1.02 -13.08 -22.85
C LEU E 39 0.17 -13.27 -21.69
N GLY E 40 0.76 -13.69 -20.59
CA GLY E 40 -0.07 -13.88 -19.42
C GLY E 40 0.58 -13.48 -18.14
N PHE E 41 -0.22 -12.82 -17.31
CA PHE E 41 0.29 -12.31 -16.06
C PHE E 41 -0.45 -12.87 -14.86
N GLY E 42 0.29 -13.57 -14.00
CA GLY E 42 -0.37 -14.35 -13.00
C GLY E 42 0.26 -14.24 -11.65
N LYS E 43 -0.59 -14.02 -10.65
CA LYS E 43 -0.11 -13.74 -9.30
C LYS E 43 -0.62 -14.75 -8.32
N ALA E 44 0.17 -14.99 -7.29
CA ALA E 44 -0.15 -16.04 -6.36
C ALA E 44 0.84 -16.10 -5.25
N PRO E 45 0.43 -16.60 -4.09
CA PRO E 45 1.28 -16.67 -2.89
C PRO E 45 2.58 -17.47 -3.05
N GLU E 46 2.70 -18.29 -4.08
CA GLU E 46 3.95 -19.00 -4.30
C GLU E 46 4.36 -18.93 -5.76
N VAL E 47 5.67 -18.90 -5.99
CA VAL E 47 6.20 -18.69 -7.36
C VAL E 47 5.67 -19.70 -8.39
N PRO E 48 5.95 -21.00 -8.16
CA PRO E 48 5.36 -22.08 -8.89
C PRO E 48 3.94 -21.80 -9.30
N LEU E 49 3.04 -21.58 -8.36
CA LEU E 49 1.62 -21.45 -8.69
C LEU E 49 1.35 -20.25 -9.58
N ALA E 50 2.19 -19.23 -9.44
CA ALA E 50 2.04 -18.00 -10.18
C ALA E 50 2.47 -18.16 -11.64
N VAL E 51 3.60 -18.84 -11.86
CA VAL E 51 4.05 -19.21 -13.20
C VAL E 51 3.00 -20.06 -13.91
N GLN E 52 2.53 -21.11 -13.25
CA GLN E 52 1.52 -21.97 -13.82
C GLN E 52 0.31 -21.14 -14.18
N LYS E 53 -0.19 -20.39 -13.20
CA LYS E 53 -1.35 -19.52 -13.40
C LYS E 53 -1.14 -18.62 -14.62
N ALA E 54 0.06 -18.10 -14.76
CA ALA E 54 0.35 -17.16 -15.84
C ALA E 54 0.26 -17.81 -17.25
N GLY E 55 0.90 -18.97 -17.40
CA GLY E 55 0.83 -19.75 -18.65
C GLY E 55 -0.61 -20.01 -19.07
N TYR E 56 -1.42 -20.49 -18.14
CA TYR E 56 -2.85 -20.66 -18.35
C TYR E 56 -3.47 -19.39 -18.91
N TYR E 57 -3.20 -18.27 -18.26
CA TYR E 57 -3.80 -17.00 -18.66
C TYR E 57 -3.31 -16.65 -20.05
N ALA E 58 -2.05 -17.00 -20.32
CA ALA E 58 -1.40 -16.69 -21.59
C ALA E 58 -2.06 -17.39 -22.77
N ARG E 59 -2.38 -18.68 -22.60
CA ARG E 59 -3.18 -19.46 -23.57
C ARG E 59 -4.58 -18.92 -23.81
N ARG E 60 -5.25 -18.41 -22.79
CA ARG E 60 -6.56 -17.79 -23.01
C ARG E 60 -6.40 -16.43 -23.71
N ASN E 61 -5.14 -16.00 -23.92
CA ASN E 61 -4.85 -14.69 -24.51
C ASN E 61 -3.87 -14.68 -25.74
N MET E 62 -4.29 -15.21 -26.90
CA MET E 62 -3.35 -15.44 -28.02
C MET E 62 -3.52 -14.41 -29.14
N VAL E 63 -2.69 -14.49 -30.18
CA VAL E 63 -2.80 -13.54 -31.28
C VAL E 63 -2.31 -14.05 -32.66
N GLU E 64 -3.09 -13.75 -33.73
CA GLU E 64 -2.65 -13.73 -35.14
C GLU E 64 -1.40 -12.90 -35.25
N VAL E 65 -0.27 -13.52 -35.60
CA VAL E 65 0.90 -12.75 -36.02
C VAL E 65 1.20 -13.06 -37.49
N PRO E 66 0.86 -12.13 -38.39
CA PRO E 66 1.14 -12.39 -39.81
C PRO E 66 2.61 -12.37 -40.18
N LEU E 67 3.33 -13.45 -39.92
CA LEU E 67 4.71 -13.53 -40.38
C LEU E 67 4.78 -13.43 -41.89
N GLN E 68 5.97 -13.18 -42.38
CA GLN E 68 6.24 -13.10 -43.80
C GLN E 68 7.72 -13.39 -43.85
N ASN E 69 8.06 -14.65 -43.66
CA ASN E 69 9.43 -15.02 -43.81
C ASN E 69 10.18 -14.50 -42.61
N GLY E 70 9.75 -14.98 -41.44
CA GLY E 70 10.43 -14.68 -40.17
C GLY E 70 10.41 -13.25 -39.66
N THR E 71 9.57 -12.40 -40.27
CA THR E 71 9.48 -10.97 -39.99
C THR E 71 8.07 -10.50 -40.26
N ILE E 72 7.86 -9.19 -40.17
CA ILE E 72 6.52 -8.67 -40.08
C ILE E 72 6.25 -7.76 -41.28
N PRO E 73 4.96 -7.55 -41.58
CA PRO E 73 4.55 -6.85 -42.80
C PRO E 73 4.99 -5.44 -42.85
N HIS E 74 5.14 -4.78 -41.71
CA HIS E 74 5.43 -3.34 -41.67
C HIS E 74 5.82 -2.84 -40.30
N GLU E 75 6.09 -1.54 -40.21
CA GLU E 75 6.54 -0.93 -38.97
C GLU E 75 5.33 -0.43 -38.23
N ILE E 76 5.40 -0.48 -36.89
CA ILE E 76 4.30 -0.14 -36.00
C ILE E 76 4.91 0.49 -34.80
N GLU E 77 4.34 1.59 -34.36
CA GLU E 77 4.65 2.10 -33.05
C GLU E 77 3.40 1.94 -32.21
N VAL E 78 3.59 1.47 -30.98
CA VAL E 78 2.49 1.35 -30.03
C VAL E 78 2.89 1.91 -28.70
N GLU E 79 2.13 2.90 -28.22
CA GLU E 79 2.29 3.43 -26.86
C GLU E 79 1.33 2.70 -25.92
N PHE E 80 1.82 2.15 -24.82
CA PHE E 80 0.93 1.54 -23.78
C PHE E 80 1.19 2.13 -22.40
N GLY E 81 0.31 3.04 -21.99
CA GLY E 81 0.59 3.97 -20.95
C GLY E 81 1.79 4.78 -21.41
N ALA E 82 2.85 4.68 -20.64
CA ALA E 82 4.03 5.50 -20.85
C ALA E 82 5.09 4.75 -21.57
N SER E 83 4.83 3.48 -21.91
CA SER E 83 5.82 2.67 -22.56
C SER E 83 5.52 2.68 -24.03
N LYS E 84 6.53 2.89 -24.87
CA LYS E 84 6.36 2.86 -26.30
C LYS E 84 7.24 1.78 -26.84
N ILE E 85 6.76 1.08 -27.85
CA ILE E 85 7.56 0.05 -28.51
C ILE E 85 7.55 0.35 -30.00
N VAL E 86 8.71 0.32 -30.63
CA VAL E 86 8.71 0.32 -32.08
C VAL E 86 9.21 -1.02 -32.59
N LEU E 87 8.65 -1.38 -33.74
CA LEU E 87 8.78 -2.67 -34.33
C LEU E 87 9.00 -2.48 -35.84
N LYS E 88 10.13 -2.98 -36.32
CA LYS E 88 10.54 -2.70 -37.69
C LYS E 88 10.87 -3.99 -38.42
N PRO E 89 10.48 -4.07 -39.69
CA PRO E 89 10.84 -5.24 -40.46
C PRO E 89 12.31 -5.28 -40.84
N ALA E 90 12.85 -6.50 -40.99
CA ALA E 90 14.22 -6.70 -41.38
C ALA E 90 14.37 -7.87 -42.34
N ALA E 91 15.35 -7.76 -43.22
CA ALA E 91 15.68 -8.87 -44.10
C ALA E 91 16.21 -10.00 -43.27
N PRO E 92 16.42 -11.15 -43.93
CA PRO E 92 16.95 -12.23 -43.14
C PRO E 92 18.43 -12.02 -42.85
N GLY E 93 18.95 -12.73 -41.87
CA GLY E 93 20.32 -12.50 -41.39
C GLY E 93 20.50 -11.35 -40.39
N THR E 94 19.38 -10.75 -39.98
CA THR E 94 19.41 -9.63 -39.06
C THR E 94 19.39 -10.09 -37.62
N GLY E 95 18.62 -11.13 -37.36
CA GLY E 95 18.29 -11.50 -35.98
C GLY E 95 17.09 -10.75 -35.41
N VAL E 96 16.74 -11.11 -34.18
CA VAL E 96 15.75 -10.35 -33.44
C VAL E 96 16.54 -9.39 -32.60
N ILE E 97 16.54 -8.12 -32.97
CA ILE E 97 17.27 -7.17 -32.15
C ILE E 97 16.28 -6.41 -31.30
N ALA E 98 16.37 -6.71 -30.01
CA ALA E 98 15.37 -6.33 -29.10
C ALA E 98 15.82 -6.66 -27.71
N GLY E 99 15.18 -5.94 -26.78
CA GLY E 99 15.48 -6.07 -25.36
C GLY E 99 14.82 -7.30 -24.84
N ALA E 100 15.18 -7.71 -23.63
CA ALA E 100 14.78 -9.03 -23.13
C ALA E 100 13.30 -9.30 -23.31
N VAL E 101 12.47 -8.29 -23.00
CA VAL E 101 10.99 -8.46 -22.97
C VAL E 101 10.36 -8.62 -24.35
N PRO E 102 10.45 -7.61 -25.24
CA PRO E 102 9.83 -7.86 -26.53
C PRO E 102 10.52 -9.03 -27.30
N ARG E 103 11.77 -9.33 -27.00
CA ARG E 103 12.40 -10.39 -27.74
C ARG E 103 11.72 -11.72 -27.43
N ALA E 104 11.68 -12.13 -26.17
CA ALA E 104 10.97 -13.38 -25.82
C ALA E 104 9.63 -13.53 -26.53
N ILE E 105 8.92 -12.44 -26.73
CA ILE E 105 7.60 -12.47 -27.31
C ILE E 105 7.75 -12.66 -28.80
N LEU E 106 8.60 -11.85 -29.40
CA LEU E 106 8.87 -11.97 -30.81
C LEU E 106 9.45 -13.34 -31.16
N GLU E 107 10.34 -13.88 -30.32
CA GLU E 107 10.85 -15.25 -30.53
C GLU E 107 9.74 -16.29 -30.64
N LEU E 108 8.90 -16.37 -29.61
CA LEU E 108 7.86 -17.37 -29.62
C LEU E 108 6.76 -17.10 -30.58
N ALA E 109 6.72 -15.96 -31.25
CA ALA E 109 5.73 -15.84 -32.33
C ALA E 109 6.37 -16.26 -33.64
N GLY E 110 7.63 -16.71 -33.60
CA GLY E 110 8.35 -17.16 -34.79
C GLY E 110 8.93 -16.03 -35.62
N VAL E 111 9.05 -14.83 -35.05
CA VAL E 111 9.81 -13.76 -35.69
C VAL E 111 11.27 -14.12 -35.50
N THR E 112 12.01 -14.03 -36.58
CA THR E 112 13.43 -14.31 -36.57
C THR E 112 14.29 -13.10 -36.94
N ASP E 113 13.69 -12.08 -37.55
CA ASP E 113 14.43 -11.01 -38.18
C ASP E 113 13.61 -9.73 -38.07
N ILE E 114 13.97 -8.89 -37.09
CA ILE E 114 13.15 -7.75 -36.64
C ILE E 114 13.98 -6.76 -35.87
N LEU E 115 13.78 -5.46 -36.13
CA LEU E 115 14.45 -4.35 -35.39
C LEU E 115 13.45 -3.65 -34.49
N THR E 116 13.79 -3.54 -33.20
CA THR E 116 12.91 -2.93 -32.23
C THR E 116 13.55 -1.70 -31.56
N LYS E 117 12.76 -0.96 -30.79
CA LYS E 117 13.32 -0.01 -29.83
C LYS E 117 12.27 0.28 -28.74
N GLU E 118 12.62 0.04 -27.48
CA GLU E 118 11.80 0.55 -26.37
C GLU E 118 12.05 2.06 -26.17
N LEU E 119 10.99 2.83 -26.28
CA LEU E 119 11.04 4.24 -25.90
C LEU E 119 10.09 4.43 -24.74
N GLY E 120 10.31 5.45 -23.94
CA GLY E 120 9.44 5.70 -22.80
C GLY E 120 9.80 5.05 -21.45
N SER E 121 8.74 4.69 -20.75
CA SER E 121 8.89 3.93 -19.56
C SER E 121 9.36 2.54 -20.00
N ARG E 122 10.52 2.13 -19.51
CA ARG E 122 11.03 0.81 -19.84
C ARG E 122 10.45 -0.29 -18.89
N ASN E 123 9.23 -0.11 -18.43
CA ASN E 123 8.63 -1.06 -17.51
C ASN E 123 8.27 -2.36 -18.23
N PRO E 124 8.85 -3.48 -17.78
CA PRO E 124 8.59 -4.79 -18.39
C PRO E 124 7.12 -5.10 -18.64
N ILE E 125 6.30 -5.13 -17.61
CA ILE E 125 4.90 -5.42 -17.83
C ILE E 125 4.39 -4.61 -18.99
N ASN E 126 4.57 -3.31 -18.92
CA ASN E 126 3.91 -2.45 -19.90
C ASN E 126 4.48 -2.50 -21.32
N ILE E 127 5.79 -2.68 -21.38
CA ILE E 127 6.47 -3.01 -22.63
C ILE E 127 5.89 -4.30 -23.23
N ALA E 128 5.72 -5.34 -22.42
CA ALA E 128 5.10 -6.55 -22.93
C ALA E 128 3.69 -6.28 -23.42
N TYR E 129 2.85 -5.59 -22.66
CA TYR E 129 1.52 -5.34 -23.18
C TYR E 129 1.54 -4.55 -24.49
N ALA E 130 2.56 -3.72 -24.68
CA ALA E 130 2.59 -2.93 -25.91
C ALA E 130 2.97 -3.77 -27.12
N THR E 131 3.93 -4.67 -26.88
CA THR E 131 4.39 -5.61 -27.86
C THR E 131 3.22 -6.43 -28.34
N MET E 132 2.38 -6.91 -27.43
CA MET E 132 1.17 -7.63 -27.81
C MET E 132 0.27 -6.78 -28.65
N GLU E 133 -0.11 -5.61 -28.18
CA GLU E 133 -0.92 -4.75 -29.02
C GLU E 133 -0.30 -4.55 -30.39
N ALA E 134 1.01 -4.33 -30.40
CA ALA E 134 1.74 -4.08 -31.65
C ALA E 134 1.57 -5.21 -32.66
N LEU E 135 1.85 -6.44 -32.25
CA LEU E 135 1.53 -7.63 -33.03
C LEU E 135 0.05 -7.66 -33.37
N ARG E 136 -0.78 -7.60 -32.34
CA ARG E 136 -2.23 -7.57 -32.50
C ARG E 136 -2.65 -6.65 -33.64
N GLN E 137 -1.92 -5.58 -33.86
CA GLN E 137 -2.36 -4.50 -34.75
C GLN E 137 -1.81 -4.60 -36.19
N LEU E 138 -1.01 -5.63 -36.42
CA LEU E 138 -0.42 -5.86 -37.72
C LEU E 138 -1.45 -6.33 -38.75
N ARG E 139 -1.37 -5.66 -39.90
CA ARG E 139 -2.11 -6.01 -41.08
C ARG E 139 -1.16 -6.37 -42.20
N THR E 140 -1.71 -6.92 -43.28
CA THR E 140 -0.95 -7.29 -44.47
C THR E 140 -1.61 -6.80 -45.75
N LYS E 141 -0.88 -6.84 -46.86
CA LYS E 141 -1.40 -6.36 -48.13
C LYS E 141 -2.79 -6.97 -48.37
N ALA E 142 -2.87 -8.29 -48.21
CA ALA E 142 -4.13 -9.05 -48.15
C ALA E 142 -5.32 -8.37 -47.43
N ASP E 143 -5.26 -8.27 -46.09
CA ASP E 143 -6.36 -7.71 -45.25
C ASP E 143 -6.64 -6.24 -45.52
N VAL E 144 -5.63 -5.51 -45.91
CA VAL E 144 -5.81 -4.12 -46.19
C VAL E 144 -6.63 -3.93 -47.46
N GLU E 145 -6.34 -4.76 -48.45
CA GLU E 145 -7.06 -4.78 -49.73
C GLU E 145 -8.52 -5.04 -49.41
N ARG E 146 -8.70 -6.02 -48.53
CA ARG E 146 -10.00 -6.53 -48.21
C ARG E 146 -10.79 -5.42 -47.54
N LEU E 147 -10.12 -4.69 -46.67
CA LEU E 147 -10.73 -3.54 -46.02
C LEU E 147 -11.12 -2.45 -46.97
N ARG E 148 -10.41 -2.30 -48.07
CA ARG E 148 -10.64 -1.15 -48.95
C ARG E 148 -11.40 -1.44 -50.24
N LYS E 149 -12.54 -2.13 -50.15
CA LYS E 149 -13.26 -2.53 -51.38
C LYS E 149 -14.60 -1.81 -51.74
N GLY E 150 -15.72 -2.05 -51.04
CA GLY E 150 -16.97 -1.28 -51.28
C GLY E 150 -18.05 -1.80 -52.26
N MET F 1 -32.96 66.19 -22.68
CA MET F 1 -33.71 65.94 -21.41
C MET F 1 -33.98 64.43 -21.23
N ARG F 2 -33.73 63.91 -20.04
CA ARG F 2 -34.27 62.61 -19.65
C ARG F 2 -35.47 62.84 -18.74
N ARG F 3 -36.33 61.83 -18.67
CA ARG F 3 -37.45 61.80 -17.75
C ARG F 3 -37.03 61.29 -16.36
N TYR F 4 -37.33 62.07 -15.32
CA TYR F 4 -37.00 61.72 -13.92
C TYR F 4 -38.24 61.68 -12.98
N GLU F 5 -38.02 61.43 -11.69
CA GLU F 5 -39.07 61.30 -10.66
C GLU F 5 -38.49 61.88 -9.40
N VAL F 6 -39.12 62.94 -8.88
CA VAL F 6 -38.56 63.68 -7.79
C VAL F 6 -39.43 63.51 -6.58
N ASN F 7 -38.94 62.75 -5.60
CA ASN F 7 -39.66 62.59 -4.33
C ASN F 7 -39.15 63.56 -3.34
N ILE F 8 -40.06 64.31 -2.73
CA ILE F 8 -39.70 65.18 -1.64
C ILE F 8 -40.50 64.82 -0.41
N VAL F 9 -39.84 64.82 0.74
CA VAL F 9 -40.53 64.63 2.00
C VAL F 9 -40.41 65.91 2.81
N LEU F 10 -41.54 66.37 3.35
CA LEU F 10 -41.59 67.62 4.06
C LEU F 10 -41.97 67.43 5.51
N ASN F 11 -41.66 68.48 6.26
CA ASN F 11 -42.14 68.63 7.63
C ASN F 11 -43.66 68.45 7.75
N PRO F 12 -44.11 67.49 8.58
CA PRO F 12 -45.56 67.29 8.67
C PRO F 12 -46.32 68.34 9.54
N ASN F 13 -45.61 69.28 10.17
CA ASN F 13 -46.23 70.33 10.98
C ASN F 13 -46.10 71.68 10.31
N LEU F 14 -46.58 71.79 9.07
CA LEU F 14 -46.62 73.08 8.38
C LEU F 14 -48.05 73.57 8.18
N ASP F 15 -48.16 74.83 7.79
CA ASP F 15 -49.43 75.42 7.47
C ASP F 15 -49.29 76.16 6.15
N GLN F 16 -50.42 76.56 5.60
CA GLN F 16 -50.53 77.09 4.25
C GLN F 16 -49.43 78.10 3.97
N SER F 17 -49.13 78.92 4.99
CA SER F 17 -48.05 79.90 4.93
C SER F 17 -46.76 79.32 4.36
N GLN F 18 -46.13 78.39 5.08
CA GLN F 18 -44.87 77.83 4.65
C GLN F 18 -45.10 76.74 3.60
N LEU F 19 -45.95 75.76 3.91
CA LEU F 19 -46.19 74.65 2.99
C LEU F 19 -46.22 75.15 1.56
N ALA F 20 -47.12 76.10 1.30
CA ALA F 20 -47.33 76.63 -0.04
C ALA F 20 -46.14 77.48 -0.51
N LEU F 21 -45.45 78.14 0.44
CA LEU F 21 -44.22 78.86 0.14
C LEU F 21 -43.11 77.91 -0.28
N GLU F 22 -42.98 76.78 0.43
CA GLU F 22 -42.02 75.73 0.06
C GLU F 22 -42.32 75.24 -1.33
N LYS F 23 -43.54 74.74 -1.51
CA LYS F 23 -43.99 74.19 -2.78
C LYS F 23 -43.69 75.07 -3.98
N GLU F 24 -43.57 76.38 -3.78
CA GLU F 24 -43.19 77.24 -4.89
C GLU F 24 -41.69 77.57 -4.93
N ILE F 25 -41.01 77.64 -3.78
CA ILE F 25 -39.51 77.67 -3.78
C ILE F 25 -38.96 76.47 -4.56
N ILE F 26 -39.64 75.33 -4.39
CA ILE F 26 -39.53 74.15 -5.25
C ILE F 26 -39.82 74.44 -6.75
N GLN F 27 -41.03 74.87 -7.09
CA GLN F 27 -41.35 75.23 -8.48
C GLN F 27 -40.32 76.17 -9.10
N ARG F 28 -39.81 77.13 -8.30
CA ARG F 28 -38.81 78.06 -8.81
C ARG F 28 -37.53 77.30 -9.16
N ALA F 29 -37.07 76.46 -8.25
CA ALA F 29 -35.88 75.65 -8.48
C ALA F 29 -36.06 74.66 -9.65
N LEU F 30 -37.16 73.90 -9.64
CA LEU F 30 -37.49 73.00 -10.76
C LEU F 30 -37.44 73.71 -12.10
N GLU F 31 -38.13 74.84 -12.18
CA GLU F 31 -38.10 75.68 -13.36
C GLU F 31 -36.69 76.21 -13.59
N ASN F 32 -36.06 76.70 -12.52
CA ASN F 32 -34.77 77.39 -12.64
C ASN F 32 -33.62 76.46 -13.07
N TYR F 33 -33.91 75.16 -13.15
CA TYR F 33 -32.95 74.17 -13.67
C TYR F 33 -33.41 73.49 -14.98
N GLY F 34 -34.62 73.81 -15.44
CA GLY F 34 -35.09 73.37 -16.75
C GLY F 34 -36.12 72.27 -16.67
N ALA F 35 -36.81 72.14 -15.53
CA ALA F 35 -37.71 71.01 -15.31
C ALA F 35 -39.17 71.25 -15.74
N ARG F 36 -39.47 70.86 -16.97
CA ARG F 36 -40.88 70.68 -17.36
C ARG F 36 -41.52 69.71 -16.39
N VAL F 37 -42.74 69.96 -15.99
CA VAL F 37 -43.41 69.08 -15.06
C VAL F 37 -44.58 68.38 -15.71
N GLU F 38 -44.40 67.12 -16.11
CA GLU F 38 -45.53 66.27 -16.51
C GLU F 38 -46.33 66.00 -15.24
N LYS F 39 -46.90 64.79 -15.10
CA LYS F 39 -47.60 64.40 -13.85
C LYS F 39 -47.09 65.02 -12.51
N VAL F 40 -47.94 64.96 -11.49
CA VAL F 40 -47.59 65.33 -10.11
C VAL F 40 -48.56 64.60 -9.20
N GLU F 41 -48.09 64.29 -8.00
CA GLU F 41 -48.92 63.62 -7.00
C GLU F 41 -48.56 64.16 -5.64
N GLU F 42 -49.45 63.91 -4.70
CA GLU F 42 -49.32 64.44 -3.36
C GLU F 42 -50.22 63.63 -2.47
N LEU F 43 -49.65 62.58 -1.89
CA LEU F 43 -50.32 61.81 -0.87
C LEU F 43 -50.20 62.59 0.43
N GLY F 44 -49.25 63.53 0.47
CA GLY F 44 -49.12 64.43 1.58
C GLY F 44 -48.71 63.69 2.85
N LEU F 45 -49.55 63.77 3.86
CA LEU F 45 -49.20 63.22 5.16
C LEU F 45 -49.18 61.69 5.13
N ARG F 46 -48.24 61.10 5.87
CA ARG F 46 -48.13 59.63 5.97
C ARG F 46 -47.18 59.21 7.08
N ARG F 47 -47.42 58.02 7.61
CA ARG F 47 -46.69 57.51 8.78
C ARG F 47 -45.37 56.88 8.37
N LEU F 48 -44.26 57.49 8.78
CA LEU F 48 -42.94 56.97 8.47
C LEU F 48 -42.64 55.72 9.25
N ALA F 49 -41.73 54.92 8.71
CA ALA F 49 -41.39 53.63 9.30
C ALA F 49 -40.39 53.78 10.43
N TYR F 50 -39.66 54.88 10.40
CA TYR F 50 -38.77 55.26 11.48
C TYR F 50 -38.80 56.78 11.46
N PRO F 51 -38.54 57.43 12.60
CA PRO F 51 -38.52 58.89 12.65
C PRO F 51 -37.47 59.53 11.77
N ILE F 52 -37.91 60.45 10.91
CA ILE F 52 -37.00 61.36 10.19
C ILE F 52 -37.04 62.70 10.90
N ALA F 53 -35.87 63.33 11.04
CA ALA F 53 -35.69 64.59 11.79
C ALA F 53 -36.56 64.69 13.08
N LYS F 54 -36.41 63.65 13.90
CA LYS F 54 -37.03 63.56 15.23
C LYS F 54 -38.54 63.31 15.17
N ASP F 55 -39.15 63.50 14.01
CA ASP F 55 -40.61 63.51 13.86
C ASP F 55 -41.17 62.21 13.22
N PRO F 56 -42.15 61.56 13.86
CA PRO F 56 -42.73 60.29 13.36
C PRO F 56 -43.57 60.27 12.07
N GLN F 57 -43.68 61.39 11.34
CA GLN F 57 -44.40 61.43 10.07
C GLN F 57 -43.73 62.31 9.00
N GLY F 58 -44.29 62.27 7.79
CA GLY F 58 -43.77 63.12 6.72
C GLY F 58 -44.78 63.46 5.63
N TYR F 59 -44.54 64.61 4.99
CA TYR F 59 -45.40 65.07 3.91
C TYR F 59 -44.76 64.77 2.55
N PHE F 60 -45.47 64.03 1.71
CA PHE F 60 -44.88 63.44 0.50
C PHE F 60 -45.29 64.05 -0.83
N LEU F 61 -44.34 64.75 -1.44
CA LEU F 61 -44.43 65.15 -2.82
C LEU F 61 -43.81 64.12 -3.74
N TRP F 62 -44.29 64.13 -4.96
CA TRP F 62 -43.78 63.29 -6.02
C TRP F 62 -44.07 64.03 -7.29
N TYR F 63 -43.05 64.28 -8.09
CA TYR F 63 -43.24 64.93 -9.38
C TYR F 63 -42.62 64.07 -10.44
N GLN F 64 -43.36 63.76 -11.50
CA GLN F 64 -42.73 63.30 -12.75
C GLN F 64 -42.28 64.49 -13.55
N VAL F 65 -41.11 64.43 -14.16
CA VAL F 65 -40.58 65.58 -14.86
C VAL F 65 -39.60 65.15 -15.95
N GLU F 66 -39.58 65.90 -17.05
CA GLU F 66 -38.53 65.81 -18.04
C GLU F 66 -37.58 67.01 -17.82
N MET F 67 -36.27 66.79 -17.95
CA MET F 67 -35.29 67.89 -17.71
C MET F 67 -33.86 67.53 -18.13
N PRO F 68 -32.99 68.53 -18.33
CA PRO F 68 -31.64 68.23 -18.81
C PRO F 68 -30.73 67.60 -17.75
N GLU F 69 -30.19 66.44 -18.12
CA GLU F 69 -29.41 65.56 -17.25
C GLU F 69 -28.15 66.20 -16.61
N ASP F 70 -27.50 67.10 -17.33
CA ASP F 70 -26.27 67.74 -16.82
C ASP F 70 -26.51 68.67 -15.61
N ARG F 71 -27.74 68.73 -15.13
CA ARG F 71 -28.12 69.65 -14.06
C ARG F 71 -28.81 68.95 -12.88
N VAL F 72 -29.37 67.78 -13.13
CA VAL F 72 -30.19 67.04 -12.18
C VAL F 72 -29.54 66.82 -10.79
N ASN F 73 -28.22 66.77 -10.73
CA ASN F 73 -27.55 66.70 -9.42
C ASN F 73 -27.58 68.07 -8.75
N ASP F 74 -27.24 69.10 -9.52
CA ASP F 74 -27.35 70.50 -9.10
C ASP F 74 -28.71 70.87 -8.53
N LEU F 75 -29.77 70.48 -9.23
CA LEU F 75 -31.12 70.69 -8.76
C LEU F 75 -31.27 70.09 -7.40
N ALA F 76 -30.98 68.81 -7.29
CA ALA F 76 -31.15 68.06 -6.04
C ALA F 76 -30.41 68.72 -4.88
N ARG F 77 -29.26 69.29 -5.19
CA ARG F 77 -28.43 69.98 -4.20
C ARG F 77 -29.23 71.15 -3.66
N GLU F 78 -29.75 71.96 -4.57
CA GLU F 78 -30.62 73.10 -4.24
C GLU F 78 -31.85 72.73 -3.41
N LEU F 79 -32.55 71.66 -3.77
CA LEU F 79 -33.75 71.30 -3.02
C LEU F 79 -33.56 71.10 -1.51
N ARG F 80 -32.41 70.65 -1.06
CA ARG F 80 -32.29 70.22 0.36
C ARG F 80 -31.63 71.25 1.27
N ILE F 81 -31.18 72.37 0.69
CA ILE F 81 -30.74 73.56 1.46
C ILE F 81 -31.79 73.91 2.49
N ARG F 82 -33.04 73.88 2.03
CA ARG F 82 -34.20 74.16 2.84
C ARG F 82 -34.26 73.20 4.04
N ASP F 83 -34.89 73.69 5.12
CA ASP F 83 -34.86 73.02 6.41
C ASP F 83 -36.08 72.17 6.61
N ASN F 84 -37.23 72.64 6.15
CA ASN F 84 -38.46 71.84 6.22
C ASN F 84 -38.48 70.79 5.10
N VAL F 85 -37.52 70.92 4.18
CA VAL F 85 -37.23 69.90 3.17
C VAL F 85 -36.25 68.91 3.73
N ARG F 86 -36.76 67.70 3.93
CA ARG F 86 -36.08 66.68 4.73
C ARG F 86 -35.49 65.55 3.90
N ARG F 87 -36.19 65.12 2.86
CA ARG F 87 -35.65 64.12 1.95
C ARG F 87 -35.94 64.49 0.52
N VAL F 88 -34.91 64.50 -0.29
CA VAL F 88 -35.07 64.62 -1.72
C VAL F 88 -34.51 63.37 -2.35
N MET F 89 -35.30 62.65 -3.11
CA MET F 89 -34.75 61.55 -3.91
C MET F 89 -35.17 61.63 -5.40
N VAL F 90 -34.25 62.13 -6.23
CA VAL F 90 -34.45 62.22 -7.68
C VAL F 90 -34.09 60.88 -8.35
N VAL F 91 -34.96 60.40 -9.23
CA VAL F 91 -34.87 59.03 -9.74
C VAL F 91 -35.24 58.96 -11.24
N LYS F 92 -34.45 58.27 -12.06
CA LYS F 92 -34.78 58.11 -13.46
C LYS F 92 -36.08 57.33 -13.59
N SER F 93 -36.91 57.72 -14.54
CA SER F 93 -38.22 57.08 -14.69
C SER F 93 -37.98 55.69 -15.22
N GLN F 94 -38.97 54.81 -15.12
CA GLN F 94 -38.76 53.45 -15.52
C GLN F 94 -40.03 52.75 -15.91
N GLU F 95 -39.97 52.04 -17.03
CA GLU F 95 -41.09 51.24 -17.44
C GLU F 95 -41.41 50.34 -16.25
N PRO F 96 -42.70 50.24 -15.93
CA PRO F 96 -43.11 49.41 -14.79
C PRO F 96 -42.88 47.91 -15.00
N PHE F 97 -41.87 47.34 -14.34
CA PHE F 97 -41.72 45.89 -14.36
C PHE F 97 -42.79 45.25 -13.48
N LEU F 98 -43.72 44.49 -14.07
CA LEU F 98 -44.84 43.89 -13.28
C LEU F 98 -44.68 42.40 -13.09
N ALA F 99 -45.46 41.83 -12.17
CA ALA F 99 -45.36 40.39 -11.81
C ALA F 99 -46.75 39.82 -11.52
N ASN F 100 -46.97 38.56 -11.91
CA ASN F 100 -48.31 37.94 -11.93
C ASN F 100 -49.19 38.60 -12.97
N ALA F 101 -48.76 38.56 -14.23
CA ALA F 101 -49.47 39.17 -15.36
C ALA F 101 -49.86 40.63 -15.09
N ALA G 1 -21.81 -2.46 32.93
CA ALA G 1 -23.11 -2.24 32.27
C ALA G 1 -23.00 -1.45 30.97
N ARG G 2 -22.17 -1.94 30.05
CA ARG G 2 -22.03 -1.30 28.73
C ARG G 2 -23.26 -1.61 27.86
N ARG G 3 -23.54 -2.91 27.74
CA ARG G 3 -24.72 -3.42 26.99
C ARG G 3 -26.08 -3.05 27.60
N ARG G 4 -26.43 -3.71 28.71
CA ARG G 4 -27.81 -3.76 29.27
C ARG G 4 -27.93 -2.89 30.51
N ARG G 5 -29.13 -2.85 31.07
CA ARG G 5 -29.41 -2.02 32.21
C ARG G 5 -29.40 -2.74 33.56
N ALA G 6 -28.83 -3.95 33.64
CA ALA G 6 -28.72 -4.72 34.92
C ALA G 6 -30.06 -5.03 35.64
N GLU G 7 -30.37 -6.31 35.83
CA GLU G 7 -31.58 -6.72 36.56
C GLU G 7 -31.42 -6.38 38.04
N VAL G 8 -32.39 -5.67 38.61
CA VAL G 8 -32.35 -5.34 40.05
C VAL G 8 -32.49 -6.64 40.83
N ARG G 9 -31.43 -7.04 41.54
CA ARG G 9 -31.41 -8.34 42.17
C ARG G 9 -32.57 -8.43 43.12
N GLN G 10 -33.49 -9.38 42.90
CA GLN G 10 -34.79 -9.39 43.62
C GLN G 10 -34.76 -10.25 44.86
N LEU G 11 -35.26 -9.70 45.98
CA LEU G 11 -34.85 -10.16 47.31
C LEU G 11 -35.88 -10.95 48.12
N GLN G 12 -35.40 -12.05 48.70
CA GLN G 12 -36.18 -12.88 49.60
C GLN G 12 -36.98 -12.05 50.63
N PRO G 13 -38.34 -12.11 50.61
CA PRO G 13 -39.05 -11.41 51.67
C PRO G 13 -38.65 -11.86 53.07
N ASP G 14 -38.93 -11.00 54.05
CA ASP G 14 -38.48 -11.22 55.41
C ASP G 14 -39.09 -12.47 56.05
N LEU G 15 -38.25 -13.17 56.82
CA LEU G 15 -38.64 -14.37 57.56
C LEU G 15 -39.66 -14.10 58.66
N VAL G 16 -39.82 -12.84 59.08
CA VAL G 16 -40.58 -12.51 60.29
C VAL G 16 -41.72 -11.50 60.08
N TYR G 17 -41.45 -10.33 59.51
CA TYR G 17 -42.53 -9.37 59.21
C TYR G 17 -42.98 -9.51 57.75
N GLY G 18 -42.30 -10.35 56.98
CA GLY G 18 -42.69 -10.66 55.59
C GLY G 18 -42.36 -9.58 54.58
N ASP G 19 -41.40 -8.72 54.91
CA ASP G 19 -41.06 -7.59 54.06
C ASP G 19 -39.67 -7.69 53.42
N VAL G 20 -39.67 -7.39 52.11
CA VAL G 20 -38.46 -7.32 51.30
C VAL G 20 -37.41 -6.33 51.84
N LEU G 21 -37.87 -5.13 52.19
CA LEU G 21 -36.97 -4.06 52.62
C LEU G 21 -36.18 -4.45 53.86
N VAL G 22 -36.64 -5.45 54.59
CA VAL G 22 -35.98 -5.79 55.82
C VAL G 22 -34.75 -6.66 55.58
N THR G 23 -34.91 -7.72 54.79
CA THR G 23 -33.77 -8.49 54.33
C THR G 23 -32.68 -7.59 53.80
N ALA G 24 -33.09 -6.63 52.97
CA ALA G 24 -32.16 -5.62 52.41
C ALA G 24 -31.30 -4.98 53.49
N PHE G 25 -31.96 -4.59 54.57
CA PHE G 25 -31.28 -4.00 55.69
C PHE G 25 -30.41 -5.02 56.39
N ILE G 26 -30.98 -6.18 56.69
CA ILE G 26 -30.23 -7.22 57.41
C ILE G 26 -28.94 -7.53 56.66
N ASN G 27 -29.04 -7.58 55.34
CA ASN G 27 -27.89 -7.71 54.44
C ASN G 27 -26.79 -6.66 54.56
N LYS G 28 -27.18 -5.38 54.58
CA LYS G 28 -26.21 -4.32 54.87
C LYS G 28 -25.63 -4.46 56.28
N ILE G 29 -26.39 -4.99 57.22
CA ILE G 29 -25.81 -5.24 58.52
C ILE G 29 -24.74 -6.32 58.42
N MET G 30 -24.98 -7.30 57.54
CA MET G 30 -24.21 -8.55 57.50
C MET G 30 -22.74 -8.42 57.04
N ARG G 31 -21.83 -8.96 57.83
CA ARG G 31 -20.41 -9.08 57.48
C ARG G 31 -20.23 -10.46 56.86
N ASP G 32 -19.04 -10.70 56.32
CA ASP G 32 -18.49 -12.03 55.99
C ASP G 32 -19.49 -13.21 55.81
N GLY G 33 -20.67 -12.95 55.24
CA GLY G 33 -21.67 -14.00 54.98
C GLY G 33 -22.48 -14.56 56.14
N LYS G 34 -22.35 -13.93 57.31
CA LYS G 34 -22.99 -14.39 58.54
C LYS G 34 -24.36 -13.77 58.68
N LYS G 35 -25.29 -14.27 57.86
CA LYS G 35 -26.68 -13.81 57.89
C LYS G 35 -27.39 -14.15 59.19
N ASN G 36 -26.88 -15.13 59.94
CA ASN G 36 -27.55 -15.50 61.16
C ASN G 36 -27.40 -14.41 62.22
N LEU G 37 -26.17 -14.32 62.74
CA LEU G 37 -25.71 -13.20 63.55
C LEU G 37 -26.25 -11.84 63.06
N ALA G 38 -26.17 -11.56 61.78
CA ALA G 38 -26.81 -10.35 61.26
C ALA G 38 -28.28 -10.29 61.61
N ALA G 39 -29.02 -11.37 61.37
CA ALA G 39 -30.46 -11.36 61.60
C ALA G 39 -30.83 -11.32 63.10
N ARG G 40 -30.13 -12.10 63.93
CA ARG G 40 -30.29 -11.93 65.38
C ARG G 40 -30.29 -10.45 65.65
N ILE G 41 -29.16 -9.79 65.38
CA ILE G 41 -29.00 -8.37 65.61
C ILE G 41 -30.26 -7.58 65.25
N PHE G 42 -30.73 -7.68 64.01
CA PHE G 42 -31.86 -6.83 63.59
C PHE G 42 -33.12 -7.12 64.34
N TYR G 43 -33.33 -8.39 64.65
CA TYR G 43 -34.48 -8.80 65.46
C TYR G 43 -34.33 -8.37 66.93
N ASP G 44 -33.22 -8.77 67.56
CA ASP G 44 -32.83 -8.24 68.88
C ASP G 44 -33.03 -6.73 68.95
N ALA G 45 -32.63 -6.03 67.91
CA ALA G 45 -32.84 -4.60 67.85
C ALA G 45 -34.31 -4.26 67.78
N CYS G 46 -35.09 -5.02 67.03
CA CYS G 46 -36.53 -4.76 66.97
C CYS G 46 -37.22 -4.98 68.31
N LYS G 47 -36.69 -5.89 69.13
CA LYS G 47 -37.22 -6.15 70.45
C LYS G 47 -36.91 -4.94 71.34
N ILE G 48 -35.76 -4.30 71.13
CA ILE G 48 -35.36 -3.10 71.90
C ILE G 48 -36.21 -1.91 71.49
N ILE G 49 -36.83 -1.96 70.32
CA ILE G 49 -37.77 -0.92 69.93
C ILE G 49 -39.04 -1.10 70.76
N GLN G 50 -39.51 -2.33 70.90
CA GLN G 50 -40.66 -2.64 71.75
C GLN G 50 -40.45 -2.13 73.17
N GLU G 51 -39.45 -2.66 73.85
CA GLU G 51 -39.30 -2.39 75.27
C GLU G 51 -39.12 -0.91 75.54
N LYS G 52 -38.50 -0.18 74.61
CA LYS G 52 -38.28 1.28 74.78
C LYS G 52 -39.32 2.17 74.07
N THR G 53 -40.43 1.59 73.60
CA THR G 53 -41.57 2.35 73.03
C THR G 53 -42.76 1.43 72.64
N GLY G 54 -43.99 1.94 72.75
CA GLY G 54 -45.18 1.15 72.40
C GLY G 54 -45.33 0.97 70.90
N GLN G 55 -44.37 1.48 70.15
CA GLN G 55 -44.33 1.42 68.68
C GLN G 55 -44.09 0.01 68.14
N GLU G 56 -44.74 -0.28 67.01
CA GLU G 56 -44.45 -1.51 66.26
C GLU G 56 -43.11 -1.30 65.54
N PRO G 57 -42.15 -2.23 65.71
CA PRO G 57 -40.84 -2.01 65.12
C PRO G 57 -40.89 -1.71 63.63
N LEU G 58 -41.61 -2.54 62.89
CA LEU G 58 -41.63 -2.39 61.45
C LEU G 58 -41.81 -0.93 61.03
N LYS G 59 -42.87 -0.28 61.52
CA LYS G 59 -43.17 1.09 61.06
C LYS G 59 -42.26 2.16 61.64
N VAL G 60 -41.46 1.83 62.66
CA VAL G 60 -40.33 2.70 63.07
C VAL G 60 -39.27 2.68 61.99
N PHE G 61 -38.84 1.47 61.63
CA PHE G 61 -37.79 1.24 60.65
C PHE G 61 -38.20 1.88 59.33
N LYS G 62 -39.34 1.46 58.80
CA LYS G 62 -39.92 2.11 57.62
C LYS G 62 -39.73 3.62 57.66
N GLN G 63 -40.17 4.24 58.74
CA GLN G 63 -40.24 5.69 58.77
C GLN G 63 -38.87 6.33 59.05
N ALA G 64 -37.92 5.53 59.54
CA ALA G 64 -36.55 6.00 59.74
C ALA G 64 -35.91 6.12 58.38
N VAL G 65 -35.96 5.03 57.63
CA VAL G 65 -35.48 4.98 56.26
C VAL G 65 -36.00 6.16 55.46
N GLU G 66 -37.32 6.31 55.47
CA GLU G 66 -37.94 7.38 54.72
C GLU G 66 -37.32 8.73 55.08
N ASN G 67 -36.83 8.87 56.31
CA ASN G 67 -36.13 10.09 56.77
C ASN G 67 -34.65 10.22 56.43
N VAL G 68 -34.06 9.15 55.95
CA VAL G 68 -32.66 9.17 55.63
C VAL G 68 -32.44 9.25 54.10
N LYS G 69 -33.47 9.00 53.32
CA LYS G 69 -33.37 9.09 51.85
C LYS G 69 -33.04 10.50 51.35
N PRO G 70 -31.93 10.65 50.61
CA PRO G 70 -31.64 11.92 49.97
C PRO G 70 -32.45 12.15 48.70
N ARG G 71 -32.83 13.41 48.47
CA ARG G 71 -33.62 13.81 47.31
C ARG G 71 -32.69 14.17 46.15
N MET G 72 -31.54 14.76 46.51
CA MET G 72 -30.59 15.23 45.52
C MET G 72 -29.20 14.89 46.04
N GLU G 73 -28.27 14.64 45.13
CA GLU G 73 -26.89 14.41 45.48
C GLU G 73 -25.96 15.08 44.49
N VAL G 74 -24.69 15.07 44.80
CA VAL G 74 -23.72 15.70 43.93
C VAL G 74 -22.75 14.65 43.44
N ARG G 75 -22.86 14.34 42.15
CA ARG G 75 -21.97 13.40 41.50
C ARG G 75 -20.92 14.26 40.86
N SER G 76 -19.65 13.85 40.99
CA SER G 76 -18.51 14.59 40.39
C SER G 76 -18.60 14.64 38.85
N ARG G 77 -17.90 15.58 38.22
CA ARG G 77 -18.02 15.75 36.76
C ARG G 77 -16.91 16.55 36.04
N ARG G 78 -16.31 15.92 35.04
CA ARG G 78 -15.35 16.56 34.13
C ARG G 78 -15.96 17.64 33.27
N VAL G 79 -15.27 18.76 33.10
CA VAL G 79 -15.70 19.78 32.12
C VAL G 79 -14.50 20.24 31.30
N GLY G 80 -13.80 19.27 30.69
CA GLY G 80 -12.65 19.54 29.84
C GLY G 80 -11.69 20.54 30.47
N GLY G 81 -11.31 20.27 31.72
CA GLY G 81 -10.51 21.19 32.51
C GLY G 81 -10.68 20.95 33.98
N ALA G 82 -11.89 21.17 34.46
CA ALA G 82 -12.19 21.09 35.89
C ALA G 82 -13.17 19.98 36.20
N ASN G 83 -13.06 19.39 37.40
CA ASN G 83 -14.10 18.50 37.94
C ASN G 83 -14.97 19.27 38.92
N TYR G 84 -16.27 19.39 38.60
CA TYR G 84 -17.24 20.11 39.42
C TYR G 84 -18.18 19.16 40.12
N GLN G 85 -18.73 19.58 41.25
CA GLN G 85 -19.74 18.78 41.94
C GLN G 85 -21.14 19.14 41.41
N VAL G 86 -21.78 18.20 40.72
CA VAL G 86 -22.99 18.51 39.99
C VAL G 86 -24.24 17.94 40.64
N PRO G 87 -25.17 18.83 40.99
CA PRO G 87 -26.37 18.44 41.70
C PRO G 87 -27.38 17.81 40.81
N MET G 88 -27.97 16.69 41.24
CA MET G 88 -29.01 16.04 40.46
C MET G 88 -29.87 15.06 41.23
N GLU G 89 -31.08 14.83 40.72
CA GLU G 89 -32.10 13.98 41.37
C GLU G 89 -31.57 12.56 41.59
N VAL G 90 -32.20 11.82 42.50
CA VAL G 90 -31.65 10.54 42.90
C VAL G 90 -32.62 9.39 42.70
N SER G 91 -32.27 8.51 41.78
CA SER G 91 -33.01 7.27 41.54
C SER G 91 -33.62 6.69 42.82
N PRO G 92 -34.93 6.38 42.80
CA PRO G 92 -35.55 5.62 43.91
C PRO G 92 -34.70 4.48 44.49
N ARG G 93 -34.11 3.61 43.66
CA ARG G 93 -33.15 2.57 44.13
C ARG G 93 -32.05 3.19 44.97
N ARG G 94 -31.40 4.18 44.39
CA ARG G 94 -30.25 4.74 45.03
C ARG G 94 -30.67 5.42 46.36
N GLN G 95 -31.86 6.02 46.37
CA GLN G 95 -32.40 6.55 47.61
C GLN G 95 -32.34 5.44 48.64
N GLN G 96 -33.01 4.34 48.29
CA GLN G 96 -33.16 3.24 49.22
C GLN G 96 -31.81 2.66 49.63
N SER G 97 -30.88 2.50 48.69
CA SER G 97 -29.58 1.89 49.06
C SER G 97 -28.81 2.79 50.01
N LEU G 98 -28.71 4.06 49.65
CA LEU G 98 -27.91 5.02 50.42
C LEU G 98 -28.45 5.18 51.83
N ALA G 99 -29.79 5.17 51.93
CA ALA G 99 -30.46 5.13 53.21
C ALA G 99 -29.90 3.98 54.06
N LEU G 100 -30.10 2.74 53.62
CA LEU G 100 -29.69 1.60 54.41
C LEU G 100 -28.17 1.55 54.59
N ARG G 101 -27.41 2.01 53.60
CA ARG G 101 -25.98 2.06 53.79
C ARG G 101 -25.70 2.98 54.96
N TRP G 102 -26.32 4.15 54.97
CA TRP G 102 -26.01 5.13 56.00
C TRP G 102 -26.54 4.73 57.36
N LEU G 103 -27.71 4.08 57.38
CA LEU G 103 -28.23 3.64 58.65
C LEU G 103 -27.19 2.80 59.35
N VAL G 104 -26.63 1.82 58.66
CA VAL G 104 -25.68 0.93 59.32
C VAL G 104 -24.34 1.56 59.63
N GLN G 105 -23.88 2.49 58.80
CA GLN G 105 -22.59 3.13 59.09
C GLN G 105 -22.77 4.04 60.28
N ALA G 106 -23.86 4.82 60.24
CA ALA G 106 -24.28 5.62 61.37
C ALA G 106 -24.40 4.76 62.65
N ALA G 107 -25.12 3.64 62.56
CA ALA G 107 -25.22 2.73 63.70
C ALA G 107 -23.85 2.43 64.25
N ASN G 108 -22.91 2.05 63.41
CA ASN G 108 -21.62 1.57 63.91
C ASN G 108 -20.61 2.66 64.30
N GLN G 109 -21.02 3.92 64.13
CA GLN G 109 -20.29 5.07 64.67
C GLN G 109 -20.67 5.30 66.13
N ARG G 110 -21.80 4.77 66.56
CA ARG G 110 -22.30 5.05 67.89
C ARG G 110 -21.42 4.48 69.01
N PRO G 111 -21.61 4.99 70.23
CA PRO G 111 -20.85 4.56 71.42
C PRO G 111 -21.26 3.22 72.06
N GLU G 112 -22.56 2.94 72.06
CA GLU G 112 -23.09 1.74 72.71
C GLU G 112 -22.39 0.46 72.24
N ARG G 113 -22.03 -0.41 73.19
CA ARG G 113 -21.05 -1.50 72.95
C ARG G 113 -21.65 -2.71 72.21
N ARG G 114 -22.95 -2.75 71.99
CA ARG G 114 -23.56 -3.95 71.42
C ARG G 114 -24.38 -3.64 70.20
N ALA G 115 -24.17 -4.43 69.16
CA ALA G 115 -24.61 -4.06 67.85
C ALA G 115 -26.12 -3.85 67.80
N ALA G 116 -26.87 -4.75 68.42
CA ALA G 116 -28.35 -4.67 68.39
C ALA G 116 -28.88 -3.35 68.94
N VAL G 117 -28.19 -2.83 69.95
CA VAL G 117 -28.52 -1.56 70.59
C VAL G 117 -28.28 -0.38 69.64
N ARG G 118 -27.05 -0.30 69.10
CA ARG G 118 -26.65 0.74 68.14
C ARG G 118 -27.62 0.75 66.99
N ILE G 119 -28.00 -0.42 66.51
CA ILE G 119 -28.92 -0.50 65.40
C ILE G 119 -30.23 0.10 65.85
N ALA G 120 -30.65 -0.26 67.06
CA ALA G 120 -31.95 0.16 67.60
C ALA G 120 -32.05 1.66 67.83
N HIS G 121 -31.05 2.21 68.50
CA HIS G 121 -31.09 3.62 68.88
C HIS G 121 -31.03 4.48 67.64
N GLU G 122 -30.08 4.18 66.77
CA GLU G 122 -29.96 4.89 65.50
C GLU G 122 -31.30 4.89 64.75
N LEU G 123 -31.92 3.73 64.63
CA LEU G 123 -33.27 3.68 64.07
C LEU G 123 -34.27 4.61 64.74
N MET G 124 -34.32 4.54 66.08
CA MET G 124 -35.21 5.40 66.86
C MET G 124 -34.91 6.84 66.48
N ASP G 125 -33.71 7.32 66.82
CA ASP G 125 -33.24 8.67 66.46
C ASP G 125 -33.58 9.12 65.03
N ALA G 126 -33.58 8.17 64.10
CA ALA G 126 -33.72 8.50 62.68
C ALA G 126 -35.17 8.79 62.34
N ALA G 127 -36.10 7.98 62.86
CA ALA G 127 -37.54 8.22 62.67
C ALA G 127 -37.95 9.54 63.29
N GLU G 128 -37.26 9.91 64.36
CA GLU G 128 -37.43 11.19 65.02
C GLU G 128 -36.84 12.33 64.20
N GLY G 129 -35.74 12.06 63.50
CA GLY G 129 -35.15 13.01 62.57
C GLY G 129 -33.79 13.51 62.99
N LYS G 130 -33.13 12.81 63.90
CA LYS G 130 -31.91 13.34 64.48
C LYS G 130 -30.84 12.29 64.74
N GLY G 131 -30.85 11.23 63.94
CA GLY G 131 -29.73 10.29 63.92
C GLY G 131 -28.52 10.91 63.23
N GLY G 132 -27.33 10.34 63.48
CA GLY G 132 -26.13 10.65 62.69
C GLY G 132 -26.29 10.37 61.20
N ALA G 133 -27.22 9.47 60.87
CA ALA G 133 -27.58 9.20 59.49
C ALA G 133 -28.16 10.44 58.83
N VAL G 134 -29.11 11.07 59.51
CA VAL G 134 -29.76 12.21 58.89
C VAL G 134 -28.80 13.40 58.75
N LYS G 135 -27.77 13.49 59.58
CA LYS G 135 -26.80 14.60 59.40
C LYS G 135 -25.96 14.27 58.16
N LYS G 136 -25.37 13.07 58.09
CA LYS G 136 -24.73 12.55 56.83
C LYS G 136 -25.64 12.53 55.61
N LYS G 137 -26.63 13.43 55.55
CA LYS G 137 -27.71 13.34 54.57
C LYS G 137 -28.28 14.71 54.24
N GLU G 138 -28.65 15.46 55.28
CA GLU G 138 -28.93 16.87 55.13
C GLU G 138 -27.63 17.50 54.67
N ASP G 139 -26.50 16.92 55.11
CA ASP G 139 -25.17 17.22 54.58
C ASP G 139 -25.12 17.10 53.06
N VAL G 140 -25.65 15.98 52.53
CA VAL G 140 -25.72 15.78 51.07
C VAL G 140 -26.69 16.75 50.41
N GLU G 141 -27.97 16.65 50.75
CA GLU G 141 -28.97 17.58 50.22
C GLU G 141 -28.50 19.04 50.29
N ARG G 142 -27.77 19.41 51.34
CA ARG G 142 -27.11 20.72 51.42
C ARG G 142 -26.14 20.95 50.31
N MET G 143 -25.21 20.02 50.12
CA MET G 143 -24.08 20.26 49.22
C MET G 143 -24.55 20.37 47.79
N ALA G 144 -25.49 19.52 47.41
CA ALA G 144 -26.25 19.74 46.21
C ALA G 144 -27.10 20.90 46.57
N GLU G 145 -27.47 21.75 45.63
CA GLU G 145 -28.30 22.91 46.00
C GLU G 145 -27.42 24.07 46.50
N ALA G 146 -26.39 23.76 47.27
CA ALA G 146 -25.33 24.73 47.53
C ALA G 146 -24.35 24.73 46.36
N ASN G 147 -24.55 23.82 45.42
CA ASN G 147 -23.84 23.86 44.15
C ASN G 147 -24.81 24.10 43.02
N ARG G 148 -25.94 24.75 43.31
CA ARG G 148 -27.04 24.80 42.36
C ARG G 148 -26.71 25.58 41.08
N ALA G 149 -25.60 26.31 41.08
CA ALA G 149 -25.08 26.95 39.87
C ALA G 149 -24.75 25.96 38.73
N TYR G 150 -24.36 24.75 39.10
CA TYR G 150 -23.95 23.76 38.14
C TYR G 150 -25.08 22.80 37.76
N ALA G 151 -26.28 23.06 38.26
CA ALA G 151 -27.45 22.29 37.86
C ALA G 151 -27.73 22.37 36.35
N HIS G 152 -27.00 23.23 35.63
CA HIS G 152 -27.14 23.32 34.18
C HIS G 152 -26.15 22.43 33.39
N TYR G 153 -25.73 21.31 34.00
CA TYR G 153 -25.23 20.13 33.27
C TYR G 153 -26.21 18.96 33.45
N ARG G 154 -26.20 18.34 34.64
CA ARG G 154 -27.02 17.15 34.97
C ARG G 154 -26.58 15.82 34.32
N TRP G 155 -25.98 15.90 33.13
CA TRP G 155 -25.56 14.74 32.34
C TRP G 155 -26.30 13.42 32.62
N MET H 1 -9.11 31.79 -37.19
CA MET H 1 -9.57 31.90 -38.61
C MET H 1 -9.53 30.58 -39.39
N LEU H 2 -8.98 29.51 -38.79
CA LEU H 2 -8.68 28.25 -39.49
C LEU H 2 -7.35 28.47 -40.24
N THR H 3 -6.26 27.94 -39.72
CA THR H 3 -4.95 28.18 -40.32
C THR H 3 -4.61 27.15 -41.42
N ASP H 4 -5.08 25.92 -41.23
CA ASP H 4 -4.82 24.82 -42.16
C ASP H 4 -6.07 23.97 -42.48
N PRO H 5 -6.79 24.36 -43.53
CA PRO H 5 -8.01 23.71 -43.97
C PRO H 5 -7.86 22.23 -44.29
N ILE H 6 -6.68 21.88 -44.77
CA ILE H 6 -6.37 20.49 -45.08
C ILE H 6 -6.22 19.76 -43.78
N ALA H 7 -5.56 20.37 -42.82
CA ALA H 7 -5.41 19.68 -41.55
C ALA H 7 -6.78 19.58 -40.97
N ASP H 8 -7.59 20.62 -41.21
CA ASP H 8 -8.94 20.60 -40.68
C ASP H 8 -9.72 19.41 -41.24
N MET H 9 -9.72 19.31 -42.57
CA MET H 9 -10.41 18.25 -43.28
C MET H 9 -10.03 16.90 -42.74
N LEU H 10 -8.73 16.66 -42.71
CA LEU H 10 -8.18 15.42 -42.23
C LEU H 10 -8.66 15.10 -40.85
N THR H 11 -8.83 16.11 -40.03
CA THR H 11 -9.07 15.90 -38.62
C THR H 11 -10.57 15.64 -38.44
N ARG H 12 -11.38 16.33 -39.23
CA ARG H 12 -12.82 16.05 -39.29
C ARG H 12 -13.05 14.60 -39.60
N ILE H 13 -12.27 14.07 -40.54
CA ILE H 13 -12.34 12.68 -40.91
C ILE H 13 -11.88 11.87 -39.70
N ARG H 14 -10.66 12.13 -39.23
CA ARG H 14 -10.15 11.37 -38.07
C ARG H 14 -11.24 11.29 -36.99
N ASN H 15 -11.89 12.41 -36.71
CA ASN H 15 -12.85 12.48 -35.60
C ASN H 15 -14.18 11.75 -35.84
N ALA H 16 -14.77 11.96 -37.02
CA ALA H 16 -16.03 11.31 -37.41
C ALA H 16 -15.85 9.81 -37.46
N THR H 17 -14.71 9.36 -37.94
CA THR H 17 -14.50 7.94 -38.02
C THR H 17 -14.36 7.36 -36.63
N ARG H 18 -13.86 8.10 -35.66
CA ARG H 18 -13.59 7.45 -34.38
C ARG H 18 -14.86 7.17 -33.64
N VAL H 19 -15.96 7.83 -34.03
CA VAL H 19 -17.29 7.48 -33.51
C VAL H 19 -18.27 6.86 -34.54
N TYR H 20 -17.67 6.33 -35.62
CA TYR H 20 -18.37 5.55 -36.60
C TYR H 20 -19.52 6.31 -37.21
N LYS H 21 -19.31 7.59 -37.40
CA LYS H 21 -20.21 8.39 -38.16
C LYS H 21 -20.36 7.84 -39.60
N GLU H 22 -21.54 8.00 -40.15
CA GLU H 22 -21.78 7.67 -41.56
C GLU H 22 -21.18 8.77 -42.49
N SER H 23 -21.14 10.01 -42.06
CA SER H 23 -20.60 11.04 -42.94
C SER H 23 -20.06 12.27 -42.19
N THR H 24 -19.21 13.06 -42.84
CA THR H 24 -18.95 14.43 -42.38
C THR H 24 -19.00 15.41 -43.51
N ASP H 25 -19.50 16.61 -43.26
CA ASP H 25 -19.29 17.71 -44.20
C ASP H 25 -17.99 18.41 -43.83
N VAL H 26 -17.32 19.01 -44.82
CA VAL H 26 -16.09 19.78 -44.60
C VAL H 26 -16.17 20.91 -45.59
N PRO H 27 -15.88 22.14 -45.16
CA PRO H 27 -16.06 23.25 -46.09
C PRO H 27 -15.29 22.97 -47.32
N ALA H 28 -15.89 23.28 -48.46
CA ALA H 28 -15.42 22.86 -49.75
C ALA H 28 -14.25 23.69 -50.24
N SER H 29 -13.25 23.01 -50.80
CA SER H 29 -12.19 23.66 -51.57
C SER H 29 -11.77 22.69 -52.68
N ARG H 30 -11.51 23.24 -53.88
CA ARG H 30 -11.01 22.48 -55.03
C ARG H 30 -9.84 21.60 -54.59
N PHE H 31 -8.85 22.20 -53.94
CA PHE H 31 -7.71 21.43 -53.39
C PHE H 31 -8.22 20.31 -52.51
N LYS H 32 -9.16 20.61 -51.63
CA LYS H 32 -9.68 19.58 -50.75
C LYS H 32 -10.26 18.43 -51.59
N GLU H 33 -11.04 18.76 -52.62
CA GLU H 33 -11.68 17.78 -53.49
C GLU H 33 -10.69 16.81 -54.10
N GLU H 34 -9.56 17.37 -54.56
CA GLU H 34 -8.53 16.56 -55.22
C GLU H 34 -7.93 15.50 -54.28
N ILE H 35 -7.79 15.87 -53.01
CA ILE H 35 -7.29 14.97 -51.99
C ILE H 35 -8.29 13.87 -51.68
N LEU H 36 -9.56 14.25 -51.67
CA LEU H 36 -10.63 13.30 -51.46
C LEU H 36 -10.67 12.30 -52.60
N ARG H 37 -10.52 12.80 -53.85
CA ARG H 37 -10.55 11.90 -55.03
C ARG H 37 -9.58 10.77 -54.82
N ILE H 38 -8.34 11.13 -54.52
CA ILE H 38 -7.36 10.13 -54.20
C ILE H 38 -7.87 9.22 -53.08
N LEU H 39 -8.34 9.87 -52.03
CA LEU H 39 -8.78 9.16 -50.87
C LEU H 39 -9.82 8.10 -51.24
N ALA H 40 -10.76 8.50 -52.11
CA ALA H 40 -11.85 7.63 -52.56
C ALA H 40 -11.33 6.52 -53.47
N ARG H 41 -10.66 6.88 -54.57
CA ARG H 41 -9.96 5.90 -55.39
C ARG H 41 -9.16 4.86 -54.57
N GLU H 42 -8.59 5.24 -53.46
CA GLU H 42 -7.72 4.28 -52.84
C GLU H 42 -8.48 3.45 -51.84
N GLY H 43 -9.79 3.72 -51.76
CA GLY H 43 -10.67 2.94 -50.88
C GLY H 43 -10.51 3.22 -49.41
N PHE H 44 -10.39 4.50 -49.06
CA PHE H 44 -10.33 4.92 -47.66
C PHE H 44 -11.66 5.43 -47.29
N ILE H 45 -12.28 6.12 -48.21
CA ILE H 45 -13.64 6.49 -48.02
C ILE H 45 -14.55 5.74 -48.99
N LYS H 46 -15.85 5.85 -48.81
CA LYS H 46 -16.78 5.35 -49.81
C LYS H 46 -16.72 6.31 -50.99
N GLY H 47 -16.89 7.60 -50.72
CA GLY H 47 -16.91 8.57 -51.79
C GLY H 47 -17.28 9.88 -51.17
N TYR H 48 -17.48 10.90 -51.98
CA TYR H 48 -17.77 12.21 -51.44
C TYR H 48 -18.68 12.90 -52.40
N GLU H 49 -19.25 14.04 -52.01
CA GLU H 49 -20.04 14.85 -52.94
C GLU H 49 -20.25 16.29 -52.47
N ARG H 50 -20.35 17.20 -53.44
CA ARG H 50 -20.70 18.58 -53.16
C ARG H 50 -22.14 18.69 -52.67
N VAL H 51 -22.36 19.62 -51.74
CA VAL H 51 -23.65 19.88 -51.08
C VAL H 51 -23.64 21.35 -50.61
N ASP H 52 -24.79 21.88 -50.21
CA ASP H 52 -24.85 23.21 -49.57
C ASP H 52 -25.37 23.04 -48.17
N VAL H 53 -24.72 23.69 -47.22
CA VAL H 53 -25.16 23.65 -45.84
C VAL H 53 -25.34 25.11 -45.48
N ASP H 54 -26.55 25.47 -45.07
CA ASP H 54 -26.95 26.88 -44.99
C ASP H 54 -26.50 27.57 -46.27
N GLY H 55 -26.83 26.97 -47.40
CA GLY H 55 -26.50 27.53 -48.71
C GLY H 55 -25.02 27.82 -48.99
N LYS H 56 -24.12 27.16 -48.25
CA LYS H 56 -22.67 27.30 -48.48
C LYS H 56 -22.01 25.97 -48.85
N PRO H 57 -21.08 25.99 -49.82
CA PRO H 57 -20.43 24.80 -50.36
C PRO H 57 -19.69 23.93 -49.35
N TYR H 58 -20.12 22.67 -49.23
CA TYR H 58 -19.41 21.69 -48.43
C TYR H 58 -19.04 20.56 -49.29
N LEU H 59 -18.40 19.58 -48.68
CA LEU H 59 -18.18 18.30 -49.31
C LEU H 59 -18.61 17.26 -48.29
N ARG H 60 -19.77 16.64 -48.48
CA ARG H 60 -20.12 15.52 -47.65
C ARG H 60 -19.21 14.38 -48.05
N VAL H 61 -18.87 13.54 -47.10
CA VAL H 61 -17.78 12.61 -47.28
C VAL H 61 -18.22 11.33 -46.63
N TYR H 62 -18.43 10.31 -47.44
CA TYR H 62 -19.01 9.11 -46.90
C TYR H 62 -17.87 8.22 -46.40
N LEU H 63 -17.90 7.93 -45.10
CA LEU H 63 -16.84 7.17 -44.45
C LEU H 63 -17.16 5.70 -44.58
N LYS H 64 -16.21 4.85 -44.19
CA LYS H 64 -16.27 3.44 -44.49
C LYS H 64 -15.44 2.64 -43.49
N TYR H 65 -16.00 1.57 -42.96
CA TYR H 65 -15.38 0.83 -41.85
C TYR H 65 -15.31 -0.65 -42.18
N GLY H 66 -14.75 -1.43 -41.26
CA GLY H 66 -14.74 -2.89 -41.34
C GLY H 66 -16.11 -3.46 -41.07
N PRO H 67 -16.20 -4.78 -40.89
CA PRO H 67 -17.39 -5.36 -40.30
C PRO H 67 -17.37 -5.29 -38.77
N ARG H 68 -18.56 -5.41 -38.20
CA ARG H 68 -18.74 -5.73 -36.79
C ARG H 68 -17.72 -6.78 -36.39
N ARG H 69 -17.27 -6.73 -35.13
CA ARG H 69 -16.22 -7.60 -34.64
C ARG H 69 -16.77 -8.46 -33.52
N GLN H 70 -15.97 -9.38 -33.00
CA GLN H 70 -16.54 -10.45 -32.19
C GLN H 70 -16.78 -10.10 -30.75
N GLY H 71 -15.76 -10.16 -29.90
CA GLY H 71 -16.04 -10.33 -28.46
C GLY H 71 -16.69 -9.17 -27.71
N PRO H 72 -16.02 -8.70 -26.65
CA PRO H 72 -16.43 -7.45 -26.07
C PRO H 72 -15.89 -6.38 -26.97
N ASP H 73 -16.63 -5.30 -27.15
CA ASP H 73 -16.28 -4.25 -28.12
C ASP H 73 -16.33 -4.81 -29.52
N PRO H 74 -17.51 -4.78 -30.11
CA PRO H 74 -17.65 -5.24 -31.45
C PRO H 74 -17.59 -4.05 -32.40
N ARG H 75 -16.92 -2.97 -32.03
CA ARG H 75 -16.81 -1.84 -32.93
C ARG H 75 -15.93 -2.26 -34.09
N PRO H 76 -16.34 -1.92 -35.31
CA PRO H 76 -15.68 -2.28 -36.56
C PRO H 76 -14.20 -1.91 -36.57
N GLU H 77 -13.38 -2.69 -37.28
CA GLU H 77 -12.01 -2.21 -37.62
C GLU H 77 -12.15 -0.95 -38.46
N GLN H 78 -11.14 -0.10 -38.39
CA GLN H 78 -11.22 1.13 -39.15
C GLN H 78 -10.47 0.99 -40.46
N VAL H 79 -10.94 1.67 -41.49
CA VAL H 79 -10.25 1.63 -42.77
C VAL H 79 -9.12 2.67 -42.71
N ILE H 80 -9.47 3.89 -42.29
CA ILE H 80 -8.48 4.90 -42.01
C ILE H 80 -8.01 4.67 -40.57
N HIS H 81 -7.01 3.83 -40.43
CA HIS H 81 -6.33 3.64 -39.16
C HIS H 81 -5.59 4.90 -38.73
N HIS H 82 -5.06 5.65 -39.70
CA HIS H 82 -4.11 6.72 -39.42
C HIS H 82 -4.24 7.70 -40.55
N ILE H 83 -4.22 8.97 -40.25
CA ILE H 83 -4.27 10.00 -41.29
C ILE H 83 -3.66 11.20 -40.63
N ARG H 84 -2.79 11.93 -41.31
CA ARG H 84 -1.86 12.81 -40.64
C ARG H 84 -1.15 13.77 -41.58
N ARG H 85 -1.36 15.07 -41.38
CA ARG H 85 -0.60 16.09 -42.10
C ARG H 85 0.89 16.00 -41.95
N ILE H 86 1.59 16.42 -42.99
CA ILE H 86 3.03 16.52 -42.92
C ILE H 86 3.41 17.98 -43.15
N SER H 87 3.38 18.41 -44.42
CA SER H 87 3.68 19.78 -44.73
C SER H 87 2.64 20.60 -43.96
N LYS H 88 3.03 21.67 -43.26
CA LYS H 88 2.05 22.56 -42.64
C LYS H 88 2.51 24.01 -42.61
N PRO H 89 1.56 24.96 -42.41
CA PRO H 89 1.89 26.39 -42.53
C PRO H 89 3.15 26.76 -41.77
N GLY H 90 3.29 26.14 -40.60
CA GLY H 90 4.41 26.41 -39.72
C GLY H 90 5.72 25.92 -40.31
N ARG H 91 5.62 24.91 -41.18
CA ARG H 91 6.75 24.23 -41.69
C ARG H 91 6.38 23.38 -42.87
N ARG H 92 6.57 23.93 -44.06
CA ARG H 92 6.33 23.19 -45.30
C ARG H 92 7.36 22.09 -45.48
N VAL H 93 6.92 20.97 -46.01
CA VAL H 93 7.82 19.87 -46.34
C VAL H 93 7.69 19.50 -47.80
N TYR H 94 8.80 19.58 -48.51
CA TYR H 94 8.85 19.36 -49.94
C TYR H 94 9.79 18.18 -50.19
N VAL H 95 9.47 17.30 -51.13
CA VAL H 95 10.42 16.24 -51.49
C VAL H 95 10.64 16.07 -52.96
N GLY H 96 11.88 15.77 -53.28
CA GLY H 96 12.23 15.23 -54.56
C GLY H 96 11.75 13.80 -54.58
N VAL H 97 11.70 13.26 -55.79
CA VAL H 97 11.07 12.00 -56.05
C VAL H 97 11.90 10.89 -55.45
N LYS H 98 13.17 11.16 -55.26
CA LYS H 98 14.02 10.15 -54.68
C LYS H 98 13.80 10.01 -53.17
N GLU H 99 13.12 10.98 -52.56
CA GLU H 99 12.92 10.99 -51.10
C GLU H 99 11.45 11.06 -50.78
N ILE H 100 10.60 10.51 -51.62
CA ILE H 100 9.22 10.30 -51.25
C ILE H 100 9.17 9.02 -50.43
N PRO H 101 8.60 9.08 -49.24
CA PRO H 101 8.68 7.87 -48.40
C PRO H 101 7.67 6.75 -48.71
N ARG H 102 8.05 5.54 -48.32
CA ARG H 102 7.22 4.34 -48.45
C ARG H 102 6.38 4.24 -47.17
N VAL H 103 5.10 4.53 -47.28
CA VAL H 103 4.24 4.56 -46.10
C VAL H 103 3.78 3.15 -45.74
N ARG H 104 4.23 2.71 -44.57
CA ARG H 104 3.89 1.40 -44.04
C ARG H 104 4.09 0.30 -45.09
N ARG H 105 5.34 0.21 -45.56
CA ARG H 105 5.70 -0.65 -46.68
C ARG H 105 4.63 -0.63 -47.78
N GLY H 106 4.14 0.55 -48.18
CA GLY H 106 3.09 0.60 -49.18
C GLY H 106 1.66 0.13 -48.82
N LEU H 107 1.44 -0.46 -47.65
CA LEU H 107 0.05 -0.73 -47.23
C LEU H 107 -0.67 0.58 -46.96
N GLY H 108 0.11 1.69 -46.94
CA GLY H 108 -0.37 3.06 -46.75
C GLY H 108 0.01 3.98 -47.90
N ILE H 109 -0.68 5.09 -47.99
CA ILE H 109 -0.51 6.05 -49.03
C ILE H 109 0.42 7.19 -48.52
N ALA H 110 0.95 8.04 -49.39
CA ALA H 110 1.14 9.46 -49.04
C ALA H 110 0.57 10.35 -50.12
N ILE H 111 -0.36 11.21 -49.80
CA ILE H 111 -0.86 12.16 -50.77
C ILE H 111 0.20 13.24 -50.87
N LEU H 112 0.22 13.92 -51.99
CA LEU H 112 1.42 14.63 -52.39
C LEU H 112 1.07 15.61 -53.48
N SER H 113 1.38 16.88 -53.32
CA SER H 113 0.95 17.85 -54.34
C SER H 113 2.12 18.15 -55.24
N THR H 114 1.90 18.05 -56.56
CA THR H 114 2.95 18.23 -57.55
C THR H 114 2.44 19.12 -58.67
N SER H 115 3.38 19.59 -59.50
CA SER H 115 3.05 20.43 -60.69
C SER H 115 2.38 19.64 -61.78
N LYS H 116 2.27 18.33 -61.61
CA LYS H 116 1.43 17.48 -62.44
C LYS H 116 0.21 17.03 -61.63
N GLY H 117 -0.25 17.92 -60.73
CA GLY H 117 -1.45 17.68 -59.83
C GLY H 117 -1.25 16.90 -58.53
N VAL H 118 -2.31 16.73 -57.76
CA VAL H 118 -2.18 15.98 -56.48
C VAL H 118 -2.10 14.48 -56.81
N LEU H 119 -1.22 13.76 -56.14
CA LEU H 119 -0.90 12.36 -56.49
C LEU H 119 -0.57 11.56 -55.26
N THR H 120 -0.67 10.24 -55.38
CA THR H 120 -0.19 9.38 -54.32
C THR H 120 1.26 9.20 -54.59
N ASP H 121 1.96 8.56 -53.66
CA ASP H 121 3.39 8.34 -53.82
C ASP H 121 3.66 7.53 -55.08
N ARG H 122 2.90 6.45 -55.27
CA ARG H 122 3.14 5.55 -56.39
C ARG H 122 2.89 6.31 -57.71
N GLU H 123 1.70 6.90 -57.86
CA GLU H 123 1.35 7.68 -59.05
C GLU H 123 2.52 8.64 -59.33
N ALA H 124 2.96 9.38 -58.33
CA ALA H 124 3.96 10.40 -58.55
C ALA H 124 5.34 9.83 -58.83
N ARG H 125 5.70 8.77 -58.17
CA ARG H 125 6.98 8.15 -58.43
C ARG H 125 7.08 7.61 -59.89
N LYS H 126 5.98 7.07 -60.41
CA LYS H 126 6.00 6.50 -61.76
C LYS H 126 5.98 7.62 -62.76
N LEU H 127 5.19 8.63 -62.45
CA LEU H 127 5.14 9.88 -63.18
C LEU H 127 6.46 10.65 -63.05
N GLY H 128 7.45 10.07 -62.37
CA GLY H 128 8.71 10.76 -62.00
C GLY H 128 8.68 12.21 -61.47
N VAL H 129 7.79 12.53 -60.53
CA VAL H 129 7.83 13.85 -59.82
C VAL H 129 7.73 13.82 -58.31
N GLY H 130 8.12 14.94 -57.72
CA GLY H 130 7.85 15.20 -56.31
C GLY H 130 7.08 16.50 -56.10
N GLY H 131 7.08 16.95 -54.84
CA GLY H 131 6.47 18.22 -54.44
C GLY H 131 6.10 18.22 -52.97
N GLU H 132 5.13 19.05 -52.61
CA GLU H 132 4.74 19.26 -51.22
C GLU H 132 4.11 18.01 -50.69
N LEU H 133 4.68 17.50 -49.59
CA LEU H 133 4.25 16.26 -48.93
C LEU H 133 3.09 16.56 -47.99
N ILE H 134 1.88 16.51 -48.54
CA ILE H 134 0.65 16.89 -47.84
C ILE H 134 0.26 16.09 -46.58
N CYS H 135 0.34 14.76 -46.64
CA CYS H 135 -0.20 13.91 -45.57
C CYS H 135 0.09 12.46 -45.82
N GLU H 136 0.05 11.64 -44.78
CA GLU H 136 0.22 10.21 -44.98
C GLU H 136 -0.98 9.50 -44.39
N VAL H 137 -1.55 8.56 -45.12
CA VAL H 137 -2.73 7.84 -44.67
C VAL H 137 -2.47 6.35 -44.71
N TRP H 138 -2.74 5.66 -43.60
CA TRP H 138 -2.73 4.19 -43.56
C TRP H 138 -3.96 3.59 -42.90
N GLU I 1 -51.57 -43.23 53.04
CA GLU I 1 -50.64 -43.62 54.15
C GLU I 1 -49.29 -42.90 54.03
N GLN I 2 -48.86 -42.57 52.80
CA GLN I 2 -47.52 -42.03 52.55
C GLN I 2 -47.47 -40.93 51.47
N TYR I 3 -46.54 -39.99 51.63
CA TYR I 3 -46.36 -38.87 50.70
C TYR I 3 -44.86 -38.59 50.55
N TYR I 4 -44.38 -38.34 49.34
CA TYR I 4 -42.93 -38.25 49.15
C TYR I 4 -42.49 -37.17 48.15
N GLY I 5 -41.41 -36.52 48.51
CA GLY I 5 -40.72 -35.59 47.63
C GLY I 5 -39.24 -35.66 47.97
N THR I 6 -38.40 -35.65 46.95
CA THR I 6 -36.97 -35.56 47.18
C THR I 6 -36.55 -34.13 46.89
N GLY I 7 -35.91 -33.51 47.89
CA GLY I 7 -35.35 -32.18 47.74
C GLY I 7 -33.84 -32.21 47.64
N ARG I 8 -33.31 -31.39 46.74
CA ARG I 8 -31.88 -31.10 46.76
C ARG I 8 -31.63 -29.59 46.61
N ARG I 9 -30.53 -29.16 47.23
CA ARG I 9 -30.03 -27.81 47.08
C ARG I 9 -28.63 -27.83 47.54
N LYS I 10 -27.69 -28.02 46.60
CA LYS I 10 -26.31 -27.65 46.84
C LYS I 10 -25.65 -28.61 47.84
N GLU I 11 -25.46 -29.84 47.42
CA GLU I 11 -24.87 -30.90 48.25
C GLU I 11 -25.77 -31.46 49.34
N ALA I 12 -26.91 -30.84 49.59
CA ALA I 12 -27.80 -31.39 50.57
C ALA I 12 -28.87 -32.14 49.81
N VAL I 13 -29.24 -33.31 50.33
CA VAL I 13 -30.46 -34.00 49.88
C VAL I 13 -31.47 -34.16 51.04
N ALA I 14 -32.75 -33.93 50.69
CA ALA I 14 -33.88 -33.99 51.62
C ALA I 14 -34.90 -35.09 51.25
N ARG I 15 -34.87 -36.16 52.04
CA ARG I 15 -35.83 -37.24 51.94
C ARG I 15 -37.06 -36.84 52.77
N VAL I 16 -38.19 -36.58 52.10
CA VAL I 16 -39.34 -35.99 52.80
C VAL I 16 -40.59 -36.87 52.72
N PHE I 17 -41.05 -37.34 53.88
CA PHE I 17 -42.31 -38.07 53.97
C PHE I 17 -43.35 -37.29 54.77
N LEU I 18 -44.45 -36.93 54.13
CA LEU I 18 -45.58 -36.36 54.86
C LEU I 18 -46.52 -37.47 55.33
N ARG I 19 -47.42 -37.09 56.25
CA ARG I 19 -48.42 -37.98 56.81
C ARG I 19 -49.65 -37.15 57.17
N PRO I 20 -50.83 -37.79 57.29
CA PRO I 20 -52.00 -36.97 57.59
C PRO I 20 -52.07 -36.62 59.07
N GLY I 21 -52.90 -35.64 59.44
CA GLY I 21 -53.32 -35.45 60.83
C GLY I 21 -52.69 -34.32 61.65
N ASN I 22 -51.65 -34.65 62.42
CA ASN I 22 -51.26 -33.84 63.60
C ASN I 22 -50.66 -32.44 63.35
N GLY I 23 -49.45 -32.35 62.80
CA GLY I 23 -48.75 -31.08 62.66
C GLY I 23 -47.25 -31.09 62.93
N LYS I 24 -46.73 -32.14 63.56
CA LYS I 24 -45.35 -32.11 64.05
C LYS I 24 -44.36 -32.75 63.09
N VAL I 25 -43.10 -32.34 63.21
CA VAL I 25 -42.08 -32.60 62.21
C VAL I 25 -40.81 -33.21 62.78
N THR I 26 -40.49 -34.42 62.34
CA THR I 26 -39.23 -35.05 62.73
C THR I 26 -38.18 -34.75 61.66
N VAL I 27 -36.96 -34.52 62.11
CA VAL I 27 -35.82 -34.38 61.21
C VAL I 27 -34.61 -35.11 61.79
N ASN I 28 -34.26 -36.25 61.19
CA ASN I 28 -33.11 -37.03 61.64
C ASN I 28 -33.26 -37.40 63.10
N GLY I 29 -34.46 -37.86 63.46
CA GLY I 29 -34.78 -38.33 64.82
C GLY I 29 -34.65 -37.22 65.83
N GLN I 30 -35.36 -36.13 65.53
CA GLN I 30 -35.25 -34.87 66.27
C GLN I 30 -36.37 -33.95 65.85
N ASP I 31 -36.86 -33.13 66.77
CA ASP I 31 -37.89 -32.16 66.42
C ASP I 31 -37.23 -31.12 65.52
N PHE I 32 -37.99 -30.64 64.54
CA PHE I 32 -37.55 -29.57 63.64
C PHE I 32 -36.80 -28.49 64.39
N ASN I 33 -37.43 -28.02 65.47
CA ASN I 33 -36.95 -26.86 66.19
C ASN I 33 -35.73 -27.12 67.06
N GLU I 34 -35.43 -28.37 67.37
CA GLU I 34 -34.19 -28.62 68.10
C GLU I 34 -33.06 -28.94 67.14
N TYR I 35 -33.36 -29.35 65.90
CA TYR I 35 -32.32 -29.55 64.91
C TYR I 35 -31.90 -28.20 64.35
N PHE I 36 -32.86 -27.47 63.81
CA PHE I 36 -32.63 -26.10 63.36
C PHE I 36 -32.81 -25.10 64.49
N GLN I 37 -31.98 -25.25 65.51
CA GLN I 37 -32.09 -24.41 66.67
C GLN I 37 -31.24 -23.18 66.50
N GLY I 38 -31.88 -22.02 66.69
CA GLY I 38 -31.21 -20.72 66.63
C GLY I 38 -31.17 -20.16 65.22
N LEU I 39 -31.31 -21.04 64.22
CA LEU I 39 -31.04 -20.67 62.85
C LEU I 39 -32.27 -19.98 62.28
N VAL I 40 -32.23 -18.65 62.24
CA VAL I 40 -33.39 -17.82 61.87
C VAL I 40 -34.08 -18.29 60.61
N ARG I 41 -33.27 -18.77 59.68
CA ARG I 41 -33.74 -19.05 58.34
C ARG I 41 -34.78 -20.20 58.25
N ALA I 42 -34.78 -21.09 59.26
CA ALA I 42 -35.47 -22.40 59.16
C ALA I 42 -36.96 -22.34 58.85
N VAL I 43 -37.67 -21.42 59.50
CA VAL I 43 -39.11 -21.29 59.26
C VAL I 43 -39.48 -21.23 57.77
N ALA I 44 -38.48 -21.05 56.90
CA ALA I 44 -38.69 -21.02 55.45
C ALA I 44 -38.97 -22.39 54.89
N ALA I 45 -38.32 -23.43 55.43
CA ALA I 45 -38.46 -24.83 54.93
C ALA I 45 -39.91 -25.33 54.84
N LEU I 46 -40.77 -24.83 55.73
CA LEU I 46 -42.16 -25.22 55.80
C LEU I 46 -43.03 -24.21 55.05
N GLU I 47 -42.41 -23.29 54.32
CA GLU I 47 -43.16 -22.24 53.63
C GLU I 47 -44.13 -22.78 52.58
N PRO I 48 -43.81 -23.95 51.97
CA PRO I 48 -44.76 -24.67 51.10
C PRO I 48 -46.10 -25.04 51.76
N LEU I 49 -46.06 -25.36 53.06
CA LEU I 49 -47.27 -25.75 53.78
C LEU I 49 -48.18 -24.55 53.93
N ARG I 50 -47.69 -23.48 54.55
CA ARG I 50 -48.43 -22.21 54.66
C ARG I 50 -49.04 -21.71 53.34
N ALA I 51 -48.39 -22.04 52.22
CA ALA I 51 -48.87 -21.67 50.89
C ALA I 51 -50.22 -22.26 50.55
N VAL I 52 -50.41 -23.54 50.87
CA VAL I 52 -51.63 -24.26 50.52
C VAL I 52 -52.56 -24.48 51.71
N ASP I 53 -52.22 -23.89 52.86
CA ASP I 53 -52.96 -24.01 54.13
C ASP I 53 -52.81 -25.37 54.86
N ALA I 54 -51.90 -26.20 54.38
CA ALA I 54 -51.47 -27.38 55.14
C ALA I 54 -50.92 -27.06 56.54
N LEU I 55 -50.73 -25.76 56.84
CA LEU I 55 -50.31 -25.26 58.17
C LEU I 55 -49.75 -26.35 59.09
N GLY I 56 -50.63 -27.16 59.67
CA GLY I 56 -50.22 -28.28 60.51
C GLY I 56 -51.28 -29.37 60.52
N ARG I 57 -51.82 -29.66 59.33
CA ARG I 57 -52.79 -30.75 59.12
C ARG I 57 -52.09 -31.97 58.48
N PHE I 58 -50.75 -31.98 58.58
CA PHE I 58 -49.91 -33.10 58.21
C PHE I 58 -48.83 -33.21 59.27
N ASP I 59 -48.30 -34.41 59.51
CA ASP I 59 -47.02 -34.54 60.19
C ASP I 59 -46.02 -34.55 59.08
N ALA I 60 -44.74 -34.61 59.44
CA ALA I 60 -43.70 -34.86 58.46
C ALA I 60 -42.54 -35.62 59.10
N TYR I 61 -42.09 -36.66 58.41
CA TYR I 61 -40.84 -37.34 58.76
C TYR I 61 -39.81 -37.12 57.68
N ILE I 62 -38.67 -36.58 58.10
CA ILE I 62 -37.63 -36.13 57.19
C ILE I 62 -36.27 -36.61 57.64
N THR I 63 -35.58 -37.30 56.73
CA THR I 63 -34.14 -37.54 56.82
C THR I 63 -33.58 -36.49 55.92
N VAL I 64 -32.40 -36.01 56.25
CA VAL I 64 -31.79 -34.93 55.52
C VAL I 64 -30.29 -34.94 55.82
N ARG I 65 -29.52 -35.47 54.88
CA ARG I 65 -28.07 -35.61 55.06
C ARG I 65 -27.40 -35.02 53.85
N GLY I 66 -26.20 -34.48 54.08
CA GLY I 66 -25.45 -33.84 53.02
C GLY I 66 -25.36 -32.34 53.12
N GLY I 67 -24.15 -31.83 52.91
CA GLY I 67 -23.96 -30.43 52.62
C GLY I 67 -24.07 -29.56 53.85
N GLY I 68 -25.06 -28.66 53.87
CA GLY I 68 -25.20 -27.75 54.98
C GLY I 68 -26.60 -27.33 55.34
N LYS I 69 -26.70 -26.61 56.44
CA LYS I 69 -27.95 -26.47 57.18
C LYS I 69 -28.90 -25.47 56.47
N SER I 70 -28.33 -24.43 55.87
CA SER I 70 -29.07 -23.55 54.96
C SER I 70 -29.50 -24.32 53.71
N GLY I 71 -28.60 -25.21 53.24
CA GLY I 71 -28.89 -26.11 52.13
C GLY I 71 -29.95 -27.13 52.48
N GLN I 72 -29.77 -27.78 53.62
CA GLN I 72 -30.75 -28.73 54.14
C GLN I 72 -32.14 -28.12 54.19
N ILE I 73 -32.22 -26.92 54.73
CA ILE I 73 -33.47 -26.19 54.77
C ILE I 73 -34.09 -26.07 53.38
N ASP I 74 -33.29 -25.80 52.37
CA ASP I 74 -33.87 -25.52 51.06
C ASP I 74 -34.22 -26.80 50.33
N ALA I 75 -33.45 -27.83 50.65
CA ALA I 75 -33.71 -29.15 50.15
C ALA I 75 -35.11 -29.58 50.62
N ILE I 76 -35.34 -29.44 51.91
CA ILE I 76 -36.61 -29.74 52.53
C ILE I 76 -37.72 -28.93 51.85
N LYS I 77 -37.63 -27.62 51.97
CA LYS I 77 -38.45 -26.69 51.19
C LYS I 77 -38.93 -27.28 49.86
N LEU I 78 -38.01 -27.95 49.18
CA LEU I 78 -38.30 -28.57 47.90
C LEU I 78 -39.02 -29.91 48.05
N GLY I 79 -38.50 -30.82 48.88
CA GLY I 79 -39.19 -32.09 49.15
C GLY I 79 -40.62 -31.83 49.58
N ILE I 80 -40.78 -31.16 50.73
CA ILE I 80 -42.11 -30.74 51.23
C ILE I 80 -43.01 -30.27 50.10
N ALA I 81 -42.47 -29.60 49.09
CA ALA I 81 -43.29 -29.10 47.99
C ALA I 81 -43.56 -30.17 46.94
N ARG I 82 -42.51 -30.93 46.63
CA ARG I 82 -42.61 -32.04 45.71
C ARG I 82 -43.46 -33.18 46.28
N ALA I 83 -43.56 -33.22 47.61
CA ALA I 83 -44.34 -34.23 48.29
C ALA I 83 -45.82 -33.96 48.12
N LEU I 84 -46.26 -32.75 48.43
CA LEU I 84 -47.68 -32.52 48.40
C LEU I 84 -48.23 -32.24 47.00
N VAL I 85 -47.36 -32.01 46.01
CA VAL I 85 -47.85 -31.99 44.63
C VAL I 85 -48.19 -33.43 44.20
N GLN I 86 -47.43 -34.39 44.72
CA GLN I 86 -47.69 -35.81 44.51
C GLN I 86 -48.76 -36.33 45.49
N TYR I 87 -49.64 -35.44 45.92
CA TYR I 87 -50.79 -35.81 46.70
C TYR I 87 -51.85 -34.76 46.45
N ASN I 88 -51.90 -34.38 45.18
CA ASN I 88 -52.82 -33.41 44.68
C ASN I 88 -52.31 -32.94 43.34
N PRO I 89 -52.91 -33.43 42.23
CA PRO I 89 -52.51 -32.83 40.98
C PRO I 89 -52.64 -31.30 41.06
N ASP I 90 -53.69 -30.83 41.73
CA ASP I 90 -54.07 -29.41 41.72
C ASP I 90 -53.16 -28.46 42.53
N TYR I 91 -52.17 -29.00 43.25
CA TYR I 91 -51.23 -28.19 44.06
C TYR I 91 -50.05 -27.59 43.27
N ARG I 92 -50.18 -27.52 41.95
CA ARG I 92 -49.28 -26.77 41.12
C ARG I 92 -49.69 -25.34 41.28
N ALA I 93 -50.94 -25.07 40.88
CA ALA I 93 -51.47 -23.72 40.75
C ALA I 93 -51.10 -22.76 41.88
N LYS I 94 -50.72 -23.28 43.04
CA LYS I 94 -50.37 -22.43 44.16
C LYS I 94 -48.88 -22.48 44.50
N LEU I 95 -48.25 -23.58 44.15
CA LEU I 95 -46.89 -23.87 44.57
C LEU I 95 -45.83 -23.59 43.49
N LYS I 96 -46.24 -23.55 42.22
CA LYS I 96 -45.32 -23.25 41.10
C LYS I 96 -45.10 -21.75 40.95
N PRO I 97 -46.18 -20.93 40.96
CA PRO I 97 -45.96 -19.48 40.93
C PRO I 97 -44.95 -18.95 41.95
N LEU I 98 -44.80 -19.62 43.08
CA LEU I 98 -43.77 -19.28 44.06
C LEU I 98 -42.52 -20.17 43.94
N GLY I 99 -42.49 -21.00 42.90
CA GLY I 99 -41.32 -21.80 42.54
C GLY I 99 -40.65 -22.58 43.66
N PHE I 100 -41.45 -23.18 44.54
CA PHE I 100 -40.91 -24.08 45.58
C PHE I 100 -40.56 -25.38 44.92
N LEU I 101 -41.01 -25.51 43.66
CA LEU I 101 -40.79 -26.67 42.81
C LEU I 101 -39.47 -26.67 42.00
N THR I 102 -38.91 -25.49 41.77
CA THR I 102 -37.62 -25.35 41.08
C THR I 102 -36.46 -25.88 41.91
N ARG I 103 -35.45 -26.43 41.26
CA ARG I 103 -34.30 -27.04 41.96
C ARG I 103 -33.38 -25.98 42.56
N ASP I 104 -33.00 -25.00 41.75
CA ASP I 104 -31.98 -24.01 42.14
C ASP I 104 -30.59 -24.66 42.09
N ALA I 105 -30.04 -24.57 40.88
CA ALA I 105 -28.82 -25.25 40.50
C ALA I 105 -27.58 -24.42 40.79
N ARG I 106 -27.76 -23.35 41.56
CA ARG I 106 -26.65 -22.59 42.05
C ARG I 106 -25.89 -23.50 42.99
N VAL I 107 -24.61 -23.71 42.66
CA VAL I 107 -23.68 -24.53 43.43
C VAL I 107 -22.30 -23.90 43.45
N VAL I 108 -21.58 -24.08 44.55
CA VAL I 108 -20.17 -23.72 44.62
C VAL I 108 -19.44 -23.94 43.30
N GLU I 109 -18.92 -22.86 42.73
CA GLU I 109 -18.10 -22.90 41.49
C GLU I 109 -16.62 -23.19 41.78
N ARG I 110 -15.98 -23.81 40.80
CA ARG I 110 -14.69 -24.47 40.98
C ARG I 110 -13.47 -23.56 41.13
N LYS I 111 -12.57 -23.82 42.09
CA LYS I 111 -11.28 -23.11 42.12
C LYS I 111 -10.46 -23.36 40.84
N LYS I 112 -10.03 -22.28 40.21
CA LYS I 112 -9.28 -22.29 38.96
C LYS I 112 -7.85 -22.04 39.27
N TYR I 113 -6.95 -22.51 38.43
CA TYR I 113 -5.52 -22.25 38.67
C TYR I 113 -5.33 -20.82 38.24
N GLY I 114 -4.22 -20.23 38.66
CA GLY I 114 -3.87 -18.87 38.28
C GLY I 114 -4.53 -17.89 39.22
N LYS I 115 -5.86 -18.02 39.32
CA LYS I 115 -6.65 -17.36 40.33
C LYS I 115 -6.30 -17.83 41.76
N HIS I 116 -6.85 -17.13 42.75
CA HIS I 116 -6.67 -17.49 44.15
C HIS I 116 -7.83 -18.35 44.54
N LYS I 117 -8.94 -18.34 43.78
CA LYS I 117 -10.25 -18.69 44.37
C LYS I 117 -11.44 -18.94 43.45
N ALA I 118 -11.24 -19.40 42.23
CA ALA I 118 -12.34 -19.35 41.20
C ALA I 118 -12.28 -18.06 40.39
N ARG I 119 -12.57 -16.91 40.99
CA ARG I 119 -12.45 -15.61 40.28
C ARG I 119 -11.43 -14.61 40.91
N ARG I 120 -11.44 -14.48 42.22
CA ARG I 120 -10.45 -13.63 42.79
C ARG I 120 -9.14 -13.95 42.10
N ALA I 121 -8.73 -13.04 41.23
CA ALA I 121 -7.39 -13.00 40.66
C ALA I 121 -6.38 -12.58 41.70
N PRO I 122 -5.10 -12.80 41.41
CA PRO I 122 -4.02 -12.22 42.19
C PRO I 122 -3.84 -10.72 41.91
N GLN I 123 -2.81 -10.09 42.49
CA GLN I 123 -2.71 -8.65 42.62
C GLN I 123 -1.54 -8.07 41.87
N TYR I 124 -1.84 -7.41 40.73
CA TYR I 124 -0.98 -6.42 40.04
C TYR I 124 -0.22 -5.50 40.98
N SER I 125 0.96 -5.10 40.55
CA SER I 125 1.63 -3.93 41.10
C SER I 125 1.88 -2.96 39.95
N LYS I 126 2.27 -3.53 38.78
CA LYS I 126 2.71 -2.86 37.52
C LYS I 126 3.93 -1.96 37.71
N ARG I 127 4.03 -1.33 38.88
CA ARG I 127 5.30 -0.90 39.47
C ARG I 127 6.03 -2.14 40.07
N LYS J 1 -21.81 -66.43 48.28
CA LYS J 1 -20.61 -66.92 49.01
C LYS J 1 -19.32 -66.46 48.31
N ILE J 2 -19.39 -66.24 47.00
CA ILE J 2 -18.22 -65.82 46.22
C ILE J 2 -18.28 -64.35 45.77
N ARG J 3 -17.19 -63.61 46.02
CA ARG J 3 -17.13 -62.15 45.87
C ARG J 3 -16.00 -61.75 44.93
N ILE J 4 -16.32 -61.02 43.86
CA ILE J 4 -15.29 -60.62 42.88
C ILE J 4 -15.23 -59.10 42.62
N LYS J 5 -14.11 -58.47 43.03
CA LYS J 5 -13.84 -57.03 42.79
C LYS J 5 -13.21 -56.85 41.42
N LEU J 6 -13.64 -55.82 40.70
CA LEU J 6 -13.16 -55.55 39.35
C LEU J 6 -12.66 -54.12 39.20
N ARG J 7 -11.35 -53.94 39.06
CA ARG J 7 -10.76 -52.60 38.85
C ARG J 7 -10.54 -52.35 37.35
N GLY J 8 -9.80 -51.30 36.98
CA GLY J 8 -9.67 -50.90 35.57
C GLY J 8 -9.76 -49.39 35.29
N PHE J 9 -9.01 -48.94 34.30
CA PHE J 9 -9.02 -47.55 33.89
C PHE J 9 -10.14 -47.24 32.91
N ASP J 10 -10.66 -48.29 32.28
CA ASP J 10 -11.59 -48.12 31.17
C ASP J 10 -12.96 -48.57 31.64
N HIS J 11 -13.95 -47.70 31.50
CA HIS J 11 -15.31 -48.01 31.96
C HIS J 11 -16.12 -48.86 30.94
N LYS J 12 -15.64 -48.96 29.72
CA LYS J 12 -16.33 -49.83 28.78
C LYS J 12 -15.84 -51.27 28.92
N THR J 13 -14.56 -51.46 29.23
CA THR J 13 -14.04 -52.79 29.54
C THR J 13 -14.20 -53.15 31.03
N LEU J 14 -15.28 -52.68 31.66
CA LEU J 14 -15.80 -53.34 32.85
C LEU J 14 -17.25 -53.64 32.60
N ASP J 15 -18.01 -52.61 32.23
CA ASP J 15 -19.41 -52.81 31.87
C ASP J 15 -19.57 -53.78 30.67
N ALA J 16 -18.47 -54.04 29.96
CA ALA J 16 -18.41 -55.18 29.06
C ALA J 16 -17.89 -56.41 29.82
N SER J 17 -16.59 -56.39 30.15
CA SER J 17 -15.88 -57.60 30.66
C SER J 17 -16.62 -58.32 31.78
N ALA J 18 -17.26 -57.56 32.66
CA ALA J 18 -17.85 -58.14 33.86
C ALA J 18 -19.37 -58.17 33.81
N GLN J 19 -19.94 -57.83 32.65
CA GLN J 19 -21.36 -57.98 32.41
C GLN J 19 -21.56 -59.23 31.53
N LYS J 20 -20.44 -59.80 31.09
CA LYS J 20 -20.41 -61.10 30.44
C LYS J 20 -20.12 -62.18 31.48
N ILE J 21 -19.60 -61.79 32.64
CA ILE J 21 -19.54 -62.68 33.82
C ILE J 21 -20.91 -62.81 34.50
N VAL J 22 -21.92 -62.10 34.01
CA VAL J 22 -23.29 -62.21 34.52
C VAL J 22 -24.06 -63.27 33.73
N GLU J 23 -23.64 -63.48 32.48
CA GLU J 23 -24.27 -64.48 31.63
C GLU J 23 -23.61 -65.83 31.93
N ALA J 24 -22.28 -65.83 32.02
CA ALA J 24 -21.49 -67.03 32.36
C ALA J 24 -21.58 -67.51 33.84
N ALA J 25 -22.57 -67.02 34.57
CA ALA J 25 -22.95 -67.63 35.84
C ALA J 25 -24.48 -67.83 35.94
N ARG J 26 -25.28 -67.04 35.21
CA ARG J 26 -26.74 -67.19 35.22
C ARG J 26 -27.20 -68.36 34.37
N ARG J 27 -26.57 -68.50 33.21
CA ARG J 27 -26.86 -69.59 32.27
C ARG J 27 -26.36 -70.94 32.79
N SER J 28 -25.16 -70.96 33.37
CA SER J 28 -24.52 -72.21 33.80
C SER J 28 -24.55 -72.44 35.32
N GLY J 29 -25.47 -71.78 36.03
CA GLY J 29 -25.58 -71.96 37.48
C GLY J 29 -26.76 -71.25 38.10
N ALA J 30 -26.62 -70.86 39.37
CA ALA J 30 -27.70 -70.22 40.13
C ALA J 30 -27.43 -68.73 40.42
N GLN J 31 -27.80 -68.25 41.63
CA GLN J 31 -28.10 -66.82 41.85
C GLN J 31 -26.92 -65.85 41.92
N VAL J 32 -27.16 -64.67 41.36
CA VAL J 32 -26.18 -63.61 41.27
C VAL J 32 -26.79 -62.30 41.75
N SER J 33 -26.14 -61.68 42.73
CA SER J 33 -26.44 -60.29 43.06
C SER J 33 -25.67 -59.43 42.04
N GLY J 34 -26.45 -58.81 41.15
CA GLY J 34 -25.96 -58.21 39.89
C GLY J 34 -24.69 -57.41 40.01
N PRO J 35 -24.19 -56.92 38.88
CA PRO J 35 -22.94 -56.15 38.94
C PRO J 35 -23.18 -54.79 39.63
N ILE J 36 -22.39 -54.46 40.64
CA ILE J 36 -22.60 -53.22 41.41
C ILE J 36 -21.45 -52.27 41.25
N PRO J 37 -21.75 -51.03 40.85
CA PRO J 37 -20.73 -50.08 40.48
C PRO J 37 -20.16 -49.36 41.70
N LEU J 38 -18.84 -49.43 41.89
CA LEU J 38 -18.26 -48.75 43.05
C LEU J 38 -17.75 -47.34 42.76
N PRO J 39 -17.70 -46.52 43.81
CA PRO J 39 -16.91 -45.32 43.85
C PRO J 39 -15.60 -45.51 43.14
N THR J 40 -15.33 -44.54 42.28
CA THR J 40 -14.19 -44.51 41.43
C THR J 40 -13.09 -43.68 42.11
N ARG J 41 -11.83 -44.10 42.02
CA ARG J 41 -10.71 -43.32 42.60
C ARG J 41 -10.03 -42.46 41.54
N VAL J 42 -10.39 -41.17 41.54
CA VAL J 42 -9.82 -40.17 40.66
C VAL J 42 -8.49 -39.67 41.26
N ARG J 43 -7.44 -39.53 40.43
CA ARG J 43 -6.07 -39.28 40.93
C ARG J 43 -5.53 -37.88 40.73
N ARG J 44 -6.07 -37.14 39.76
CA ARG J 44 -5.57 -35.80 39.38
C ARG J 44 -4.07 -35.45 39.63
N PHE J 45 -3.42 -35.01 38.57
CA PHE J 45 -2.07 -34.46 38.63
C PHE J 45 -2.12 -33.11 37.96
N THR J 46 -1.30 -32.16 38.46
CA THR J 46 -1.35 -30.80 37.95
C THR J 46 0.01 -30.19 37.68
N VAL J 47 0.16 -29.89 36.40
CA VAL J 47 1.45 -29.66 35.84
C VAL J 47 1.51 -28.27 35.20
N ILE J 48 2.50 -27.50 35.64
CA ILE J 48 3.03 -26.32 34.96
C ILE J 48 3.33 -26.76 33.53
N ARG J 49 2.58 -26.21 32.56
CA ARG J 49 2.66 -26.59 31.13
C ARG J 49 4.07 -26.47 30.54
N GLY J 50 4.69 -25.31 30.73
CA GLY J 50 6.00 -25.06 30.17
C GLY J 50 7.16 -25.60 30.98
N PRO J 51 8.31 -25.75 30.35
CA PRO J 51 9.51 -26.27 30.99
C PRO J 51 10.08 -25.32 32.00
N PHE J 52 9.88 -24.03 31.76
CA PHE J 52 10.51 -23.00 32.57
C PHE J 52 9.41 -22.03 32.91
N LYS J 53 9.55 -21.48 34.10
CA LYS J 53 8.65 -20.48 34.64
C LYS J 53 7.49 -20.09 33.75
N HIS J 54 6.31 -20.56 34.09
CA HIS J 54 5.12 -19.85 33.65
C HIS J 54 4.07 -20.37 34.57
N LYS J 55 4.20 -19.96 35.83
CA LYS J 55 3.69 -20.71 36.96
C LYS J 55 2.19 -20.71 37.04
N ASP J 56 1.55 -19.64 36.54
CA ASP J 56 0.08 -19.65 36.38
C ASP J 56 0.03 -20.39 35.06
N SER J 57 -1.11 -20.75 34.51
CA SER J 57 -1.07 -21.64 33.31
C SER J 57 -0.52 -23.06 33.57
N ARG J 58 -1.46 -24.00 33.53
CA ARG J 58 -1.20 -25.38 33.82
C ARG J 58 -2.09 -26.27 33.06
N GLU J 59 -1.75 -27.56 33.12
CA GLU J 59 -2.59 -28.59 32.56
C GLU J 59 -2.92 -29.61 33.64
N HIS J 60 -4.14 -30.09 33.53
CA HIS J 60 -4.77 -30.90 34.54
C HIS J 60 -5.03 -32.30 34.04
N PHE J 61 -4.41 -33.27 34.69
CA PHE J 61 -4.60 -34.66 34.32
C PHE J 61 -5.16 -35.45 35.46
N GLU J 62 -6.15 -36.29 35.16
CA GLU J 62 -6.63 -37.31 36.09
C GLU J 62 -6.21 -38.70 35.61
N LEU J 63 -6.25 -39.68 36.51
CA LEU J 63 -6.11 -41.12 36.15
C LEU J 63 -7.19 -42.01 36.79
N ARG J 64 -8.32 -42.29 36.13
CA ARG J 64 -9.50 -42.77 36.92
C ARG J 64 -9.83 -44.28 37.02
N THR J 65 -9.31 -44.89 38.10
CA THR J 65 -9.57 -46.27 38.54
C THR J 65 -11.04 -46.56 38.87
N HIS J 66 -11.78 -47.08 37.87
CA HIS J 66 -13.17 -47.50 38.07
C HIS J 66 -13.20 -48.84 38.79
N ASN J 67 -14.11 -48.99 39.75
CA ASN J 67 -14.34 -50.25 40.46
C ASN J 67 -15.77 -50.78 40.31
N ARG J 68 -15.90 -52.07 40.05
CA ARG J 68 -17.22 -52.69 39.97
C ARG J 68 -17.19 -53.97 40.81
N LEU J 69 -18.37 -54.45 41.18
CA LEU J 69 -18.49 -55.61 42.07
C LEU J 69 -19.60 -56.60 41.63
N VAL J 70 -19.28 -57.90 41.76
CA VAL J 70 -20.24 -58.96 41.51
C VAL J 70 -20.18 -60.03 42.59
N ASP J 71 -21.35 -60.55 42.94
CA ASP J 71 -21.54 -61.56 43.97
C ASP J 71 -22.40 -62.73 43.49
N ILE J 72 -21.85 -63.94 43.65
CA ILE J 72 -22.53 -65.18 43.27
C ILE J 72 -22.63 -66.10 44.49
N ILE J 73 -23.86 -66.52 44.77
CA ILE J 73 -24.21 -67.15 46.06
C ILE J 73 -24.05 -68.70 46.09
N ASN J 74 -24.28 -69.36 44.96
CA ASN J 74 -24.30 -70.83 44.89
C ASN J 74 -23.14 -71.38 44.05
N PRO J 75 -22.05 -71.82 44.71
CA PRO J 75 -20.89 -72.37 43.96
C PRO J 75 -21.04 -73.77 43.29
N ASN J 76 -21.55 -73.77 42.05
CA ASN J 76 -21.60 -74.94 41.17
C ASN J 76 -20.22 -75.18 40.57
N ARG J 77 -20.00 -76.37 39.99
CA ARG J 77 -18.84 -76.56 39.10
C ARG J 77 -19.25 -76.37 37.65
N LYS J 78 -20.56 -76.37 37.37
CA LYS J 78 -21.07 -75.94 36.06
C LYS J 78 -20.76 -74.45 35.80
N THR J 79 -20.54 -73.67 36.87
CA THR J 79 -20.19 -72.24 36.74
C THR J 79 -18.67 -72.03 36.64
N ILE J 80 -17.90 -72.60 37.57
CA ILE J 80 -16.44 -72.40 37.59
C ILE J 80 -15.83 -73.16 36.40
N GLU J 81 -16.10 -72.66 35.21
CA GLU J 81 -15.54 -73.20 33.97
C GLU J 81 -15.20 -72.04 33.06
N GLN J 82 -16.23 -71.25 32.78
CA GLN J 82 -16.04 -69.93 32.21
C GLN J 82 -15.38 -69.05 33.28
N LEU J 83 -15.82 -69.21 34.53
CA LEU J 83 -15.35 -68.41 35.68
C LEU J 83 -14.10 -69.04 36.34
N MET J 84 -13.18 -69.50 35.51
CA MET J 84 -12.04 -70.30 35.93
C MET J 84 -10.88 -70.02 34.98
N THR J 85 -11.13 -70.22 33.68
CA THR J 85 -10.18 -69.84 32.61
C THR J 85 -10.79 -69.83 31.18
N LEU J 86 -12.04 -69.42 31.03
CA LEU J 86 -12.55 -69.06 29.69
C LEU J 86 -12.21 -67.57 29.49
N ASP J 87 -10.94 -67.33 29.19
CA ASP J 87 -10.28 -66.02 29.37
C ASP J 87 -10.63 -64.94 28.32
N LEU J 88 -11.13 -63.81 28.80
CA LEU J 88 -11.13 -62.55 28.03
C LEU J 88 -10.73 -61.31 28.89
N PRO J 89 -9.66 -61.43 29.72
CA PRO J 89 -9.09 -60.23 30.38
C PRO J 89 -8.28 -59.45 29.38
N THR J 90 -8.25 -58.13 29.49
CA THR J 90 -7.84 -57.27 28.37
C THR J 90 -6.96 -56.12 28.83
N GLY J 91 -7.56 -55.30 29.71
CA GLY J 91 -6.91 -54.27 30.55
C GLY J 91 -7.72 -54.10 31.84
N VAL J 92 -8.01 -55.24 32.48
CA VAL J 92 -8.93 -55.36 33.62
C VAL J 92 -8.27 -56.12 34.80
N GLU J 93 -8.75 -55.85 36.01
CA GLU J 93 -8.24 -56.46 37.23
C GLU J 93 -9.26 -57.43 37.77
N ILE J 94 -8.77 -58.44 38.48
CA ILE J 94 -9.58 -59.52 38.98
C ILE J 94 -9.25 -59.80 40.46
N GLU J 95 -10.23 -59.56 41.32
CA GLU J 95 -10.13 -59.97 42.72
C GLU J 95 -11.20 -61.01 42.95
N ILE J 96 -10.81 -62.05 43.67
CA ILE J 96 -11.66 -63.20 43.96
C ILE J 96 -11.59 -63.44 45.47
N LYS J 97 -12.77 -63.43 46.10
CA LYS J 97 -12.89 -63.49 47.56
C LYS J 97 -14.06 -64.41 47.93
N THR J 98 -14.25 -64.64 49.22
CA THR J 98 -15.31 -65.54 49.69
C THR J 98 -16.07 -64.95 50.89
N LYS K 1 -39.40 56.52 48.01
CA LYS K 1 -39.25 56.84 46.56
C LYS K 1 -40.53 56.61 45.76
N ARG K 2 -40.64 57.29 44.62
CA ARG K 2 -41.77 57.21 43.68
C ARG K 2 -42.54 55.89 43.57
N GLN K 3 -43.83 55.98 43.20
CA GLN K 3 -44.60 54.79 42.83
C GLN K 3 -44.82 54.74 41.31
N VAL K 4 -44.18 53.78 40.65
CA VAL K 4 -44.47 53.47 39.23
C VAL K 4 -44.95 52.04 39.16
N ALA K 5 -46.10 51.84 38.53
CA ALA K 5 -46.80 50.55 38.58
C ALA K 5 -46.41 49.61 37.43
N SER K 6 -45.93 50.18 36.32
CA SER K 6 -45.34 49.40 35.24
C SER K 6 -44.22 50.16 34.52
N GLY K 7 -43.39 49.38 33.84
CA GLY K 7 -42.24 49.93 33.15
C GLY K 7 -41.52 48.80 32.47
N ARG K 8 -40.22 49.01 32.23
CA ARG K 8 -39.42 48.09 31.43
C ARG K 8 -38.47 47.26 32.26
N ALA K 9 -38.41 45.98 31.93
CA ALA K 9 -37.27 45.13 32.27
C ALA K 9 -36.32 44.95 31.05
N TYR K 10 -35.10 45.45 31.20
CA TYR K 10 -34.07 45.34 30.19
C TYR K 10 -33.07 44.26 30.60
N ILE K 11 -33.11 43.13 29.90
CA ILE K 11 -32.17 42.04 30.14
C ILE K 11 -30.99 42.20 29.18
N HIS K 12 -29.81 41.97 29.70
CA HIS K 12 -28.59 42.10 28.92
C HIS K 12 -27.80 40.83 29.17
N ALA K 13 -28.16 39.81 28.42
CA ALA K 13 -27.46 38.55 28.42
C ALA K 13 -26.17 38.66 27.61
N SER K 14 -25.05 38.21 28.16
CA SER K 14 -23.78 38.17 27.45
C SER K 14 -23.12 36.90 27.95
N TYR K 15 -22.03 36.48 27.32
CA TYR K 15 -21.49 35.19 27.72
C TYR K 15 -20.78 35.27 29.06
N ASN K 16 -20.69 36.49 29.61
CA ASN K 16 -20.00 36.68 30.89
C ASN K 16 -20.83 37.12 32.14
N ASN K 17 -22.13 37.26 31.96
CA ASN K 17 -22.96 37.95 32.92
C ASN K 17 -24.28 38.28 32.32
N THR K 18 -25.33 38.15 33.11
CA THR K 18 -26.62 38.74 32.80
C THR K 18 -26.77 39.93 33.69
N ILE K 19 -27.19 41.07 33.14
CA ILE K 19 -27.50 42.18 34.00
C ILE K 19 -28.92 42.57 33.65
N VAL K 20 -29.78 42.63 34.67
CA VAL K 20 -31.19 43.01 34.49
C VAL K 20 -31.44 44.37 35.09
N THR K 21 -31.99 45.30 34.32
CA THR K 21 -32.22 46.65 34.84
C THR K 21 -33.64 47.03 34.54
N ILE K 22 -34.29 47.56 35.56
CA ILE K 22 -35.71 47.86 35.51
C ILE K 22 -35.97 49.37 35.55
N THR K 23 -36.87 49.84 34.68
CA THR K 23 -37.05 51.27 34.48
C THR K 23 -38.50 51.61 34.45
N ASP K 24 -38.76 52.91 34.54
CA ASP K 24 -40.08 53.47 34.26
C ASP K 24 -40.37 53.41 32.73
N PRO K 25 -41.64 53.63 32.32
CA PRO K 25 -41.97 53.40 30.90
C PRO K 25 -41.38 54.43 29.93
N ASP K 26 -40.55 55.34 30.43
CA ASP K 26 -39.84 56.27 29.59
C ASP K 26 -38.39 55.84 29.47
N GLY K 27 -38.00 54.85 30.27
CA GLY K 27 -36.66 54.25 30.19
C GLY K 27 -35.65 54.67 31.25
N ASN K 28 -36.09 55.46 32.23
CA ASN K 28 -35.22 55.82 33.35
C ASN K 28 -35.15 54.68 34.39
N PRO K 29 -33.95 54.23 34.76
CA PRO K 29 -33.89 53.06 35.61
C PRO K 29 -34.33 53.31 37.05
N ILE K 30 -35.15 52.40 37.54
CA ILE K 30 -35.58 52.28 38.93
C ILE K 30 -34.51 51.58 39.72
N THR K 31 -34.36 50.27 39.50
CA THR K 31 -33.35 49.47 40.16
C THR K 31 -32.59 48.68 39.10
N TRP K 32 -31.59 47.89 39.55
CA TRP K 32 -30.87 46.98 38.68
C TRP K 32 -30.15 45.89 39.44
N SER K 33 -29.99 44.73 38.82
CA SER K 33 -29.13 43.69 39.38
C SER K 33 -28.23 43.06 38.35
N SER K 34 -27.35 42.20 38.82
CA SER K 34 -26.45 41.47 37.95
C SER K 34 -25.95 40.25 38.65
N GLY K 35 -25.28 39.39 37.93
CA GLY K 35 -24.66 38.24 38.55
C GLY K 35 -23.67 38.63 39.63
N GLY K 36 -23.02 39.78 39.46
CA GLY K 36 -22.10 40.25 40.51
C GLY K 36 -22.79 40.79 41.78
N VAL K 37 -23.96 41.38 41.60
CA VAL K 37 -24.67 42.01 42.72
C VAL K 37 -25.20 40.95 43.64
N ILE K 38 -25.60 39.82 43.06
CA ILE K 38 -25.78 38.62 43.82
C ILE K 38 -24.38 38.23 44.32
N GLY K 39 -24.32 37.22 45.18
CA GLY K 39 -23.03 36.71 45.64
C GLY K 39 -21.92 36.60 44.61
N TYR K 40 -22.27 36.15 43.40
CA TYR K 40 -21.30 35.59 42.44
C TYR K 40 -20.23 36.52 41.94
N LYS K 41 -19.09 35.92 41.60
CA LYS K 41 -18.01 36.68 40.98
C LYS K 41 -17.22 35.77 40.02
N GLY K 42 -16.60 36.37 39.01
CA GLY K 42 -15.86 35.58 38.01
C GLY K 42 -16.75 34.84 37.03
N SER K 43 -16.43 33.58 36.79
CA SER K 43 -17.11 32.85 35.71
C SER K 43 -18.55 32.49 36.03
N ARG K 44 -18.93 32.58 37.30
CA ARG K 44 -20.23 32.06 37.71
C ARG K 44 -21.34 33.07 37.43
N LYS K 45 -20.98 34.35 37.23
CA LYS K 45 -21.97 35.36 36.88
C LYS K 45 -22.66 34.97 35.59
N GLY K 46 -21.94 34.25 34.73
CA GLY K 46 -22.48 33.74 33.46
C GLY K 46 -23.62 32.73 33.53
N THR K 47 -23.61 31.87 34.54
CA THR K 47 -24.63 30.87 34.71
C THR K 47 -26.05 31.36 34.52
N PRO K 48 -26.94 30.46 34.06
CA PRO K 48 -28.36 30.72 34.10
C PRO K 48 -28.89 30.91 35.50
N TYR K 49 -28.29 30.25 36.49
CA TYR K 49 -28.77 30.41 37.86
C TYR K 49 -28.49 31.81 38.36
N ALA K 50 -27.28 32.30 38.13
CA ALA K 50 -27.00 33.72 38.32
C ALA K 50 -28.08 34.57 37.66
N ALA K 51 -28.51 34.19 36.47
CA ALA K 51 -29.50 35.02 35.77
C ALA K 51 -30.80 35.06 36.57
N GLN K 52 -31.30 33.89 36.94
CA GLN K 52 -32.52 33.81 37.73
C GLN K 52 -32.44 34.74 38.97
N LEU K 53 -31.35 34.64 39.72
CA LEU K 53 -31.23 35.36 40.99
C LEU K 53 -31.21 36.88 40.78
N ALA K 54 -30.59 37.31 39.71
CA ALA K 54 -30.54 38.73 39.42
C ALA K 54 -31.92 39.18 38.99
N ALA K 55 -32.54 38.43 38.09
CA ALA K 55 -33.87 38.76 37.61
C ALA K 55 -34.76 38.89 38.82
N LEU K 56 -34.64 37.92 39.74
CA LEU K 56 -35.50 37.89 40.92
C LEU K 56 -35.19 39.03 41.87
N ASP K 57 -33.91 39.23 42.22
CA ASP K 57 -33.49 40.40 43.02
C ASP K 57 -34.01 41.71 42.43
N ALA K 58 -33.74 41.96 41.17
CA ALA K 58 -34.09 43.25 40.55
C ALA K 58 -35.60 43.41 40.49
N ALA K 59 -36.31 42.30 40.38
CA ALA K 59 -37.76 42.34 40.39
C ALA K 59 -38.27 42.66 41.79
N LYS K 60 -37.61 42.13 42.83
CA LYS K 60 -37.96 42.43 44.22
C LYS K 60 -37.74 43.92 44.51
N LYS K 61 -36.52 44.41 44.30
CA LYS K 61 -36.24 45.84 44.46
C LYS K 61 -37.24 46.74 43.71
N ALA K 62 -37.77 46.26 42.60
CA ALA K 62 -38.71 47.02 41.79
C ALA K 62 -40.13 47.03 42.36
N MET K 63 -40.52 45.93 42.99
CA MET K 63 -41.81 45.83 43.67
C MET K 63 -41.81 46.68 44.96
N ALA K 64 -40.63 46.92 45.50
CA ALA K 64 -40.45 47.97 46.50
C ALA K 64 -40.87 49.37 45.98
N TYR K 65 -40.66 49.68 44.69
CA TYR K 65 -41.25 50.90 44.09
C TYR K 65 -42.72 50.69 43.63
N GLY K 66 -43.36 49.63 44.13
CA GLY K 66 -44.75 49.32 43.81
C GLY K 66 -45.02 48.92 42.37
N MET K 67 -44.00 48.37 41.71
CA MET K 67 -44.12 47.86 40.34
C MET K 67 -45.05 46.63 40.30
N GLN K 68 -45.90 46.57 39.26
CA GLN K 68 -46.90 45.50 39.13
C GLN K 68 -46.69 44.64 37.88
N SER K 69 -46.27 45.29 36.79
CA SER K 69 -46.10 44.64 35.48
C SER K 69 -44.94 45.26 34.68
N VAL K 70 -44.36 44.50 33.75
CA VAL K 70 -43.28 45.01 32.87
C VAL K 70 -43.37 44.58 31.41
N ASP K 71 -42.87 45.47 30.57
CA ASP K 71 -42.50 45.15 29.21
C ASP K 71 -41.05 44.66 29.23
N VAL K 72 -40.83 43.43 28.76
CA VAL K 72 -39.49 42.87 28.76
C VAL K 72 -38.86 43.05 27.40
N ILE K 73 -37.55 43.30 27.46
CA ILE K 73 -36.75 43.65 26.30
C ILE K 73 -35.41 42.95 26.43
N VAL K 74 -35.09 42.02 25.53
CA VAL K 74 -33.91 41.19 25.71
C VAL K 74 -32.83 41.62 24.74
N ARG K 75 -31.58 41.48 25.15
CA ARG K 75 -30.47 41.89 24.31
C ARG K 75 -29.25 41.06 24.56
N GLY K 76 -28.76 40.40 23.52
CA GLY K 76 -27.59 39.54 23.61
C GLY K 76 -28.06 38.11 23.76
N THR K 77 -27.23 37.18 23.31
CA THR K 77 -27.48 35.76 23.55
C THR K 77 -26.55 35.39 24.68
N GLY K 78 -26.96 34.51 25.56
CA GLY K 78 -26.19 34.27 26.76
C GLY K 78 -26.87 33.16 27.50
N ALA K 79 -26.11 32.42 28.30
CA ALA K 79 -26.67 31.26 28.96
C ALA K 79 -27.94 31.69 29.68
N GLY K 80 -27.78 32.66 30.57
CA GLY K 80 -28.91 33.28 31.26
C GLY K 80 -29.65 34.18 30.31
N ARG K 81 -30.90 33.89 30.05
CA ARG K 81 -31.59 34.62 29.04
C ARG K 81 -33.02 34.18 29.08
N GLU K 82 -33.30 32.95 28.68
CA GLU K 82 -34.65 32.48 28.82
C GLU K 82 -34.85 32.20 30.29
N GLN K 83 -33.76 31.96 31.01
CA GLN K 83 -33.84 31.77 32.43
C GLN K 83 -34.16 33.06 33.13
N ALA K 84 -33.53 34.13 32.68
CA ALA K 84 -33.78 35.44 33.28
C ALA K 84 -35.21 35.77 32.99
N ILE K 85 -35.66 35.51 31.77
CA ILE K 85 -37.06 35.70 31.43
C ILE K 85 -37.96 34.86 32.36
N ARG K 86 -37.77 33.54 32.35
CA ARG K 86 -38.62 32.66 33.15
C ARG K 86 -38.73 33.15 34.61
N ALA K 87 -37.67 33.78 35.11
CA ALA K 87 -37.68 34.32 36.47
C ALA K 87 -38.72 35.42 36.59
N LEU K 88 -38.57 36.44 35.75
CA LEU K 88 -39.45 37.59 35.79
C LEU K 88 -40.90 37.13 35.77
N GLN K 89 -41.22 36.29 34.80
CA GLN K 89 -42.57 35.78 34.64
C GLN K 89 -43.10 35.27 35.96
N ALA K 90 -42.35 34.36 36.58
CA ALA K 90 -42.77 33.75 37.83
C ALA K 90 -42.27 34.50 39.08
N SER K 91 -42.46 35.82 39.13
CA SER K 91 -41.90 36.58 40.24
C SER K 91 -42.93 37.39 40.98
N GLY K 92 -44.20 37.19 40.63
CA GLY K 92 -45.23 38.09 41.07
C GLY K 92 -45.37 39.14 39.98
N LEU K 93 -44.31 39.90 39.77
CA LEU K 93 -44.21 40.79 38.61
C LEU K 93 -44.78 40.19 37.31
N GLN K 94 -45.70 40.90 36.68
CA GLN K 94 -46.39 40.38 35.51
C GLN K 94 -45.72 40.88 34.24
N VAL K 95 -45.51 39.96 33.29
CA VAL K 95 -44.78 40.30 32.08
C VAL K 95 -45.75 40.46 30.92
N LYS K 96 -45.96 41.71 30.50
CA LYS K 96 -46.90 42.05 29.42
C LYS K 96 -46.42 41.51 28.08
N SER K 97 -45.19 41.85 27.72
CA SER K 97 -44.63 41.50 26.40
C SER K 97 -43.16 41.09 26.52
N ILE K 98 -42.67 40.32 25.56
CA ILE K 98 -41.22 40.04 25.48
C ILE K 98 -40.67 40.38 24.09
N VAL K 99 -39.50 40.99 24.03
CA VAL K 99 -39.05 41.59 22.79
C VAL K 99 -37.54 41.46 22.63
N ASP K 100 -37.10 40.84 21.56
CA ASP K 100 -35.68 40.79 21.29
C ASP K 100 -35.33 42.05 20.54
N ASP K 101 -34.39 42.80 21.09
CA ASP K 101 -33.92 44.04 20.52
C ASP K 101 -32.37 44.05 20.53
N THR K 102 -31.76 42.91 20.22
CA THR K 102 -30.31 42.84 20.24
C THR K 102 -29.72 43.68 19.13
N PRO K 103 -28.83 44.65 19.48
CA PRO K 103 -28.28 45.58 18.51
C PRO K 103 -27.31 44.87 17.55
N VAL K 104 -27.37 45.22 16.27
CA VAL K 104 -26.52 44.54 15.28
C VAL K 104 -26.15 45.50 14.15
N PRO K 105 -24.84 45.62 13.89
CA PRO K 105 -24.37 46.50 12.81
C PRO K 105 -24.95 46.08 11.47
N HIS K 106 -25.06 47.04 10.55
CA HIS K 106 -25.39 46.73 9.17
C HIS K 106 -24.07 46.77 8.43
N ASN K 107 -23.30 45.72 8.75
CA ASN K 107 -21.82 45.67 8.91
C ASN K 107 -21.01 46.98 8.89
N GLY K 108 -20.35 47.29 10.01
CA GLY K 108 -19.82 48.63 10.27
C GLY K 108 -18.41 48.67 10.84
N CYS K 109 -18.24 48.16 12.05
CA CYS K 109 -16.93 48.28 12.73
C CYS K 109 -16.16 46.97 12.73
N ARG K 110 -14.85 47.01 12.52
CA ARG K 110 -14.11 45.74 12.51
C ARG K 110 -14.09 45.10 13.89
N PRO K 111 -14.49 43.84 14.00
CA PRO K 111 -14.45 43.20 15.31
C PRO K 111 -13.06 42.94 15.83
N LYS K 112 -12.98 42.58 17.10
CA LYS K 112 -11.71 42.14 17.64
C LYS K 112 -11.45 40.78 17.03
N LYS K 113 -10.17 40.42 16.98
CA LYS K 113 -9.76 39.12 16.49
C LYS K 113 -10.68 37.97 16.92
N LYS K 114 -11.08 37.93 18.17
CA LYS K 114 -11.89 36.84 18.70
C LYS K 114 -13.26 36.72 18.04
N PHE K 115 -13.75 37.79 17.45
CA PHE K 115 -15.12 37.79 17.04
C PHE K 115 -15.14 37.94 15.57
N ARG K 116 -13.97 37.80 14.94
CA ARG K 116 -13.90 37.87 13.49
C ARG K 116 -14.18 36.51 13.01
N LYS K 117 -13.44 35.54 13.59
CA LYS K 117 -13.42 34.10 13.23
C LYS K 117 -14.18 33.72 11.94
N ALA K 118 -15.45 34.13 11.84
CA ALA K 118 -16.17 34.23 10.55
C ALA K 118 -15.46 35.27 9.67
N SER K 119 -14.36 34.83 9.04
CA SER K 119 -13.48 35.70 8.25
C SER K 119 -13.42 35.20 6.80
N PRO L 1 8.63 23.36 -28.27
CA PRO L 1 8.34 24.70 -28.73
C PRO L 1 8.00 24.72 -30.19
N THR L 2 7.35 25.77 -30.65
CA THR L 2 6.99 25.83 -32.04
C THR L 2 8.22 25.77 -32.91
N ILE L 3 8.02 25.64 -34.21
CA ILE L 3 9.18 25.58 -35.07
C ILE L 3 9.73 26.95 -35.17
N ASN L 4 8.86 27.92 -35.31
CA ASN L 4 9.35 29.27 -35.41
C ASN L 4 10.24 29.62 -34.21
N GLN L 5 9.80 29.20 -33.01
CA GLN L 5 10.59 29.31 -31.79
C GLN L 5 11.94 28.59 -31.86
N LEU L 6 12.01 27.38 -32.41
CA LEU L 6 13.32 26.69 -32.49
C LEU L 6 14.22 27.45 -33.41
N VAL L 7 13.63 28.01 -34.45
CA VAL L 7 14.39 28.78 -35.41
C VAL L 7 14.94 30.05 -34.75
N ARG L 8 14.15 30.67 -33.91
CA ARG L 8 14.57 31.87 -33.27
C ARG L 8 15.62 31.58 -32.22
N LYS L 9 15.46 30.49 -31.46
CA LYS L 9 16.22 30.23 -30.20
C LYS L 9 17.12 29.02 -30.28
N GLY L 10 16.61 27.94 -30.84
CA GLY L 10 17.38 26.71 -31.00
C GLY L 10 17.43 26.00 -29.69
N ARG L 11 18.03 24.81 -29.68
CA ARG L 11 18.27 24.05 -28.46
C ARG L 11 19.66 24.35 -27.90
N GLU L 12 19.89 24.05 -26.64
CA GLU L 12 21.17 24.34 -26.00
C GLU L 12 21.95 23.06 -25.76
N LYS L 13 23.16 22.97 -26.33
CA LYS L 13 24.03 21.78 -26.12
C LYS L 13 24.50 21.76 -24.69
N VAL L 14 24.53 20.58 -24.08
CA VAL L 14 24.78 20.44 -22.64
C VAL L 14 26.25 20.25 -22.32
N ARG L 15 26.86 21.18 -21.58
CA ARG L 15 28.29 21.04 -21.27
C ARG L 15 28.51 20.07 -20.11
N LYS L 16 29.43 19.14 -20.32
CA LYS L 16 29.74 18.11 -19.34
C LYS L 16 30.85 18.65 -18.42
N LYS L 17 30.67 18.41 -17.12
CA LYS L 17 31.50 18.99 -16.07
C LYS L 17 32.57 17.97 -15.61
N SER L 18 33.86 18.35 -15.64
CA SER L 18 34.91 17.39 -15.26
C SER L 18 34.86 17.02 -13.77
N LYS L 19 34.98 15.73 -13.52
CA LYS L 19 35.00 15.23 -12.18
C LYS L 19 36.41 15.30 -11.62
N VAL L 20 37.36 15.95 -12.30
CA VAL L 20 38.76 15.62 -12.04
C VAL L 20 39.79 16.64 -12.58
N PRO L 21 40.09 17.71 -11.82
CA PRO L 21 41.32 18.42 -12.29
C PRO L 21 42.66 17.85 -11.77
N ALA L 22 43.00 16.68 -12.34
CA ALA L 22 44.37 16.14 -12.49
C ALA L 22 44.96 17.11 -13.50
N LEU L 23 44.73 18.40 -13.27
CA LEU L 23 44.49 19.41 -14.37
C LEU L 23 44.25 18.78 -15.75
N LYS L 24 45.00 19.20 -16.73
CA LYS L 24 44.50 19.14 -18.08
C LYS L 24 44.28 17.68 -18.35
N GLY L 25 43.11 17.21 -17.94
CA GLY L 25 42.62 15.89 -18.24
C GLY L 25 43.66 14.79 -18.19
N ALA L 26 44.82 15.04 -18.80
CA ALA L 26 46.03 14.23 -18.54
C ALA L 26 45.74 13.13 -17.57
N PRO L 27 45.96 11.91 -17.98
CA PRO L 27 45.61 10.69 -17.28
C PRO L 27 46.24 10.48 -15.88
N PHE L 28 47.37 11.14 -15.59
CA PHE L 28 48.07 11.02 -14.30
C PHE L 28 48.86 12.26 -14.00
N ARG L 29 48.94 12.58 -12.71
CA ARG L 29 49.72 13.72 -12.33
C ARG L 29 50.52 13.40 -11.09
N ARG L 30 51.77 13.90 -11.05
CA ARG L 30 52.76 13.58 -10.02
C ARG L 30 52.73 14.66 -9.00
N GLY L 31 52.90 14.26 -7.75
CA GLY L 31 52.85 15.17 -6.63
C GLY L 31 53.76 14.75 -5.49
N VAL L 32 53.68 15.52 -4.40
CA VAL L 32 54.49 15.28 -3.20
C VAL L 32 53.56 15.28 -2.02
N CYS L 33 53.61 14.19 -1.26
CA CYS L 33 52.79 14.07 -0.07
C CYS L 33 53.20 15.12 0.94
N THR L 34 52.28 15.43 1.80
CA THR L 34 52.37 16.58 2.67
C THR L 34 51.98 16.13 4.07
N VAL L 35 50.77 15.60 4.18
CA VAL L 35 50.26 14.98 5.39
C VAL L 35 49.85 13.59 4.96
N VAL L 36 50.35 12.57 5.63
CA VAL L 36 49.82 11.24 5.39
C VAL L 36 49.01 10.87 6.62
N ARG L 37 47.72 11.22 6.56
CA ARG L 37 46.75 11.10 7.68
C ARG L 37 45.97 9.75 7.58
N THR L 38 45.09 9.52 8.54
CA THR L 38 44.06 8.48 8.51
C THR L 38 42.69 9.15 8.66
N VAL L 39 41.71 8.81 7.85
CA VAL L 39 40.40 9.46 7.98
C VAL L 39 39.27 8.47 8.12
N THR L 40 38.28 8.81 8.93
CA THR L 40 37.13 7.93 9.08
C THR L 40 36.10 8.20 7.98
N PRO L 41 35.44 7.15 7.52
CA PRO L 41 34.40 7.32 6.55
C PRO L 41 33.17 7.86 7.20
N LYS L 42 32.09 7.79 6.46
CA LYS L 42 30.90 8.45 6.85
C LYS L 42 29.74 7.56 6.57
N LYS L 43 28.57 8.17 6.55
CA LYS L 43 27.40 7.56 5.96
C LYS L 43 27.26 6.33 6.82
N PRO L 44 27.29 5.09 6.26
CA PRO L 44 27.12 3.90 7.09
C PRO L 44 28.39 3.07 7.23
N ASN L 45 29.52 3.70 6.95
CA ASN L 45 30.73 2.95 7.08
C ASN L 45 31.60 3.39 8.22
N SER L 46 32.43 2.45 8.64
CA SER L 46 33.38 2.67 9.70
C SER L 46 34.72 2.04 9.25
N ALA L 47 35.79 2.83 9.33
CA ALA L 47 37.18 2.36 9.20
C ALA L 47 38.23 3.49 9.33
N LEU L 48 39.50 3.14 9.22
CA LEU L 48 40.50 4.14 9.38
C LEU L 48 41.19 4.21 8.06
N ARG L 49 40.75 5.14 7.23
CA ARG L 49 41.13 5.12 5.83
C ARG L 49 42.40 5.94 5.55
N LYS L 50 43.32 5.35 4.80
CA LYS L 50 44.62 5.95 4.62
C LYS L 50 44.62 6.88 3.42
N VAL L 51 45.18 8.08 3.63
CA VAL L 51 45.00 9.21 2.77
C VAL L 51 46.28 10.05 2.69
N ALA L 52 46.59 10.59 1.51
CA ALA L 52 47.67 11.58 1.35
C ALA L 52 47.13 12.93 0.86
N LYS L 53 47.56 14.03 1.48
CA LYS L 53 47.35 15.37 0.91
C LYS L 53 48.54 15.56 0.02
N VAL L 54 48.29 15.92 -1.22
CA VAL L 54 49.33 15.90 -2.21
C VAL L 54 49.50 17.26 -2.86
N ARG L 55 50.73 17.79 -2.88
CA ARG L 55 51.02 18.93 -3.73
C ARG L 55 51.32 18.43 -5.14
N LEU L 56 50.62 18.96 -6.14
CA LEU L 56 50.85 18.55 -7.51
C LEU L 56 51.73 19.53 -8.29
N THR L 57 52.31 19.01 -9.37
CA THR L 57 52.91 19.80 -10.46
C THR L 57 51.85 20.69 -11.14
N SER L 58 50.64 20.13 -11.27
CA SER L 58 49.49 20.83 -11.85
C SER L 58 49.09 22.09 -11.10
N GLY L 59 49.73 22.33 -9.95
CA GLY L 59 49.51 23.50 -9.12
C GLY L 59 48.69 23.16 -7.89
N TYR L 60 47.74 22.24 -8.06
CA TYR L 60 46.75 21.91 -7.04
C TYR L 60 47.34 21.12 -5.87
N GLU L 61 46.86 21.41 -4.67
CA GLU L 61 47.10 20.56 -3.53
C GLU L 61 45.79 19.83 -3.27
N VAL L 62 45.81 18.49 -3.38
CA VAL L 62 44.60 17.69 -3.27
C VAL L 62 44.80 16.44 -2.44
N THR L 63 43.70 15.88 -2.01
CA THR L 63 43.75 14.70 -1.19
C THR L 63 43.37 13.44 -1.97
N ALA L 64 44.18 12.43 -1.75
CA ALA L 64 44.22 11.24 -2.54
C ALA L 64 44.14 10.07 -1.58
N TYR L 65 43.63 8.95 -2.08
CA TYR L 65 43.46 7.75 -1.31
C TYR L 65 44.64 6.83 -1.54
N ILE L 66 45.13 6.17 -0.49
CA ILE L 66 46.19 5.18 -0.69
C ILE L 66 45.56 3.81 -0.59
N PRO L 67 45.39 3.14 -1.75
CA PRO L 67 44.70 1.86 -1.76
C PRO L 67 45.64 0.76 -1.37
N GLY L 68 45.09 -0.39 -0.99
CA GLY L 68 45.91 -1.55 -0.80
C GLY L 68 45.94 -1.97 0.64
N GLU L 69 46.58 -3.11 0.86
CA GLU L 69 46.69 -3.76 2.17
C GLU L 69 47.37 -2.82 3.14
N GLY L 70 48.65 -2.50 2.92
CA GLY L 70 49.29 -1.45 3.73
C GLY L 70 50.41 -0.74 3.00
N HIS L 71 50.88 0.38 3.53
CA HIS L 71 51.75 1.25 2.76
C HIS L 71 52.95 1.82 3.49
N ASN L 72 53.71 2.62 2.75
CA ASN L 72 55.06 3.02 3.10
C ASN L 72 55.23 4.51 2.83
N LEU L 73 54.24 5.31 3.18
CA LEU L 73 54.27 6.68 2.73
C LEU L 73 54.36 7.60 3.90
N GLN L 74 55.31 8.53 3.78
CA GLN L 74 55.57 9.47 4.82
C GLN L 74 55.64 10.86 4.20
N GLU L 75 56.13 11.81 4.96
CA GLU L 75 55.79 13.17 4.74
C GLU L 75 56.42 13.83 3.52
N HIS L 76 57.34 13.21 2.78
CA HIS L 76 57.86 13.91 1.58
C HIS L 76 57.83 13.09 0.31
N SER L 77 56.78 12.30 0.19
CA SER L 77 56.90 11.01 -0.46
C SER L 77 56.99 11.02 -1.97
N VAL L 78 56.33 11.91 -2.69
CA VAL L 78 56.48 11.91 -4.19
C VAL L 78 55.80 10.72 -4.88
N VAL L 79 54.66 10.97 -5.45
CA VAL L 79 53.82 9.89 -5.83
C VAL L 79 53.00 10.29 -7.06
N LEU L 80 52.47 9.29 -7.76
CA LEU L 80 51.62 9.51 -8.92
C LEU L 80 50.15 9.31 -8.54
N ILE L 81 49.32 10.20 -9.06
CA ILE L 81 47.93 10.29 -8.70
C ILE L 81 47.18 9.93 -9.97
N ARG L 82 46.01 9.33 -9.80
CA ARG L 82 45.31 8.82 -10.95
C ARG L 82 43.85 9.17 -11.11
N GLY L 83 43.16 9.62 -10.08
CA GLY L 83 41.76 9.88 -10.33
C GLY L 83 40.88 8.64 -10.27
N GLY L 84 39.75 8.80 -9.62
CA GLY L 84 39.08 7.71 -8.98
C GLY L 84 38.78 8.26 -7.60
N ARG L 85 37.55 8.75 -7.42
CA ARG L 85 37.06 9.18 -6.12
C ARG L 85 37.01 8.01 -5.13
N VAL L 86 36.75 8.28 -3.85
CA VAL L 86 36.56 7.21 -2.90
C VAL L 86 35.17 7.12 -2.32
N LYS L 87 34.44 8.22 -2.14
CA LYS L 87 32.96 8.08 -2.03
C LYS L 87 32.44 7.98 -0.61
N ASP L 88 33.15 7.20 0.19
CA ASP L 88 33.02 7.21 1.64
C ASP L 88 33.83 8.28 2.28
N LEU L 89 34.86 8.74 1.59
CA LEU L 89 35.68 9.83 2.06
C LEU L 89 35.35 11.03 1.19
N PRO L 90 34.71 12.04 1.79
CA PRO L 90 34.43 13.26 1.05
C PRO L 90 35.70 14.02 0.70
N GLY L 91 35.69 14.65 -0.48
CA GLY L 91 36.85 15.43 -0.95
C GLY L 91 38.07 14.57 -1.25
N VAL L 92 37.84 13.30 -1.53
CA VAL L 92 38.90 12.42 -1.93
C VAL L 92 38.54 11.96 -3.32
N ARG L 93 39.06 12.64 -4.35
CA ARG L 93 38.66 12.35 -5.74
C ARG L 93 39.67 11.60 -6.60
N TYR L 94 40.79 11.20 -6.00
CA TYR L 94 41.90 10.58 -6.70
C TYR L 94 42.50 9.45 -5.84
N HIS L 95 43.16 8.49 -6.47
CA HIS L 95 43.83 7.41 -5.75
C HIS L 95 45.27 7.61 -6.03
N ILE L 96 46.12 7.12 -5.14
CA ILE L 96 47.50 6.97 -5.50
C ILE L 96 47.66 5.70 -6.31
N VAL L 97 48.58 5.77 -7.24
CA VAL L 97 48.96 4.62 -8.01
C VAL L 97 50.10 3.94 -7.32
N ARG L 98 49.91 2.68 -7.00
CA ARG L 98 50.98 1.96 -6.33
C ARG L 98 51.93 1.34 -7.30
N GLY L 99 53.20 1.44 -6.93
CA GLY L 99 54.30 0.83 -7.64
C GLY L 99 55.14 1.88 -8.35
N VAL L 100 54.79 3.15 -8.13
CA VAL L 100 55.39 4.24 -8.89
C VAL L 100 55.95 5.30 -7.95
N TYR L 101 57.17 5.74 -8.27
CA TYR L 101 57.96 6.58 -7.37
C TYR L 101 58.01 5.95 -5.97
N ASP L 102 57.77 6.75 -4.94
CA ASP L 102 58.09 6.34 -3.58
C ASP L 102 56.95 5.59 -2.91
N ALA L 103 55.85 5.37 -3.64
CA ALA L 103 54.83 4.41 -3.18
C ALA L 103 55.18 3.03 -3.68
N ALA L 104 55.71 2.21 -2.80
CA ALA L 104 56.02 0.85 -3.16
C ALA L 104 54.70 0.13 -3.31
N GLY L 105 54.72 -0.91 -4.11
CA GLY L 105 53.54 -1.70 -4.36
C GLY L 105 53.26 -2.59 -3.19
N VAL L 106 52.08 -3.17 -3.19
CA VAL L 106 51.64 -3.97 -2.07
C VAL L 106 52.32 -5.34 -2.07
N LYS L 107 53.05 -5.62 -1.00
CA LYS L 107 53.64 -6.93 -0.76
C LYS L 107 52.57 -7.96 -0.41
N ASP L 108 52.83 -9.23 -0.69
CA ASP L 108 51.98 -10.36 -0.22
C ASP L 108 50.64 -10.43 -0.96
N ARG L 109 50.60 -9.79 -2.11
CA ARG L 109 49.37 -9.66 -2.86
C ARG L 109 49.46 -10.68 -3.94
N LYS L 110 48.59 -11.67 -3.90
CA LYS L 110 48.67 -12.72 -4.92
C LYS L 110 47.74 -12.42 -6.10
N LYS L 111 46.59 -11.78 -5.84
CA LYS L 111 45.51 -11.71 -6.83
C LYS L 111 45.53 -10.53 -7.83
N SER L 112 44.68 -9.53 -7.64
CA SER L 112 44.58 -8.44 -8.61
C SER L 112 45.89 -7.60 -8.57
N ARG L 113 47.04 -8.18 -8.89
CA ARG L 113 48.34 -7.55 -8.52
C ARG L 113 48.76 -6.28 -9.27
N SER L 114 48.16 -6.05 -10.44
CA SER L 114 48.65 -5.06 -11.42
C SER L 114 48.11 -3.70 -11.05
N LYS L 115 46.92 -3.68 -10.43
CA LYS L 115 46.48 -2.52 -9.64
C LYS L 115 47.21 -2.85 -8.38
N TYR L 116 47.50 -1.92 -7.51
CA TYR L 116 48.45 -2.25 -6.37
C TYR L 116 49.93 -2.46 -6.80
N GLY L 117 50.16 -2.79 -8.07
CA GLY L 117 51.49 -2.70 -8.64
C GLY L 117 52.50 -3.56 -7.92
N THR L 118 52.35 -4.87 -8.02
CA THR L 118 53.27 -5.79 -7.36
C THR L 118 53.67 -6.89 -8.30
N LYS L 119 54.97 -7.08 -8.44
CA LYS L 119 55.49 -7.92 -9.51
C LYS L 119 55.14 -9.37 -9.27
N LYS L 120 55.34 -10.18 -10.28
CA LYS L 120 55.02 -11.59 -10.21
C LYS L 120 55.88 -12.29 -9.16
N PRO L 121 55.26 -13.03 -8.24
CA PRO L 121 56.04 -13.78 -7.26
C PRO L 121 56.61 -15.09 -7.87
N LYS L 122 57.61 -15.69 -7.23
CA LYS L 122 58.42 -16.73 -7.89
C LYS L 122 58.69 -18.03 -7.07
N GLU L 123 57.66 -18.70 -6.53
CA GLU L 123 57.87 -19.98 -5.77
C GLU L 123 57.34 -21.23 -6.51
N ALA L 124 56.07 -21.15 -6.92
CA ALA L 124 55.47 -22.08 -7.90
C ALA L 124 55.53 -21.45 -9.29
N ALA L 125 56.13 -20.26 -9.38
CA ALA L 125 56.40 -19.59 -10.65
C ALA L 125 57.80 -18.93 -10.63
N ALA M 1 -4.31 -7.48 96.90
CA ALA M 1 -3.26 -6.61 97.52
C ALA M 1 -1.93 -6.83 96.81
N ARG M 2 -0.86 -6.35 97.43
CA ARG M 2 0.49 -6.68 97.01
C ARG M 2 0.73 -8.18 97.09
N ILE M 3 1.24 -8.78 96.01
CA ILE M 3 1.77 -10.16 96.06
C ILE M 3 3.28 -10.04 95.95
N ALA M 4 3.87 -10.36 94.80
CA ALA M 4 5.30 -10.63 94.77
C ALA M 4 6.15 -9.40 94.59
N GLY M 5 7.45 -9.66 94.45
CA GLY M 5 8.50 -8.65 94.28
C GLY M 5 8.13 -7.34 94.93
N VAL M 6 7.29 -6.59 94.22
CA VAL M 6 6.66 -5.37 94.74
C VAL M 6 5.29 -5.12 94.06
N GLU M 7 4.74 -6.13 93.39
CA GLU M 7 3.56 -5.94 92.54
C GLU M 7 2.31 -5.73 93.35
N ILE M 8 1.38 -4.96 92.81
CA ILE M 8 0.03 -4.84 93.36
C ILE M 8 -1.02 -5.01 92.25
N PRO M 9 -1.51 -6.26 92.00
CA PRO M 9 -2.67 -6.44 91.10
C PRO M 9 -3.92 -5.78 91.66
N ARG M 10 -4.87 -5.30 90.86
CA ARG M 10 -6.11 -4.77 91.51
C ARG M 10 -7.40 -4.81 90.73
N ASN M 11 -8.51 -4.93 91.47
CA ASN M 11 -9.86 -4.63 90.97
C ASN M 11 -10.46 -5.55 89.88
N LYS M 12 -9.60 -6.31 89.20
CA LYS M 12 -10.02 -7.27 88.21
C LYS M 12 -9.92 -8.65 88.82
N ARG M 13 -10.61 -9.61 88.20
CA ARG M 13 -10.42 -11.04 88.50
C ARG M 13 -8.98 -11.38 88.88
N VAL M 14 -8.80 -12.39 89.73
CA VAL M 14 -7.45 -12.77 90.17
C VAL M 14 -6.65 -13.47 89.05
N ASP M 15 -7.29 -14.40 88.34
CA ASP M 15 -6.63 -15.11 87.23
C ASP M 15 -5.94 -14.10 86.28
N VAL M 16 -6.70 -13.14 85.78
CA VAL M 16 -6.12 -12.02 85.08
C VAL M 16 -5.02 -11.38 85.89
N ALA M 17 -5.41 -10.92 87.08
CA ALA M 17 -4.63 -9.96 87.87
C ALA M 17 -3.26 -10.49 88.28
N LEU M 18 -3.18 -11.80 88.47
CA LEU M 18 -1.91 -12.40 88.83
C LEU M 18 -0.88 -12.19 87.73
N THR M 19 -1.39 -12.20 86.49
CA THR M 19 -0.60 -12.05 85.26
C THR M 19 0.32 -10.87 85.26
N TYR M 20 -0.14 -9.82 85.95
CA TYR M 20 0.53 -8.54 86.08
C TYR M 20 1.86 -8.66 86.78
N ILE M 21 2.25 -9.90 87.12
CA ILE M 21 3.59 -10.15 87.60
C ILE M 21 4.45 -10.69 86.46
N TYR M 22 5.73 -10.32 86.54
CA TYR M 22 6.75 -10.80 85.62
C TYR M 22 7.12 -12.16 86.17
N GLY M 23 6.61 -13.20 85.53
CA GLY M 23 6.72 -14.56 86.03
C GLY M 23 5.38 -15.27 86.03
N ILE M 24 4.29 -14.53 85.88
CA ILE M 24 2.97 -15.14 85.85
C ILE M 24 2.29 -14.88 84.50
N GLY M 25 1.93 -16.00 83.85
CA GLY M 25 1.07 -16.03 82.69
C GLY M 25 -0.26 -16.67 83.06
N LYS M 26 -1.11 -16.90 82.07
CA LYS M 26 -2.46 -17.40 82.28
C LYS M 26 -2.43 -18.79 82.91
N ALA M 27 -1.34 -19.51 82.66
CA ALA M 27 -1.11 -20.86 83.19
C ALA M 27 -0.76 -20.87 84.70
N ARG M 28 0.34 -20.21 85.08
CA ARG M 28 0.80 -20.19 86.49
C ARG M 28 -0.21 -19.60 87.45
N ALA M 29 -1.05 -18.72 86.93
CA ALA M 29 -2.22 -18.23 87.62
C ALA M 29 -3.19 -19.36 87.95
N LYS M 30 -3.58 -20.18 86.98
CA LYS M 30 -4.45 -21.35 87.27
C LYS M 30 -3.83 -22.24 88.32
N GLU M 31 -2.55 -22.55 88.16
CA GLU M 31 -1.89 -23.46 89.07
C GLU M 31 -2.10 -22.96 90.50
N ALA M 32 -1.59 -21.76 90.79
CA ALA M 32 -1.67 -21.19 92.15
C ALA M 32 -3.07 -20.80 92.66
N LEU M 33 -4.08 -20.77 91.80
CA LEU M 33 -5.43 -20.50 92.25
C LEU M 33 -6.23 -21.75 92.58
N GLU M 34 -5.65 -22.92 92.39
CA GLU M 34 -6.30 -24.13 92.88
C GLU M 34 -5.41 -24.81 93.87
N LYS M 35 -4.10 -24.67 93.71
CA LYS M 35 -3.18 -25.10 94.74
C LYS M 35 -3.31 -24.27 96.05
N THR M 36 -4.08 -23.18 96.01
CA THR M 36 -4.54 -22.50 97.23
C THR M 36 -6.06 -22.56 97.37
N GLY M 37 -6.73 -23.09 96.35
CA GLY M 37 -8.16 -23.36 96.41
C GLY M 37 -9.01 -22.11 96.47
N ILE M 38 -8.58 -21.06 95.78
CA ILE M 38 -9.31 -19.80 95.69
C ILE M 38 -10.14 -19.81 94.39
N ASN M 39 -11.41 -19.44 94.47
CA ASN M 39 -12.19 -19.24 93.24
C ASN M 39 -11.53 -18.14 92.41
N PRO M 40 -11.20 -18.43 91.13
CA PRO M 40 -10.59 -17.44 90.22
C PRO M 40 -11.48 -16.26 89.86
N ALA M 41 -12.77 -16.49 89.79
CA ALA M 41 -13.71 -15.44 89.46
C ALA M 41 -13.73 -14.26 90.44
N THR M 42 -13.26 -14.45 91.68
CA THR M 42 -13.40 -13.37 92.65
C THR M 42 -12.42 -12.24 92.33
N ARG M 43 -12.89 -11.02 92.56
CA ARG M 43 -12.13 -9.80 92.30
C ARG M 43 -11.06 -9.73 93.36
N VAL M 44 -9.92 -9.11 93.09
CA VAL M 44 -8.94 -8.91 94.18
C VAL M 44 -9.55 -8.06 95.31
N LYS M 45 -9.98 -6.86 94.94
CA LYS M 45 -10.78 -5.96 95.80
C LYS M 45 -11.47 -6.66 96.97
N ASP M 46 -12.16 -7.77 96.68
CA ASP M 46 -12.91 -8.51 97.71
C ASP M 46 -12.49 -9.98 97.85
N LEU M 47 -11.31 -10.21 98.40
CA LEU M 47 -10.82 -11.55 98.64
C LEU M 47 -9.97 -11.54 99.92
N THR M 48 -10.30 -12.45 100.84
CA THR M 48 -9.74 -12.53 102.21
C THR M 48 -8.23 -12.30 102.34
N GLU M 49 -7.83 -11.68 103.45
CA GLU M 49 -6.41 -11.58 103.83
C GLU M 49 -5.83 -12.98 104.04
N ALA M 50 -6.69 -13.90 104.47
CA ALA M 50 -6.31 -15.30 104.58
C ALA M 50 -6.01 -15.87 103.19
N GLU M 51 -6.82 -15.47 102.22
CA GLU M 51 -6.61 -15.88 100.82
C GLU M 51 -5.34 -15.23 100.26
N VAL M 52 -5.21 -13.93 100.42
CA VAL M 52 -3.99 -13.21 100.01
C VAL M 52 -2.69 -13.83 100.55
N VAL M 53 -2.74 -14.41 101.73
CA VAL M 53 -1.54 -14.94 102.36
C VAL M 53 -1.25 -16.31 101.70
N ARG M 54 -2.25 -17.17 101.74
CA ARG M 54 -2.18 -18.47 101.08
C ARG M 54 -1.48 -18.27 99.73
N LEU M 55 -1.98 -17.29 98.98
CA LEU M 55 -1.52 -16.98 97.64
C LEU M 55 -0.10 -16.51 97.70
N ARG M 56 0.11 -15.33 98.30
CA ARG M 56 1.44 -14.75 98.38
C ARG M 56 2.52 -15.77 98.78
N GLU M 57 2.25 -16.58 99.79
CA GLU M 57 3.26 -17.53 100.29
C GLU M 57 3.66 -18.53 99.20
N TYR M 58 2.66 -19.20 98.60
CA TYR M 58 2.88 -20.18 97.54
C TYR M 58 3.72 -19.56 96.42
N VAL M 59 3.18 -18.50 95.84
CA VAL M 59 3.82 -17.79 94.76
C VAL M 59 5.31 -17.45 94.98
N GLU M 60 5.64 -16.60 95.96
CA GLU M 60 7.05 -16.15 96.19
C GLU M 60 8.05 -17.28 96.36
N ASN M 61 7.54 -18.44 96.76
CA ASN M 61 8.38 -19.57 97.12
C ASN M 61 8.36 -20.66 96.06
N THR M 62 7.21 -20.89 95.42
CA THR M 62 7.11 -21.88 94.34
C THR M 62 8.16 -21.68 93.22
N TRP M 63 8.28 -20.47 92.66
CA TRP M 63 9.12 -20.25 91.47
C TRP M 63 9.77 -18.85 91.42
N LYS M 64 10.79 -18.71 90.57
CA LYS M 64 11.63 -17.51 90.51
C LYS M 64 10.84 -16.41 89.81
N LEU M 65 10.91 -15.17 90.30
CA LEU M 65 10.10 -14.08 89.71
C LEU M 65 10.74 -12.70 89.58
N GLU M 66 9.90 -11.80 89.07
CA GLU M 66 10.06 -10.37 89.12
C GLU M 66 11.38 -9.88 89.69
N GLY M 67 12.30 -9.46 88.85
CA GLY M 67 13.55 -8.92 89.36
C GLY M 67 14.61 -9.99 89.54
N GLU M 68 14.29 -11.09 90.23
CA GLU M 68 15.25 -12.22 90.32
C GLU M 68 15.48 -12.75 88.90
N LEU M 69 14.37 -13.05 88.21
CA LEU M 69 14.33 -13.40 86.76
C LEU M 69 15.02 -12.35 85.89
N ARG M 70 14.40 -11.18 85.83
CA ARG M 70 14.94 -10.00 85.17
C ARG M 70 16.50 -9.95 85.20
N ALA M 71 17.09 -10.30 86.34
CA ALA M 71 18.54 -10.39 86.47
C ALA M 71 19.12 -11.74 85.97
N GLU M 72 18.35 -12.81 86.15
CA GLU M 72 18.74 -14.12 85.63
C GLU M 72 18.85 -14.11 84.11
N VAL M 73 17.75 -13.77 83.45
CA VAL M 73 17.69 -13.71 81.98
C VAL M 73 18.88 -12.87 81.50
N ALA M 74 18.94 -11.62 81.96
CA ALA M 74 20.09 -10.77 81.70
C ALA M 74 21.45 -11.52 81.85
N ALA M 75 21.56 -12.38 82.86
CA ALA M 75 22.80 -13.10 83.13
C ALA M 75 23.02 -14.33 82.23
N ASN M 76 21.94 -14.84 81.64
CA ASN M 76 22.03 -15.90 80.61
C ASN M 76 22.66 -15.36 79.34
N ILE M 77 22.16 -14.20 78.92
CA ILE M 77 22.66 -13.49 77.76
C ILE M 77 24.12 -13.01 77.97
N LYS M 78 24.39 -12.35 79.10
CA LYS M 78 25.76 -12.09 79.55
C LYS M 78 26.61 -13.36 79.38
N ARG M 79 26.06 -14.50 79.78
CA ARG M 79 26.79 -15.76 79.70
C ARG M 79 27.03 -16.14 78.26
N LEU M 80 26.09 -15.84 77.38
CA LEU M 80 26.24 -16.14 75.97
C LEU M 80 27.37 -15.36 75.28
N MET M 81 27.75 -14.20 75.84
CA MET M 81 29.03 -13.56 75.49
C MET M 81 30.27 -14.43 75.77
N ASP M 82 30.26 -15.21 76.86
CA ASP M 82 31.39 -16.07 77.31
C ASP M 82 32.77 -15.82 76.65
N ILE M 83 33.37 -16.87 76.07
CA ILE M 83 34.52 -16.74 75.16
C ILE M 83 34.04 -16.26 73.78
N GLY M 84 32.77 -16.53 73.45
CA GLY M 84 32.08 -15.84 72.36
C GLY M 84 31.29 -16.73 71.44
N CYS M 85 30.12 -17.18 71.89
CA CYS M 85 29.37 -18.14 71.10
C CYS M 85 28.59 -17.43 70.01
N TYR M 86 27.88 -18.21 69.20
CA TYR M 86 27.11 -17.67 68.07
C TYR M 86 25.98 -16.79 68.54
N ARG M 87 25.03 -17.38 69.26
CA ARG M 87 23.92 -16.61 69.87
C ARG M 87 24.46 -15.44 70.71
N GLY M 88 25.76 -15.45 71.02
CA GLY M 88 26.39 -14.33 71.71
C GLY M 88 26.39 -13.09 70.85
N LEU M 89 27.28 -13.08 69.86
CA LEU M 89 27.06 -12.25 68.68
C LEU M 89 25.61 -12.57 68.33
N ARG M 90 24.82 -11.56 67.96
CA ARG M 90 23.35 -11.66 67.73
C ARG M 90 22.73 -10.88 68.85
N HIS M 91 23.05 -11.27 70.07
CA HIS M 91 22.74 -10.43 71.23
C HIS M 91 23.70 -9.25 71.24
N ARG M 92 24.98 -9.50 70.96
CA ARG M 92 26.02 -8.46 70.91
C ARG M 92 25.68 -7.48 69.81
N ARG M 93 25.07 -7.99 68.74
CA ARG M 93 24.86 -7.23 67.49
C ARG M 93 23.47 -6.65 67.36
N GLY M 94 22.58 -7.03 68.25
CA GLY M 94 21.19 -6.60 68.18
C GLY M 94 20.45 -7.25 67.03
N LEU M 95 20.89 -8.45 66.63
CA LEU M 95 20.29 -9.20 65.53
C LEU M 95 19.52 -10.44 66.01
N PRO M 96 18.64 -10.98 65.16
CA PRO M 96 17.84 -12.15 65.55
C PRO M 96 18.66 -13.37 65.79
N VAL M 97 18.08 -14.22 66.60
CA VAL M 97 18.80 -15.22 67.34
C VAL M 97 18.33 -16.62 66.96
N ARG M 98 17.11 -16.73 66.44
CA ARG M 98 16.45 -18.02 66.24
C ARG M 98 16.32 -18.38 64.77
N GLY M 99 17.43 -18.19 64.04
CA GLY M 99 17.56 -18.68 62.67
C GLY M 99 16.51 -18.13 61.74
N GLN M 100 16.39 -16.82 61.71
CA GLN M 100 15.42 -16.20 60.85
C GLN M 100 16.13 -15.38 59.80
N ARG M 101 15.32 -14.92 58.86
CA ARG M 101 15.81 -14.14 57.76
C ARG M 101 16.03 -12.72 58.27
N THR M 102 16.92 -12.01 57.59
CA THR M 102 17.20 -10.62 57.89
C THR M 102 17.20 -9.70 56.66
N ARG M 103 17.33 -10.27 55.47
CA ARG M 103 17.22 -9.52 54.23
C ARG M 103 15.97 -8.67 54.20
N THR M 104 14.88 -9.20 54.75
CA THR M 104 13.75 -8.37 55.06
C THR M 104 13.40 -8.58 56.51
N ASN M 105 12.36 -7.86 56.95
CA ASN M 105 11.77 -8.06 58.25
C ASN M 105 12.89 -7.97 59.31
N ALA M 106 12.74 -8.68 60.44
CA ALA M 106 13.70 -8.59 61.56
C ALA M 106 13.62 -7.23 62.27
N ARG M 107 12.46 -6.57 62.12
CA ARG M 107 12.33 -5.22 62.64
C ARG M 107 12.20 -5.25 64.15
N THR M 108 11.49 -6.24 64.66
CA THR M 108 11.30 -6.30 66.10
C THR M 108 12.67 -6.20 66.78
N ARG M 109 13.69 -6.82 66.21
CA ARG M 109 15.00 -6.75 66.83
C ARG M 109 15.90 -5.63 66.34
N LYS M 110 15.37 -4.68 65.57
CA LYS M 110 16.19 -3.62 64.97
C LYS M 110 15.62 -2.21 65.06
N GLY M 111 16.55 -1.26 65.12
CA GLY M 111 16.22 0.17 65.29
C GLY M 111 15.26 0.70 64.24
N PRO M 112 13.94 0.70 64.54
CA PRO M 112 13.03 1.09 63.50
C PRO M 112 13.57 0.84 62.08
N ARG M 113 13.89 1.87 61.29
CA ARG M 113 14.62 1.69 60.01
C ARG M 113 15.68 2.77 59.93
N LYS M 114 16.77 2.45 59.24
CA LYS M 114 17.91 3.35 59.13
C LYS M 114 18.16 3.64 57.64
N THR M 115 17.13 4.10 56.91
CA THR M 115 17.15 4.17 55.40
C THR M 115 18.42 4.84 54.82
N VAL M 116 18.89 4.36 53.65
CA VAL M 116 20.15 4.85 53.02
C VAL M 116 19.92 5.33 51.56
N ALA M 117 20.93 5.28 50.69
CA ALA M 117 20.80 5.74 49.31
C ALA M 117 20.98 4.62 48.24
N GLY M 118 21.27 5.01 46.99
CA GLY M 118 21.84 4.09 46.01
C GLY M 118 21.33 4.28 44.60
N LYS M 119 22.09 3.80 43.61
CA LYS M 119 21.62 3.55 42.20
C LYS M 119 21.77 4.70 41.17
N LYS M 120 21.89 4.32 39.89
CA LYS M 120 22.13 5.24 38.75
C LYS M 120 21.40 4.75 37.47
N ALA N 1 27.09 -31.18 35.18
CA ALA N 1 27.11 -32.24 36.23
C ALA N 1 26.06 -33.35 35.99
N ARG N 2 25.09 -33.16 35.10
CA ARG N 2 23.87 -34.00 35.11
C ARG N 2 24.07 -35.41 34.52
N LYS N 3 25.32 -35.90 34.40
CA LYS N 3 25.59 -37.34 34.10
C LYS N 3 26.13 -38.06 35.32
N ALA N 4 27.27 -37.60 35.83
CA ALA N 4 27.85 -38.15 37.07
C ALA N 4 26.85 -38.27 38.24
N LEU N 5 25.70 -37.60 38.06
CA LEU N 5 24.64 -37.42 39.05
C LEU N 5 23.42 -38.33 38.80
N ILE N 6 22.99 -38.48 37.55
CA ILE N 6 21.95 -39.48 37.26
C ILE N 6 22.47 -40.80 37.75
N GLU N 7 23.79 -40.96 37.67
CA GLU N 7 24.46 -42.17 38.12
C GLU N 7 24.50 -42.26 39.67
N LYS N 8 25.08 -41.26 40.31
CA LYS N 8 25.08 -41.16 41.79
C LYS N 8 23.75 -41.36 42.52
N ALA N 9 22.64 -40.91 41.94
CA ALA N 9 21.35 -41.01 42.63
C ALA N 9 20.80 -42.42 42.66
N LYS N 10 21.38 -43.32 41.86
CA LYS N 10 20.98 -44.74 41.79
C LYS N 10 21.76 -45.58 42.78
N ARG N 11 23.03 -45.26 42.94
CA ARG N 11 23.85 -45.89 43.97
C ARG N 11 23.14 -45.82 45.32
N THR N 12 23.07 -46.93 46.05
CA THR N 12 22.52 -46.90 47.40
C THR N 12 23.54 -46.19 48.29
N PRO N 13 23.09 -45.20 49.09
CA PRO N 13 24.08 -44.39 49.81
C PRO N 13 24.15 -44.69 51.30
N LYS N 14 25.28 -44.32 51.88
CA LYS N 14 25.40 -44.21 53.33
C LYS N 14 24.24 -43.32 53.74
N PHE N 15 23.40 -43.79 54.66
CA PHE N 15 22.24 -43.02 55.11
C PHE N 15 21.12 -42.93 54.05
N LYS N 16 19.96 -43.50 54.31
CA LYS N 16 18.84 -43.41 53.35
C LYS N 16 18.29 -41.97 53.10
N VAL N 17 18.66 -40.99 53.92
CA VAL N 17 18.10 -39.67 53.72
C VAL N 17 18.90 -38.84 52.73
N ARG N 18 20.13 -39.27 52.43
CA ARG N 18 20.85 -38.76 51.25
C ARG N 18 20.20 -39.19 49.91
N ALA N 19 19.29 -40.17 49.95
CA ALA N 19 18.55 -40.66 48.78
C ALA N 19 17.55 -39.68 48.18
N TYR N 20 17.22 -39.85 46.89
CA TYR N 20 16.18 -39.04 46.24
C TYR N 20 15.72 -39.49 44.86
N THR N 21 14.54 -38.99 44.50
CA THR N 21 13.91 -39.11 43.19
C THR N 21 14.70 -38.56 41.97
N ARG N 22 14.26 -38.95 40.76
CA ARG N 22 14.77 -38.42 39.47
C ARG N 22 13.92 -38.84 38.22
N CYS N 23 13.51 -37.90 37.34
CA CYS N 23 12.71 -38.21 36.08
C CYS N 23 13.60 -39.18 35.37
N VAL N 24 13.12 -40.41 35.31
CA VAL N 24 13.87 -41.53 34.77
C VAL N 24 14.14 -41.33 33.29
N ARG N 25 13.34 -40.51 32.58
CA ARG N 25 13.71 -39.95 31.24
C ARG N 25 14.60 -38.70 31.40
N CYS N 26 14.25 -37.60 30.73
CA CYS N 26 14.58 -36.18 31.07
C CYS N 26 15.33 -35.92 32.42
N GLY N 27 16.55 -36.44 32.60
CA GLY N 27 17.07 -36.88 33.94
C GLY N 27 17.11 -35.99 35.19
N ARG N 28 15.98 -35.83 35.90
CA ARG N 28 15.78 -34.55 36.64
C ARG N 28 15.22 -34.55 38.09
N ALA N 29 15.88 -33.79 38.96
CA ALA N 29 15.57 -33.72 40.40
C ALA N 29 14.16 -33.22 40.80
N ARG N 30 13.78 -32.02 40.34
CA ARG N 30 12.56 -31.32 40.81
C ARG N 30 11.27 -31.71 40.06
N SER N 31 10.14 -31.21 40.54
CA SER N 31 8.80 -31.80 40.37
C SER N 31 8.67 -33.22 39.79
N VAL N 32 9.08 -34.21 40.58
CA VAL N 32 9.16 -35.63 40.12
C VAL N 32 8.10 -36.55 40.71
N TYR N 33 7.01 -36.76 39.99
CA TYR N 33 5.83 -37.43 40.54
C TYR N 33 6.17 -38.87 40.88
N ARG N 34 6.14 -39.24 42.16
CA ARG N 34 6.65 -40.57 42.54
C ARG N 34 5.80 -41.73 42.00
N PHE N 35 4.53 -41.51 41.70
CA PHE N 35 3.67 -42.55 41.09
C PHE N 35 4.12 -42.92 39.68
N PHE N 36 5.05 -42.15 39.10
CA PHE N 36 5.54 -42.38 37.73
C PHE N 36 7.06 -42.37 37.57
N GLY N 37 7.81 -41.84 38.52
CA GLY N 37 9.23 -41.55 38.26
C GLY N 37 9.44 -40.51 37.16
N LEU N 38 8.44 -39.64 36.98
CA LEU N 38 8.41 -38.73 35.84
C LEU N 38 8.29 -37.23 36.15
N CYS N 39 9.33 -36.48 35.78
CA CYS N 39 9.38 -34.99 35.77
C CYS N 39 8.14 -34.43 35.10
N ARG N 40 7.51 -33.43 35.72
CA ARG N 40 6.27 -32.84 35.19
C ARG N 40 6.33 -32.64 33.67
N ILE N 41 7.50 -32.27 33.15
CA ILE N 41 7.64 -32.04 31.73
C ILE N 41 7.56 -33.36 30.97
N CYS N 42 8.57 -34.23 31.21
CA CYS N 42 8.78 -35.55 30.54
C CYS N 42 7.68 -36.40 31.18
N LEU N 43 6.43 -36.22 30.76
CA LEU N 43 5.22 -36.65 31.56
C LEU N 43 3.95 -36.06 31.00
N ARG N 44 3.95 -34.74 30.89
CA ARG N 44 2.94 -34.07 30.10
C ARG N 44 3.10 -34.56 28.68
N GLU N 45 4.38 -34.65 28.27
CA GLU N 45 4.80 -35.26 27.01
C GLU N 45 4.17 -36.63 26.82
N LEU N 46 4.48 -37.60 27.70
CA LEU N 46 3.93 -38.98 27.52
C LEU N 46 2.42 -39.00 27.64
N ALA N 47 1.94 -38.30 28.66
CA ALA N 47 0.50 -38.17 28.89
C ALA N 47 -0.26 -37.78 27.63
N HIS N 48 0.37 -36.96 26.79
CA HIS N 48 -0.25 -36.50 25.55
C HIS N 48 -0.26 -37.60 24.50
N LYS N 49 0.87 -38.28 24.38
CA LYS N 49 1.06 -39.31 23.38
C LYS N 49 0.11 -40.52 23.53
N GLY N 50 -0.36 -40.78 24.74
CA GLY N 50 -1.10 -42.00 25.03
C GLY N 50 -0.22 -43.07 25.66
N GLN N 51 1.04 -42.75 25.92
CA GLN N 51 1.97 -43.72 26.53
C GLN N 51 1.84 -43.88 28.06
N LEU N 52 0.91 -43.14 28.68
CA LEU N 52 0.54 -43.30 30.09
C LEU N 52 -0.89 -43.79 30.11
N PRO N 53 -1.08 -45.06 30.51
CA PRO N 53 -2.40 -45.71 30.40
C PRO N 53 -3.46 -45.12 31.34
N GLY N 54 -4.68 -45.00 30.83
CA GLY N 54 -5.81 -44.47 31.61
C GLY N 54 -5.70 -43.01 32.00
N VAL N 55 -4.51 -42.41 31.86
CA VAL N 55 -4.25 -40.99 32.10
C VAL N 55 -4.84 -40.13 30.97
N ARG N 56 -5.48 -39.04 31.36
CA ARG N 56 -6.38 -38.32 30.50
C ARG N 56 -6.48 -36.85 30.92
N LYS N 57 -6.85 -36.00 29.96
CA LYS N 57 -7.11 -34.62 30.25
C LYS N 57 -8.28 -34.53 31.23
N ALA N 58 -8.00 -33.94 32.38
CA ALA N 58 -9.02 -33.71 33.39
C ALA N 58 -9.73 -32.41 33.07
N SER N 59 -11.04 -32.43 33.21
CA SER N 59 -11.84 -31.27 32.93
C SER N 59 -13.18 -31.37 33.68
N TRP N 60 -13.36 -30.49 34.67
CA TRP N 60 -14.52 -30.54 35.55
C TRP N 60 -14.95 -29.15 36.09
N PRO O 1 -23.68 60.73 -23.56
CA PRO O 1 -23.56 59.59 -24.48
C PRO O 1 -23.49 60.03 -25.97
N ILE O 2 -23.67 59.09 -26.88
CA ILE O 2 -23.79 59.40 -28.32
C ILE O 2 -25.17 58.97 -28.81
N THR O 3 -26.07 59.94 -28.93
CA THR O 3 -27.46 59.72 -29.35
C THR O 3 -27.54 59.49 -30.86
N LYS O 4 -28.52 58.71 -31.32
CA LYS O 4 -28.49 58.24 -32.70
C LYS O 4 -28.71 59.33 -33.76
N GLU O 5 -29.16 60.52 -33.35
CA GLU O 5 -29.23 61.65 -34.28
C GLU O 5 -27.82 62.17 -34.52
N GLU O 6 -27.10 62.43 -33.42
CA GLU O 6 -25.67 62.70 -33.48
C GLU O 6 -24.98 61.64 -34.36
N LYS O 7 -25.29 60.37 -34.14
CA LYS O 7 -24.58 59.29 -34.82
C LYS O 7 -24.90 59.19 -36.32
N GLN O 8 -26.20 59.17 -36.63
CA GLN O 8 -26.69 59.19 -38.02
C GLN O 8 -26.08 60.32 -38.78
N LYS O 9 -25.97 61.49 -38.15
CA LYS O 9 -25.40 62.62 -38.83
C LYS O 9 -23.97 62.23 -39.24
N VAL O 10 -23.26 61.49 -38.39
CA VAL O 10 -21.86 61.14 -38.71
C VAL O 10 -21.75 60.05 -39.79
N ILE O 11 -22.74 59.17 -39.84
CA ILE O 11 -22.79 58.15 -40.88
C ILE O 11 -23.09 58.76 -42.27
N GLN O 12 -24.11 59.63 -42.35
CA GLN O 12 -24.35 60.41 -43.57
C GLN O 12 -23.10 61.15 -43.98
N GLU O 13 -22.50 61.86 -43.03
CA GLU O 13 -21.43 62.77 -43.33
C GLU O 13 -20.29 62.06 -44.03
N PHE O 14 -20.20 60.74 -43.86
CA PHE O 14 -19.14 59.92 -44.53
C PHE O 14 -19.78 59.01 -45.58
N ALA O 15 -19.87 57.71 -45.34
CA ALA O 15 -20.68 56.83 -46.21
C ALA O 15 -20.51 57.08 -47.73
N ARG O 16 -19.83 56.16 -48.40
CA ARG O 16 -19.51 56.30 -49.82
C ARG O 16 -20.75 56.58 -50.66
N PHE O 17 -21.87 55.95 -50.28
CA PHE O 17 -23.14 56.09 -50.98
C PHE O 17 -24.27 56.03 -49.98
N PRO O 18 -25.49 56.43 -50.37
CA PRO O 18 -26.59 56.36 -49.41
C PRO O 18 -26.89 54.92 -49.02
N GLY O 19 -26.88 54.64 -47.71
CA GLY O 19 -27.06 53.28 -47.17
C GLY O 19 -25.79 52.59 -46.71
N ASP O 20 -24.63 53.23 -46.86
CA ASP O 20 -23.38 52.66 -46.41
C ASP O 20 -23.30 52.82 -44.91
N THR O 21 -23.56 51.75 -44.18
CA THR O 21 -23.48 51.80 -42.74
C THR O 21 -22.18 51.23 -42.26
N GLY O 22 -21.74 50.13 -42.86
CA GLY O 22 -20.40 49.55 -42.63
C GLY O 22 -19.34 50.26 -43.44
N SER O 23 -18.18 49.66 -43.65
CA SER O 23 -17.14 50.27 -44.50
C SER O 23 -16.13 51.08 -43.75
N THR O 24 -14.94 51.08 -44.33
CA THR O 24 -13.76 51.57 -43.69
C THR O 24 -13.87 53.02 -43.34
N GLU O 25 -14.51 53.78 -44.20
CA GLU O 25 -14.53 55.23 -44.02
C GLU O 25 -15.47 55.57 -42.87
N VAL O 26 -16.63 54.92 -42.85
CA VAL O 26 -17.63 55.18 -41.84
C VAL O 26 -17.12 54.65 -40.51
N GLN O 27 -16.61 53.42 -40.52
CA GLN O 27 -16.17 52.79 -39.31
C GLN O 27 -15.13 53.67 -38.66
N VAL O 28 -14.10 54.06 -39.41
CA VAL O 28 -13.09 54.98 -38.88
C VAL O 28 -13.73 56.26 -38.34
N ALA O 29 -14.67 56.83 -39.08
CA ALA O 29 -15.37 58.00 -38.62
C ALA O 29 -16.06 57.81 -37.24
N LEU O 30 -16.94 56.83 -37.12
CA LEU O 30 -17.55 56.48 -35.83
C LEU O 30 -16.51 56.30 -34.69
N LEU O 31 -15.46 55.53 -34.97
CA LEU O 31 -14.46 55.25 -33.96
C LEU O 31 -13.84 56.53 -33.53
N THR O 32 -13.55 57.39 -34.48
CA THR O 32 -12.93 58.67 -34.18
C THR O 32 -13.81 59.51 -33.27
N LEU O 33 -15.12 59.35 -33.46
CA LEU O 33 -16.10 60.03 -32.62
C LEU O 33 -15.96 59.60 -31.18
N ARG O 34 -16.19 58.31 -30.95
CA ARG O 34 -16.09 57.75 -29.62
C ARG O 34 -14.71 58.03 -28.99
N ILE O 35 -13.61 57.72 -29.69
CA ILE O 35 -12.30 58.04 -29.15
C ILE O 35 -12.26 59.44 -28.59
N ASN O 36 -12.95 60.36 -29.23
CA ASN O 36 -12.83 61.74 -28.82
C ASN O 36 -13.67 62.04 -27.58
N ARG O 37 -14.88 61.50 -27.53
CA ARG O 37 -15.70 61.52 -26.31
C ARG O 37 -14.97 60.91 -25.12
N LEU O 38 -14.34 59.78 -25.39
CA LEU O 38 -13.73 58.97 -24.38
C LEU O 38 -12.37 59.53 -24.01
N SER O 39 -11.70 60.24 -24.93
CA SER O 39 -10.47 60.96 -24.59
C SER O 39 -10.78 62.15 -23.72
N GLU O 40 -12.01 62.65 -23.85
CA GLU O 40 -12.43 63.86 -23.12
C GLU O 40 -12.72 63.52 -21.66
N HIS O 41 -13.49 62.46 -21.52
CA HIS O 41 -13.84 61.86 -20.24
C HIS O 41 -12.65 61.50 -19.37
N LEU O 42 -11.60 60.90 -19.93
CA LEU O 42 -10.41 60.53 -19.17
C LEU O 42 -9.46 61.68 -18.91
N LYS O 43 -9.71 62.83 -19.52
CA LYS O 43 -8.84 63.97 -19.30
C LYS O 43 -9.16 64.45 -17.90
N VAL O 44 -10.43 64.27 -17.52
CA VAL O 44 -10.89 64.60 -16.19
C VAL O 44 -10.71 63.43 -15.24
N HIS O 45 -11.20 62.26 -15.63
CA HIS O 45 -11.19 61.10 -14.77
C HIS O 45 -9.89 60.32 -14.98
N LYS O 46 -8.75 60.96 -14.75
CA LYS O 46 -7.43 60.30 -14.82
C LYS O 46 -7.44 58.87 -14.22
N LYS O 47 -8.19 58.69 -13.12
CA LYS O 47 -8.24 57.43 -12.38
C LYS O 47 -9.06 56.36 -13.06
N ASP O 48 -9.81 56.70 -14.11
CA ASP O 48 -10.69 55.70 -14.68
C ASP O 48 -9.95 54.78 -15.62
N HIS O 49 -9.16 53.91 -15.05
CA HIS O 49 -8.32 53.02 -15.83
C HIS O 49 -9.08 51.99 -16.61
N HIS O 50 -10.26 51.59 -16.14
CA HIS O 50 -10.96 50.54 -16.84
C HIS O 50 -11.40 51.09 -18.16
N SER O 51 -12.07 52.23 -18.14
CA SER O 51 -12.46 52.90 -19.38
C SER O 51 -11.29 53.03 -20.34
N HIS O 52 -10.17 53.49 -19.79
CA HIS O 52 -8.97 53.71 -20.56
C HIS O 52 -8.53 52.53 -21.40
N ARG O 53 -8.89 51.32 -20.99
CA ARG O 53 -8.59 50.13 -21.79
C ARG O 53 -9.43 50.18 -23.04
N GLY O 54 -10.72 50.43 -22.84
CA GLY O 54 -11.65 50.63 -23.96
C GLY O 54 -11.00 51.49 -25.03
N LEU O 55 -10.44 52.61 -24.61
CA LEU O 55 -9.74 53.49 -25.53
C LEU O 55 -8.68 52.74 -26.32
N LEU O 56 -7.80 52.03 -25.64
CA LEU O 56 -6.70 51.35 -26.29
C LEU O 56 -7.18 50.44 -27.38
N MET O 57 -8.33 49.79 -27.13
CA MET O 57 -8.86 48.83 -28.09
C MET O 57 -9.38 49.55 -29.31
N MET O 58 -10.19 50.59 -29.06
CA MET O 58 -10.70 51.50 -30.10
C MET O 58 -9.58 52.06 -30.93
N VAL O 59 -8.57 52.57 -30.26
CA VAL O 59 -7.48 53.16 -31.00
C VAL O 59 -6.84 52.15 -31.92
N GLY O 60 -6.62 50.96 -31.43
CA GLY O 60 -5.90 49.97 -32.20
C GLY O 60 -6.74 49.53 -33.35
N GLN O 61 -8.03 49.33 -33.09
CA GLN O 61 -8.98 48.88 -34.10
C GLN O 61 -9.09 49.95 -35.21
N ARG O 62 -8.97 51.21 -34.83
CA ARG O 62 -9.02 52.26 -35.80
C ARG O 62 -7.75 52.25 -36.60
N ARG O 63 -6.62 52.15 -35.91
CA ARG O 63 -5.35 52.11 -36.59
C ARG O 63 -5.32 50.91 -37.52
N ARG O 64 -5.99 49.85 -37.11
CA ARG O 64 -6.04 48.62 -37.90
C ARG O 64 -6.81 48.81 -39.21
N LEU O 65 -7.96 49.45 -39.10
CA LEU O 65 -8.80 49.84 -40.26
C LEU O 65 -8.01 50.72 -41.19
N LEU O 66 -7.40 51.76 -40.66
CA LEU O 66 -6.68 52.67 -41.53
C LEU O 66 -5.52 51.96 -42.22
N ARG O 67 -4.79 51.11 -41.53
CA ARG O 67 -3.76 50.31 -42.21
C ARG O 67 -4.34 49.66 -43.48
N TYR O 68 -5.52 49.05 -43.32
CA TYR O 68 -6.21 48.37 -44.42
C TYR O 68 -6.50 49.31 -45.56
N LEU O 69 -7.05 50.46 -45.23
CA LEU O 69 -7.45 51.41 -46.24
C LEU O 69 -6.25 51.89 -47.02
N GLN O 70 -5.25 52.41 -46.33
CA GLN O 70 -4.06 52.96 -46.96
C GLN O 70 -3.39 51.99 -47.91
N ARG O 71 -3.59 50.70 -47.67
CA ARG O 71 -3.04 49.69 -48.54
C ARG O 71 -3.92 49.56 -49.81
N GLU O 72 -5.24 49.52 -49.66
CA GLU O 72 -6.19 49.37 -50.80
C GLU O 72 -6.34 50.61 -51.68
N ASP O 73 -6.70 51.73 -51.06
CA ASP O 73 -6.96 52.95 -51.77
C ASP O 73 -6.26 54.13 -51.12
N PRO O 74 -4.96 54.31 -51.44
CA PRO O 74 -4.16 55.36 -50.81
C PRO O 74 -4.75 56.73 -50.96
N GLU O 75 -5.68 56.89 -51.89
CA GLU O 75 -6.31 58.18 -52.03
C GLU O 75 -7.34 58.38 -50.93
N ARG O 76 -8.38 57.53 -50.90
CA ARG O 76 -9.51 57.79 -50.01
C ARG O 76 -9.11 57.58 -48.57
N TYR O 77 -7.90 57.04 -48.39
CA TYR O 77 -7.15 57.14 -47.15
C TYR O 77 -6.74 58.58 -46.87
N ARG O 78 -5.80 59.14 -47.65
CA ARG O 78 -5.38 60.53 -47.42
C ARG O 78 -6.58 61.46 -47.23
N ALA O 79 -7.68 61.18 -47.94
CA ALA O 79 -8.93 61.95 -47.84
C ALA O 79 -9.62 61.82 -46.47
N LEU O 80 -9.67 60.61 -45.95
CA LEU O 80 -10.33 60.32 -44.68
C LEU O 80 -9.60 60.95 -43.51
N ILE O 81 -8.31 60.68 -43.44
CA ILE O 81 -7.47 61.16 -42.34
C ILE O 81 -7.40 62.70 -42.39
N GLU O 82 -7.47 63.29 -43.58
CA GLU O 82 -7.46 64.77 -43.68
C GLU O 82 -8.79 65.33 -43.17
N LYS O 83 -9.86 64.72 -43.67
CA LYS O 83 -11.21 65.08 -43.28
C LYS O 83 -11.47 64.95 -41.75
N LEU O 84 -10.79 64.02 -41.09
CA LEU O 84 -10.90 63.85 -39.65
C LEU O 84 -9.77 64.48 -38.81
N GLY O 85 -8.65 64.81 -39.45
CA GLY O 85 -7.44 65.28 -38.73
C GLY O 85 -6.84 64.26 -37.76
N ILE O 86 -5.93 63.40 -38.25
CA ILE O 86 -5.28 62.35 -37.42
C ILE O 86 -3.90 61.90 -37.90
N ARG O 87 -3.37 60.85 -37.27
CA ARG O 87 -2.22 60.02 -37.74
C ARG O 87 -1.12 60.77 -38.51
N GLY O 88 -0.60 61.82 -37.87
CA GLY O 88 0.57 62.56 -38.35
C GLY O 88 1.58 62.73 -37.22
N MET P 1 57.42 26.32 -65.03
CA MET P 1 57.57 25.24 -66.03
C MET P 1 56.87 23.99 -65.52
N VAL P 2 55.93 23.49 -66.31
CA VAL P 2 55.11 22.36 -65.89
C VAL P 2 55.76 21.10 -66.39
N LYS P 3 55.50 19.98 -65.74
CA LYS P 3 56.31 18.82 -65.95
C LYS P 3 55.53 17.56 -66.02
N ILE P 4 55.92 16.68 -66.92
CA ILE P 4 55.52 15.29 -66.82
C ILE P 4 56.59 14.67 -65.96
N ARG P 5 56.23 14.14 -64.80
CA ARG P 5 57.18 13.48 -63.92
C ARG P 5 56.45 12.35 -63.23
N LEU P 6 57.16 11.65 -62.36
CA LEU P 6 56.61 10.59 -61.54
C LEU P 6 56.31 11.08 -60.14
N ALA P 7 55.20 10.60 -59.60
CA ALA P 7 54.78 10.91 -58.24
C ALA P 7 54.73 9.60 -57.53
N ARG P 8 55.33 9.51 -56.34
CA ARG P 8 55.42 8.23 -55.67
C ARG P 8 54.19 7.89 -54.88
N PHE P 9 53.62 6.74 -55.23
CA PHE P 9 52.53 6.12 -54.51
C PHE P 9 52.94 4.71 -54.11
N GLY P 10 51.97 3.88 -53.75
CA GLY P 10 52.32 2.55 -53.31
C GLY P 10 52.88 2.65 -51.93
N SER P 11 53.96 1.94 -51.63
CA SER P 11 54.39 1.79 -50.24
C SER P 11 55.82 1.31 -50.12
N LYS P 12 56.30 1.30 -48.88
CA LYS P 12 57.65 0.92 -48.51
C LYS P 12 58.00 -0.43 -49.16
N HIS P 13 59.11 -0.43 -49.90
CA HIS P 13 59.55 -1.58 -50.68
C HIS P 13 58.50 -2.04 -51.68
N ASN P 14 57.63 -1.11 -52.05
CA ASN P 14 56.56 -1.38 -52.99
C ASN P 14 56.30 -0.09 -53.78
N PRO P 15 57.28 0.29 -54.57
CA PRO P 15 57.14 1.50 -55.36
C PRO P 15 56.08 1.38 -56.45
N HIS P 16 55.23 2.40 -56.57
CA HIS P 16 54.30 2.52 -57.70
C HIS P 16 54.13 3.98 -58.04
N TYR P 17 54.49 4.37 -59.24
CA TYR P 17 54.47 5.78 -59.55
C TYR P 17 53.19 6.09 -60.25
N ARG P 18 52.97 7.38 -60.42
CA ARG P 18 51.96 7.93 -61.27
C ARG P 18 52.61 8.87 -62.26
N ILE P 19 52.60 8.57 -63.54
CA ILE P 19 53.02 9.57 -64.51
C ILE P 19 52.02 10.69 -64.44
N VAL P 20 52.49 11.88 -64.21
CA VAL P 20 51.61 12.95 -63.81
C VAL P 20 52.14 14.28 -64.34
N VAL P 21 51.22 15.18 -64.67
CA VAL P 21 51.61 16.52 -65.03
C VAL P 21 51.26 17.43 -63.88
N THR P 22 52.18 18.38 -63.60
CA THR P 22 52.33 19.14 -62.35
C THR P 22 53.28 20.32 -62.57
N ASP P 23 53.17 21.38 -61.77
CA ASP P 23 54.18 22.44 -61.74
C ASP P 23 55.43 21.84 -61.09
N ALA P 24 56.59 22.20 -61.66
CA ALA P 24 57.91 21.92 -61.07
C ALA P 24 58.01 22.19 -59.58
N ARG P 25 57.45 23.32 -59.17
CA ARG P 25 57.63 23.83 -57.83
C ARG P 25 56.88 23.02 -56.77
N ARG P 26 56.00 22.14 -57.23
CA ARG P 26 55.16 21.50 -56.29
C ARG P 26 55.87 20.35 -55.63
N LYS P 27 55.59 20.10 -54.34
CA LYS P 27 56.17 18.91 -53.70
C LYS P 27 55.89 17.72 -54.58
N ARG P 28 56.73 16.71 -54.43
CA ARG P 28 56.75 15.59 -55.36
C ARG P 28 55.45 14.83 -55.32
N ASP P 29 54.90 14.64 -54.11
CA ASP P 29 53.68 13.83 -53.90
C ASP P 29 52.43 14.67 -53.67
N GLY P 30 52.41 15.91 -54.17
CA GLY P 30 51.34 16.82 -53.84
C GLY P 30 50.41 16.98 -55.01
N LYS P 31 49.61 18.04 -54.94
CA LYS P 31 48.58 18.27 -55.91
C LYS P 31 49.17 18.24 -57.29
N TYR P 32 48.67 17.40 -58.14
CA TYR P 32 49.06 17.52 -59.52
C TYR P 32 47.92 18.08 -60.37
N ILE P 33 48.12 18.08 -61.69
CA ILE P 33 47.20 18.74 -62.60
C ILE P 33 46.38 17.68 -63.31
N GLU P 34 47.06 16.58 -63.64
CA GLU P 34 46.46 15.48 -64.35
C GLU P 34 47.31 14.25 -64.19
N LYS P 35 46.71 13.11 -63.88
CA LYS P 35 47.42 11.85 -64.01
C LYS P 35 47.19 11.44 -65.45
N ILE P 36 48.27 11.08 -66.12
CA ILE P 36 48.23 10.64 -67.50
C ILE P 36 48.85 9.27 -67.58
N GLY P 37 49.06 8.63 -66.44
CA GLY P 37 49.46 7.24 -66.48
C GLY P 37 50.08 6.73 -65.20
N TYR P 38 50.54 5.51 -65.24
CA TYR P 38 51.14 4.91 -64.07
C TYR P 38 52.15 3.87 -64.49
N TYR P 39 53.06 3.59 -63.58
CA TYR P 39 54.19 2.75 -63.89
C TYR P 39 54.60 1.98 -62.64
N ASP P 40 54.66 0.66 -62.76
CA ASP P 40 55.17 -0.19 -61.70
C ASP P 40 56.53 -0.76 -62.08
N PRO P 41 57.61 -0.22 -61.47
CA PRO P 41 58.93 -0.60 -61.94
C PRO P 41 59.29 -2.03 -61.74
N ARG P 42 58.60 -2.76 -60.87
CA ARG P 42 58.97 -4.16 -60.65
C ARG P 42 58.08 -5.12 -61.40
N LYS P 43 57.36 -4.60 -62.38
CA LYS P 43 56.48 -5.40 -63.23
C LYS P 43 55.86 -6.64 -62.52
N THR P 44 55.29 -6.43 -61.33
CA THR P 44 54.65 -7.52 -60.55
C THR P 44 53.44 -8.13 -61.28
N THR P 45 52.81 -7.28 -62.08
CA THR P 45 51.62 -7.53 -62.87
C THR P 45 51.97 -7.36 -64.38
N PRO P 46 51.29 -8.11 -65.29
CA PRO P 46 51.48 -7.96 -66.74
C PRO P 46 51.33 -6.54 -67.28
N ASP P 47 50.51 -5.73 -66.63
CA ASP P 47 50.31 -4.37 -67.09
C ASP P 47 51.06 -3.44 -66.13
N TRP P 48 52.31 -3.12 -66.44
CA TRP P 48 53.15 -2.36 -65.51
C TRP P 48 53.45 -0.93 -65.94
N LEU P 49 52.92 -0.53 -67.10
CA LEU P 49 53.05 0.84 -67.57
C LEU P 49 51.92 1.15 -68.55
N LYS P 50 51.33 2.32 -68.42
CA LYS P 50 50.19 2.69 -69.25
C LYS P 50 50.33 4.19 -69.37
N VAL P 51 49.99 4.76 -70.52
CA VAL P 51 50.06 6.20 -70.70
C VAL P 51 49.03 6.65 -71.71
N ASP P 52 48.15 7.55 -71.30
CA ASP P 52 47.26 8.18 -72.27
C ASP P 52 48.12 9.08 -73.21
N VAL P 53 48.45 8.55 -74.39
CA VAL P 53 49.38 9.28 -75.27
C VAL P 53 48.72 10.45 -75.92
N GLU P 54 47.41 10.41 -76.09
CA GLU P 54 46.75 11.57 -76.64
C GLU P 54 47.06 12.72 -75.66
N ARG P 55 46.95 12.42 -74.38
CA ARG P 55 47.08 13.43 -73.35
C ARG P 55 48.53 13.86 -73.19
N ALA P 56 49.41 12.88 -73.09
CA ALA P 56 50.83 13.18 -73.15
C ALA P 56 51.08 14.11 -74.32
N ARG P 57 50.73 13.68 -75.53
CA ARG P 57 50.94 14.52 -76.70
C ARG P 57 50.44 15.94 -76.44
N TYR P 58 49.26 16.07 -75.84
CA TYR P 58 48.69 17.38 -75.55
C TYR P 58 49.61 18.20 -74.69
N TRP P 59 50.13 17.59 -73.62
CA TRP P 59 50.92 18.34 -72.63
C TRP P 59 52.28 18.79 -73.15
N LEU P 60 52.92 17.93 -73.94
CA LEU P 60 54.10 18.32 -74.70
C LEU P 60 53.72 19.44 -75.69
N SER P 61 52.54 19.33 -76.28
CA SER P 61 52.13 20.38 -77.19
C SER P 61 52.06 21.72 -76.49
N VAL P 62 51.89 21.73 -75.17
CA VAL P 62 51.81 23.01 -74.44
C VAL P 62 53.02 23.28 -73.56
N GLY P 63 54.12 22.59 -73.84
CA GLY P 63 55.42 22.95 -73.30
C GLY P 63 55.65 22.42 -71.92
N ALA P 64 55.70 21.11 -71.81
CA ALA P 64 55.89 20.51 -70.52
C ALA P 64 57.12 19.63 -70.62
N GLN P 65 58.15 19.98 -69.90
CA GLN P 65 59.34 19.16 -69.92
C GLN P 65 59.15 17.97 -69.04
N PRO P 66 59.28 16.78 -69.63
CA PRO P 66 59.39 15.60 -68.79
C PRO P 66 60.73 15.46 -68.08
N THR P 67 60.67 14.82 -66.91
CA THR P 67 61.81 14.16 -66.36
C THR P 67 62.42 13.25 -67.45
N ASP P 68 63.72 13.10 -67.39
CA ASP P 68 64.45 12.17 -68.24
C ASP P 68 63.78 10.80 -68.20
N THR P 69 63.38 10.36 -67.01
CA THR P 69 62.81 8.99 -66.84
C THR P 69 61.31 9.02 -67.04
N ALA P 70 60.72 10.20 -66.92
CA ALA P 70 59.33 10.32 -67.28
C ALA P 70 59.25 10.12 -68.77
N ARG P 71 60.24 10.63 -69.51
CA ARG P 71 60.19 10.53 -70.98
C ARG P 71 60.64 9.16 -71.49
N ARG P 72 61.43 8.44 -70.71
CA ARG P 72 61.76 7.05 -71.05
C ARG P 72 60.49 6.17 -71.06
N LEU P 73 59.66 6.38 -70.04
CA LEU P 73 58.37 5.70 -69.96
C LEU P 73 57.46 6.15 -71.08
N LEU P 74 57.46 7.43 -71.39
CA LEU P 74 56.67 7.94 -72.48
C LEU P 74 57.16 7.43 -73.83
N ARG P 75 58.46 7.52 -74.10
CA ARG P 75 59.08 6.97 -75.32
C ARG P 75 58.48 5.62 -75.60
N GLN P 76 58.56 4.77 -74.58
CA GLN P 76 58.19 3.36 -74.61
C GLN P 76 56.75 3.13 -75.04
N ALA P 77 55.86 4.01 -74.63
CA ALA P 77 54.48 3.91 -74.97
C ALA P 77 54.26 4.58 -76.32
N GLY P 78 55.33 4.70 -77.10
CA GLY P 78 55.32 5.35 -78.41
C GLY P 78 54.74 6.75 -78.39
N VAL P 79 55.17 7.53 -77.42
CA VAL P 79 54.67 8.90 -77.31
C VAL P 79 55.28 9.74 -78.44
N PHE P 80 56.57 9.53 -78.69
CA PHE P 80 57.21 10.30 -79.73
C PHE P 80 57.39 9.50 -81.04
N ARG P 81 57.24 8.19 -80.98
CA ARG P 81 57.24 7.36 -82.19
C ARG P 81 56.31 7.99 -83.22
N GLN P 82 56.79 8.14 -84.45
CA GLN P 82 55.99 8.77 -85.49
C GLN P 82 55.97 8.00 -86.79
N GLU P 83 54.96 8.28 -87.60
CA GLU P 83 54.84 7.81 -88.99
C GLU P 83 54.99 6.27 -89.13
N PRO Q 1 28.68 34.05 -64.35
CA PRO Q 1 27.66 35.09 -64.31
C PRO Q 1 27.89 36.09 -63.19
N LYS Q 2 28.09 37.35 -63.54
CA LYS Q 2 28.05 38.38 -62.52
C LYS Q 2 26.66 38.30 -61.81
N LYS Q 3 26.74 38.15 -60.50
CA LYS Q 3 25.59 37.97 -59.65
C LYS Q 3 24.64 39.16 -59.74
N VAL Q 4 23.36 38.87 -60.02
CA VAL Q 4 22.35 39.91 -60.13
C VAL Q 4 21.34 39.71 -59.05
N LEU Q 5 21.14 40.71 -58.21
CA LEU Q 5 20.21 40.60 -57.11
C LEU Q 5 19.19 41.67 -57.33
N THR Q 6 18.13 41.58 -56.54
CA THR Q 6 17.04 42.51 -56.65
C THR Q 6 16.45 42.85 -55.28
N GLY Q 7 16.22 44.13 -55.05
CA GLY Q 7 15.69 44.56 -53.76
C GLY Q 7 15.29 46.00 -53.88
N VAL Q 8 15.27 46.67 -52.74
CA VAL Q 8 14.59 47.94 -52.60
C VAL Q 8 15.48 49.02 -52.07
N VAL Q 9 15.50 50.13 -52.77
CA VAL Q 9 16.31 51.27 -52.35
C VAL Q 9 15.75 51.87 -51.06
N VAL Q 10 16.54 51.86 -50.00
CA VAL Q 10 16.06 52.37 -48.73
C VAL Q 10 16.89 53.54 -48.26
N SER Q 11 17.80 54.04 -49.11
CA SER Q 11 18.51 55.29 -48.84
C SER Q 11 19.16 55.93 -50.09
N ASP Q 12 19.05 57.25 -50.18
CA ASP Q 12 19.70 58.00 -51.26
C ASP Q 12 20.42 59.23 -50.70
N LYS Q 13 20.80 59.14 -49.43
CA LYS Q 13 21.37 60.27 -48.70
C LYS Q 13 22.79 60.54 -49.17
N MET Q 14 23.45 59.48 -49.62
CA MET Q 14 24.80 59.58 -50.15
C MET Q 14 24.79 60.04 -51.61
N GLN Q 15 25.87 60.67 -52.03
CA GLN Q 15 26.01 61.04 -53.42
C GLN Q 15 26.43 59.84 -54.29
N LYS Q 16 25.69 59.63 -55.38
CA LYS Q 16 25.95 58.56 -56.36
C LYS Q 16 25.93 57.16 -55.78
N THR Q 17 25.25 57.00 -54.66
CA THR Q 17 25.13 55.70 -54.08
C THR Q 17 23.69 55.48 -53.64
N VAL Q 18 23.16 54.27 -53.87
CA VAL Q 18 21.94 53.85 -53.18
C VAL Q 18 22.13 52.61 -52.31
N THR Q 19 21.42 52.60 -51.19
CA THR Q 19 21.39 51.47 -50.34
C THR Q 19 20.23 50.60 -50.76
N VAL Q 20 20.49 49.31 -50.92
CA VAL Q 20 19.47 48.41 -51.42
C VAL Q 20 19.32 47.19 -50.52
N LEU Q 21 18.11 47.08 -49.96
CA LEU Q 21 17.78 45.99 -49.06
C LEU Q 21 17.31 44.81 -49.89
N VAL Q 22 17.91 43.66 -49.66
CA VAL Q 22 17.70 42.53 -50.52
C VAL Q 22 17.39 41.31 -49.70
N GLU Q 23 16.23 40.73 -50.06
CA GLU Q 23 15.67 39.61 -49.35
C GLU Q 23 16.11 38.38 -50.06
N ARG Q 24 16.34 37.34 -49.26
CA ARG Q 24 16.79 36.05 -49.70
C ARG Q 24 16.00 35.11 -48.85
N GLN Q 25 15.47 34.00 -49.37
CA GLN Q 25 14.79 33.05 -48.48
C GLN Q 25 15.15 31.61 -48.76
N PHE Q 26 14.92 30.76 -47.79
CA PHE Q 26 15.49 29.40 -47.82
C PHE Q 26 15.10 28.54 -46.63
N PRO Q 27 15.13 27.23 -46.85
CA PRO Q 27 14.88 26.31 -45.78
C PRO Q 27 15.91 26.50 -44.72
N HIS Q 28 15.48 26.36 -43.49
CA HIS Q 28 16.38 26.25 -42.41
C HIS Q 28 17.05 24.87 -42.45
N PRO Q 29 18.37 24.83 -42.35
CA PRO Q 29 19.13 23.56 -42.43
C PRO Q 29 18.69 22.40 -41.54
N LEU Q 30 18.16 22.69 -40.35
CA LEU Q 30 17.71 21.65 -39.40
C LEU Q 30 16.18 21.55 -39.29
N TYR Q 31 15.55 22.72 -39.18
CA TYR Q 31 14.17 22.78 -38.83
C TYR Q 31 13.28 22.91 -40.06
N GLY Q 32 13.91 23.12 -41.23
CA GLY Q 32 13.22 22.97 -42.53
C GLY Q 32 12.36 24.14 -42.97
N LYS Q 33 11.71 24.79 -42.00
CA LYS Q 33 10.89 25.96 -42.22
C LYS Q 33 11.60 26.94 -43.15
N VAL Q 34 10.89 27.46 -44.12
CA VAL Q 34 11.47 28.44 -45.01
C VAL Q 34 11.55 29.75 -44.22
N ILE Q 35 12.74 30.38 -44.22
CA ILE Q 35 13.00 31.61 -43.44
C ILE Q 35 13.49 32.69 -44.37
N LYS Q 36 13.08 33.92 -44.11
CA LYS Q 36 13.59 35.07 -44.83
C LYS Q 36 14.72 35.63 -44.03
N ARG Q 37 15.58 36.36 -44.70
CA ARG Q 37 16.72 37.04 -44.12
C ARG Q 37 17.02 38.15 -45.14
N SER Q 38 17.68 39.21 -44.73
CA SER Q 38 18.07 40.22 -45.72
C SER Q 38 19.43 40.91 -45.46
N LYS Q 39 19.82 41.75 -46.40
CA LYS Q 39 21.11 42.38 -46.32
C LYS Q 39 21.10 43.59 -47.18
N LYS Q 40 21.76 44.64 -46.72
CA LYS Q 40 21.83 45.84 -47.51
C LYS Q 40 23.08 45.87 -48.38
N TYR Q 41 22.92 46.35 -49.60
CA TYR Q 41 24.04 46.50 -50.50
C TYR Q 41 24.16 47.97 -50.86
N LEU Q 42 25.38 48.50 -50.87
CA LEU Q 42 25.61 49.84 -51.40
C LEU Q 42 25.92 49.77 -52.89
N ALA Q 43 25.10 50.44 -53.67
CA ALA Q 43 25.14 50.27 -55.08
C ALA Q 43 25.43 51.59 -55.74
N HIS Q 44 26.13 51.49 -56.87
CA HIS Q 44 26.62 52.65 -57.57
C HIS Q 44 25.60 53.14 -58.55
N ASP Q 45 25.24 54.42 -58.37
CA ASP Q 45 24.27 55.14 -59.17
C ASP Q 45 24.95 56.46 -59.62
N PRO Q 46 25.68 56.41 -60.75
CA PRO Q 46 26.52 57.55 -61.12
C PRO Q 46 25.72 58.77 -61.51
N GLU Q 47 24.41 58.61 -61.72
CA GLU Q 47 23.57 59.69 -62.24
C GLU Q 47 22.46 60.09 -61.26
N GLU Q 48 22.71 60.00 -59.95
CA GLU Q 48 21.64 60.02 -58.90
C GLU Q 48 20.20 59.91 -59.47
N LYS Q 49 19.95 58.83 -60.21
CA LYS Q 49 18.68 58.59 -60.91
C LYS Q 49 17.65 57.85 -60.06
N TYR Q 50 18.11 56.87 -59.29
CA TYR Q 50 17.22 56.04 -58.51
C TYR Q 50 16.95 56.69 -57.13
N LYS Q 51 15.69 56.61 -56.69
CA LYS Q 51 15.30 57.23 -55.43
C LYS Q 51 14.52 56.29 -54.51
N LEU Q 52 14.38 56.74 -53.27
CA LEU Q 52 13.69 56.03 -52.21
C LEU Q 52 12.41 55.37 -52.71
N GLY Q 53 12.31 54.06 -52.53
CA GLY Q 53 11.10 53.32 -52.86
C GLY Q 53 11.24 52.38 -54.04
N ASP Q 54 12.21 52.68 -54.90
CA ASP Q 54 12.38 51.94 -56.15
C ASP Q 54 12.82 50.49 -55.89
N VAL Q 55 12.25 49.57 -56.65
CA VAL Q 55 12.80 48.23 -56.74
C VAL Q 55 13.79 48.27 -57.89
N VAL Q 56 15.02 47.85 -57.60
CA VAL Q 56 16.04 47.74 -58.62
C VAL Q 56 16.61 46.36 -58.64
N GLU Q 57 17.22 46.03 -59.77
CA GLU Q 57 18.24 45.00 -59.80
C GLU Q 57 19.64 45.65 -59.59
N ILE Q 58 20.58 44.80 -59.20
CA ILE Q 58 21.85 45.19 -58.62
C ILE Q 58 22.78 44.18 -59.22
N ILE Q 59 23.94 44.59 -59.68
CA ILE Q 59 24.80 43.61 -60.33
C ILE Q 59 26.25 43.63 -59.80
N GLU Q 60 26.83 42.43 -59.69
CA GLU Q 60 28.19 42.29 -59.21
C GLU Q 60 29.06 43.12 -60.06
N SER Q 61 29.99 43.82 -59.43
CA SER Q 61 30.75 44.85 -60.11
C SER Q 61 32.16 45.00 -59.61
N ARG Q 62 33.00 45.49 -60.52
CA ARG Q 62 34.32 45.96 -60.17
C ARG Q 62 34.21 47.04 -59.10
N PRO Q 63 35.07 46.98 -58.08
CA PRO Q 63 34.89 47.87 -56.94
C PRO Q 63 34.88 49.36 -57.29
N ILE Q 64 34.06 50.11 -56.56
CA ILE Q 64 33.87 51.57 -56.73
C ILE Q 64 34.26 52.35 -55.45
N SER Q 65 33.93 51.79 -54.29
CA SER Q 65 34.45 52.30 -53.02
C SER Q 65 34.65 51.15 -52.09
N LYS Q 66 35.11 51.38 -50.89
CA LYS Q 66 35.18 50.31 -49.91
C LYS Q 66 33.78 49.88 -49.67
N ARG Q 67 33.53 48.59 -49.66
CA ARG Q 67 32.10 48.12 -49.55
C ARG Q 67 31.04 48.60 -50.57
N LYS Q 68 31.46 49.17 -51.70
CA LYS Q 68 30.59 49.41 -52.85
C LYS Q 68 31.07 48.50 -53.98
N ARG Q 69 30.36 47.40 -54.19
CA ARG Q 69 30.76 46.39 -55.16
C ARG Q 69 29.64 46.03 -56.08
N PHE Q 70 28.65 46.89 -56.15
CA PHE Q 70 27.49 46.59 -56.96
C PHE Q 70 27.04 47.88 -57.66
N ARG Q 71 26.53 47.73 -58.86
CA ARG Q 71 25.96 48.83 -59.57
C ARG Q 71 24.49 48.53 -59.74
N VAL Q 72 23.73 49.60 -60.03
CA VAL Q 72 22.28 49.48 -60.21
C VAL Q 72 22.03 49.17 -61.67
N LEU Q 73 21.62 47.94 -61.91
CA LEU Q 73 21.43 47.46 -63.26
C LEU Q 73 20.25 48.15 -63.95
N ARG Q 74 19.09 48.15 -63.29
CA ARG Q 74 17.85 48.60 -63.88
C ARG Q 74 16.76 48.73 -62.86
N LEU Q 75 15.78 49.52 -63.20
CA LEU Q 75 14.63 49.70 -62.36
C LEU Q 75 13.71 48.54 -62.69
N VAL Q 76 13.08 47.98 -61.68
CA VAL Q 76 12.16 46.89 -61.91
C VAL Q 76 10.73 47.40 -61.81
N GLU Q 77 10.49 48.22 -60.79
CA GLU Q 77 9.24 48.96 -60.65
C GLU Q 77 9.40 50.00 -59.57
N SER Q 78 8.70 51.11 -59.73
CA SER Q 78 8.79 52.20 -58.78
C SER Q 78 7.68 52.04 -57.74
N GLY Q 79 7.79 52.82 -56.67
CA GLY Q 79 6.69 52.94 -55.71
C GLY Q 79 7.10 52.40 -54.37
N ARG Q 80 6.83 51.12 -54.17
CA ARG Q 80 7.17 50.36 -52.96
C ARG Q 80 7.67 51.08 -51.67
N MET Q 81 6.99 52.16 -51.29
CA MET Q 81 7.31 52.86 -50.06
C MET Q 81 6.85 52.09 -48.85
N ASP Q 82 5.96 51.12 -49.08
CA ASP Q 82 5.54 50.19 -48.03
C ASP Q 82 6.73 49.41 -47.45
N LEU Q 83 7.54 48.85 -48.35
CA LEU Q 83 8.73 48.08 -47.99
C LEU Q 83 9.77 48.94 -47.30
N VAL Q 84 9.89 50.19 -47.75
CA VAL Q 84 10.74 51.13 -47.06
C VAL Q 84 10.21 51.45 -45.65
N GLU Q 85 8.89 51.53 -45.47
CA GLU Q 85 8.34 51.72 -44.14
C GLU Q 85 8.75 50.57 -43.25
N LYS Q 86 8.52 49.36 -43.76
CA LYS Q 86 8.95 48.14 -43.09
C LYS Q 86 10.34 48.33 -42.49
N TYR Q 87 11.30 48.71 -43.33
CA TYR Q 87 12.69 48.88 -42.89
C TYR Q 87 12.87 50.00 -41.89
N LEU Q 88 12.33 51.17 -42.18
CA LEU Q 88 12.48 52.33 -41.29
C LEU Q 88 11.96 52.11 -39.86
N ILE Q 89 10.84 51.36 -39.70
CA ILE Q 89 10.28 51.08 -38.36
C ILE Q 89 11.16 50.11 -37.60
N ARG Q 90 11.47 48.98 -38.24
CA ARG Q 90 12.43 48.00 -37.74
C ARG Q 90 13.68 48.72 -37.22
N ARG Q 91 14.13 49.72 -37.97
CA ARG Q 91 15.23 50.59 -37.56
C ARG Q 91 14.93 51.43 -36.27
N GLN Q 92 13.81 52.14 -36.18
CA GLN Q 92 13.57 52.95 -34.97
C GLN Q 92 13.18 52.14 -33.74
N ASN Q 93 12.69 50.91 -33.93
CA ASN Q 93 12.53 50.00 -32.82
C ASN Q 93 13.83 49.85 -32.07
N TYR Q 94 14.97 49.99 -32.74
CA TYR Q 94 16.26 49.68 -32.10
C TYR Q 94 16.45 50.50 -30.85
N GLU Q 95 16.02 51.77 -30.88
CA GLU Q 95 16.26 52.67 -29.74
C GLU Q 95 15.46 52.25 -28.53
N SER Q 96 14.39 51.49 -28.76
CA SER Q 96 13.62 50.91 -27.67
C SER Q 96 14.15 49.54 -27.16
N LEU Q 97 15.43 49.24 -27.34
CA LEU Q 97 16.00 48.01 -26.82
C LEU Q 97 17.22 48.28 -25.96
N SER Q 98 17.52 49.55 -25.68
CA SER Q 98 18.74 49.93 -24.93
C SER Q 98 18.56 49.88 -23.38
N LYS Q 99 19.47 50.57 -22.66
CA LYS Q 99 19.29 51.02 -21.24
C LYS Q 99 19.98 52.38 -20.99
N LYS R 1 -43.55 28.02 4.27
CA LYS R 1 -45.04 28.09 4.32
C LYS R 1 -45.64 28.37 2.92
N ALA R 2 -46.52 29.36 2.78
CA ALA R 2 -47.09 29.72 1.47
C ALA R 2 -46.39 30.96 0.92
N LYS R 3 -46.17 31.00 -0.39
CA LYS R 3 -45.33 32.05 -0.98
C LYS R 3 -46.05 33.40 -0.99
N VAL R 4 -45.29 34.46 -0.79
CA VAL R 4 -45.80 35.83 -0.76
C VAL R 4 -46.29 36.30 -2.14
N LYS R 5 -45.66 35.77 -3.18
CA LYS R 5 -46.01 36.08 -4.58
C LYS R 5 -47.40 35.55 -4.86
N ALA R 6 -47.65 34.31 -4.44
CA ALA R 6 -48.93 33.62 -4.64
C ALA R 6 -50.13 34.29 -3.97
N THR R 7 -49.86 35.14 -2.96
CA THR R 7 -50.90 35.87 -2.22
C THR R 7 -51.21 37.26 -2.82
N LEU R 8 -50.77 37.55 -4.04
CA LEU R 8 -50.97 38.86 -4.62
C LEU R 8 -51.32 38.75 -6.08
N GLY R 9 -51.94 39.81 -6.60
CA GLY R 9 -52.20 39.92 -8.03
C GLY R 9 -51.04 40.56 -8.74
N GLU R 10 -51.30 41.24 -9.85
CA GLU R 10 -50.27 41.97 -10.53
C GLU R 10 -49.83 43.13 -9.64
N PHE R 11 -48.58 43.57 -9.80
CA PHE R 11 -48.04 44.76 -9.13
C PHE R 11 -46.69 45.12 -9.73
N ASP R 12 -46.47 46.41 -9.93
CA ASP R 12 -45.21 46.90 -10.48
C ASP R 12 -44.17 46.84 -9.37
N LEU R 13 -43.21 45.92 -9.45
CA LEU R 13 -42.24 45.84 -8.38
C LEU R 13 -41.05 46.76 -8.64
N ARG R 14 -41.21 47.66 -9.59
CA ARG R 14 -40.38 48.85 -9.73
C ARG R 14 -40.95 49.96 -8.85
N ASP R 15 -42.14 49.70 -8.29
CA ASP R 15 -42.91 50.72 -7.59
C ASP R 15 -42.47 50.86 -6.14
N TYR R 16 -41.66 51.88 -5.92
CA TYR R 16 -41.03 52.10 -4.63
C TYR R 16 -41.89 52.89 -3.71
N ARG R 17 -43.14 53.12 -4.10
CA ARG R 17 -44.07 53.85 -3.26
C ARG R 17 -45.18 52.97 -2.72
N ASN R 18 -45.44 51.83 -3.34
CA ASN R 18 -46.53 50.97 -2.92
C ASN R 18 -46.26 50.19 -1.60
N VAL R 19 -46.03 50.92 -0.51
CA VAL R 19 -45.58 50.30 0.75
C VAL R 19 -46.50 49.20 1.29
N GLU R 20 -47.70 49.12 0.75
CA GLU R 20 -48.71 48.21 1.25
C GLU R 20 -48.32 46.83 0.76
N VAL R 21 -47.90 46.79 -0.51
CA VAL R 21 -47.47 45.57 -1.19
C VAL R 21 -46.07 45.16 -0.68
N LEU R 22 -45.14 46.09 -0.88
CA LEU R 22 -43.76 45.95 -0.47
C LEU R 22 -43.64 45.35 0.92
N LYS R 23 -44.44 45.84 1.86
CA LYS R 23 -44.28 45.44 3.23
C LYS R 23 -44.53 43.96 3.51
N ARG R 24 -45.23 43.23 2.63
CA ARG R 24 -45.38 41.77 2.91
C ARG R 24 -44.14 40.95 2.56
N PHE R 25 -43.21 41.60 1.83
CA PHE R 25 -41.92 41.04 1.43
C PHE R 25 -40.84 41.22 2.49
N LEU R 26 -41.20 41.88 3.58
CA LEU R 26 -40.31 42.04 4.70
C LEU R 26 -40.70 41.06 5.79
N SER R 27 -39.77 40.75 6.66
CA SER R 27 -40.09 39.88 7.77
C SER R 27 -40.62 40.74 8.90
N GLU R 28 -41.06 40.04 9.93
CA GLU R 28 -41.39 40.59 11.24
C GLU R 28 -40.24 41.43 11.82
N THR R 29 -39.04 41.32 11.25
CA THR R 29 -37.90 42.14 11.62
C THR R 29 -37.48 43.10 10.50
N GLY R 30 -38.40 43.35 9.58
CA GLY R 30 -38.16 44.31 8.50
C GLY R 30 -37.03 43.95 7.55
N LYS R 31 -36.70 42.66 7.50
CA LYS R 31 -35.58 42.17 6.71
C LYS R 31 -36.14 41.69 5.41
N ILE R 32 -35.44 41.94 4.31
CA ILE R 32 -35.88 41.46 3.01
C ILE R 32 -35.94 39.93 3.07
N LEU R 33 -37.11 39.39 2.72
CA LEU R 33 -37.31 37.95 2.71
C LEU R 33 -36.55 37.28 1.59
N PRO R 34 -36.01 36.09 1.86
CA PRO R 34 -35.35 35.30 0.84
C PRO R 34 -36.33 34.72 -0.17
N ARG R 35 -35.86 34.39 -1.37
CA ARG R 35 -36.73 33.79 -2.39
C ARG R 35 -37.53 32.54 -1.97
N ARG R 36 -36.89 31.67 -1.21
CA ARG R 36 -37.58 30.52 -0.64
C ARG R 36 -38.95 30.94 -0.11
N ARG R 37 -39.04 32.17 0.40
CA ARG R 37 -40.25 32.71 1.00
C ARG R 37 -41.00 33.61 0.06
N THR R 38 -40.32 34.59 -0.51
CA THR R 38 -40.96 35.51 -1.46
C THR R 38 -41.51 34.83 -2.70
N GLY R 39 -40.97 33.66 -3.07
CA GLY R 39 -41.45 32.89 -4.22
C GLY R 39 -41.15 33.53 -5.58
N LEU R 40 -40.13 34.38 -5.60
CA LEU R 40 -39.80 35.15 -6.80
C LEU R 40 -38.75 34.52 -7.70
N SER R 41 -38.83 34.97 -8.94
CA SER R 41 -37.81 34.76 -9.91
C SER R 41 -36.56 35.50 -9.44
N ALA R 42 -35.40 34.99 -9.80
CA ALA R 42 -34.15 35.68 -9.47
C ALA R 42 -34.19 37.13 -9.91
N LYS R 43 -34.50 37.33 -11.19
CA LYS R 43 -34.53 38.67 -11.78
C LYS R 43 -35.49 39.59 -11.01
N GLU R 44 -36.65 39.06 -10.65
CA GLU R 44 -37.63 39.86 -9.94
C GLU R 44 -37.01 40.26 -8.58
N GLN R 45 -36.56 39.27 -7.81
CA GLN R 45 -36.04 39.47 -6.46
C GLN R 45 -34.93 40.52 -6.46
N ARG R 46 -34.19 40.61 -7.57
CA ARG R 46 -33.17 41.65 -7.72
C ARG R 46 -33.81 43.01 -7.74
N ILE R 47 -34.83 43.16 -8.57
CA ILE R 47 -35.54 44.41 -8.73
C ILE R 47 -36.25 44.80 -7.45
N LEU R 48 -36.72 43.79 -6.73
CA LEU R 48 -37.43 44.05 -5.51
C LEU R 48 -36.53 44.72 -4.52
N ALA R 49 -35.54 43.96 -4.07
CA ALA R 49 -34.57 44.46 -3.12
C ALA R 49 -34.14 45.90 -3.43
N LYS R 50 -33.97 46.22 -4.71
CA LYS R 50 -33.64 47.57 -5.11
C LYS R 50 -34.70 48.56 -4.70
N THR R 51 -35.95 48.23 -4.97
CA THR R 51 -37.05 49.17 -4.68
C THR R 51 -37.46 49.13 -3.19
N ILE R 52 -37.19 48.01 -2.54
CA ILE R 52 -37.35 47.98 -1.11
C ILE R 52 -36.34 48.93 -0.51
N LYS R 53 -35.11 48.88 -0.99
CA LYS R 53 -34.10 49.78 -0.46
C LYS R 53 -34.44 51.25 -0.73
N ARG R 54 -35.19 51.52 -1.79
CA ARG R 54 -35.61 52.91 -2.05
C ARG R 54 -36.66 53.36 -1.04
N ALA R 55 -37.66 52.52 -0.81
CA ALA R 55 -38.74 52.84 0.12
C ALA R 55 -38.13 53.20 1.45
N ARG R 56 -37.21 52.35 1.90
CA ARG R 56 -36.53 52.55 3.15
C ARG R 56 -35.93 53.93 3.31
N ILE R 57 -35.24 54.42 2.28
CA ILE R 57 -34.61 55.74 2.40
C ILE R 57 -35.68 56.83 2.40
N LEU R 58 -36.72 56.60 1.63
CA LEU R 58 -37.90 57.47 1.61
C LEU R 58 -38.63 57.54 2.94
N GLY R 59 -38.32 56.62 3.86
CA GLY R 59 -38.91 56.63 5.18
C GLY R 59 -40.12 55.72 5.17
N LEU R 60 -40.51 55.27 3.98
CA LEU R 60 -41.74 54.51 3.84
C LEU R 60 -41.64 53.10 4.35
N LEU R 61 -40.44 52.52 4.38
CA LEU R 61 -40.23 51.15 4.89
C LEU R 61 -39.12 51.06 5.95
N PRO R 62 -39.24 50.09 6.88
CA PRO R 62 -38.24 49.94 7.92
C PRO R 62 -36.95 49.28 7.44
N PHE R 63 -35.82 49.70 8.01
CA PHE R 63 -34.59 48.91 7.92
C PHE R 63 -34.61 47.79 8.95
N THR R 64 -35.33 47.98 10.06
CA THR R 64 -35.37 46.98 11.15
C THR R 64 -36.68 46.96 11.93
N GLU R 65 -36.96 45.83 12.58
CA GLU R 65 -37.99 45.74 13.59
C GLU R 65 -37.44 44.96 14.77
N LYS R 66 -38.22 44.87 15.83
CA LYS R 66 -37.86 44.06 16.98
C LYS R 66 -38.82 42.87 17.05
N LEU R 67 -38.32 41.76 17.57
CA LEU R 67 -39.05 40.50 17.51
C LEU R 67 -39.97 40.40 18.76
N VAL R 68 -41.25 40.10 18.52
CA VAL R 68 -42.28 40.19 19.56
C VAL R 68 -42.67 38.81 20.16
N ARG R 69 -42.60 38.72 21.49
CA ARG R 69 -42.63 37.47 22.27
C ARG R 69 -41.48 36.52 21.85
N LYS R 70 -40.35 36.57 22.58
CA LYS R 70 -39.21 35.68 22.31
C LYS R 70 -38.38 35.29 23.55
N SER S 1 15.43 -31.04 70.43
CA SER S 1 16.92 -30.93 70.44
C SER S 1 17.65 -32.22 70.85
N LEU S 2 16.94 -33.35 70.91
CA LEU S 2 17.50 -34.66 71.34
C LEU S 2 17.50 -34.86 72.86
N LYS S 3 17.76 -36.11 73.30
CA LYS S 3 17.67 -36.55 74.73
C LYS S 3 18.07 -38.02 74.98
N LYS S 4 18.86 -38.57 74.06
CA LYS S 4 19.10 -40.00 73.96
C LYS S 4 20.37 -40.09 73.16
N GLY S 5 21.44 -39.68 73.83
CA GLY S 5 22.71 -39.38 73.19
C GLY S 5 22.91 -37.87 73.32
N VAL S 6 24.15 -37.45 73.06
CA VAL S 6 24.46 -36.12 72.49
C VAL S 6 25.30 -36.29 71.18
N PHE S 7 24.95 -37.34 70.43
CA PHE S 7 25.15 -37.42 68.96
C PHE S 7 26.51 -36.89 68.46
N VAL S 8 27.47 -36.96 69.38
CA VAL S 8 28.84 -36.45 69.21
C VAL S 8 29.71 -37.46 68.47
N ASP S 9 30.43 -36.94 67.46
CA ASP S 9 31.23 -37.72 66.54
C ASP S 9 32.31 -38.50 67.24
N ASP S 10 32.29 -39.81 67.05
CA ASP S 10 33.28 -40.68 67.66
C ASP S 10 34.68 -40.34 67.19
N HIS S 11 34.86 -40.02 65.92
CA HIS S 11 36.21 -39.66 65.45
C HIS S 11 36.83 -38.51 66.29
N LEU S 12 36.00 -37.67 66.90
CA LEU S 12 36.52 -36.64 67.78
C LEU S 12 36.74 -37.19 69.18
N LEU S 13 35.68 -37.69 69.82
CA LEU S 13 35.77 -38.33 71.14
C LEU S 13 36.99 -39.21 71.22
N GLU S 14 36.96 -40.26 70.39
CA GLU S 14 37.97 -41.29 70.38
C GLU S 14 39.33 -40.65 70.42
N LYS S 15 39.49 -39.61 69.60
CA LYS S 15 40.72 -38.84 69.52
C LYS S 15 40.96 -37.95 70.74
N VAL S 16 39.89 -37.60 71.46
CA VAL S 16 39.99 -36.80 72.69
C VAL S 16 40.16 -37.69 73.92
N LEU S 17 39.36 -38.75 74.05
CA LEU S 17 39.50 -39.75 75.14
C LEU S 17 40.90 -40.32 75.17
N GLU S 18 41.32 -40.86 74.03
CA GLU S 18 42.65 -41.40 73.86
C GLU S 18 43.65 -40.27 73.59
N LEU S 19 43.39 -39.10 74.16
CA LEU S 19 44.37 -38.06 74.43
C LEU S 19 44.34 -37.81 75.94
N ASN S 20 43.16 -37.89 76.56
CA ASN S 20 43.04 -37.74 78.03
C ASN S 20 43.82 -38.77 78.83
N ALA S 21 43.99 -39.97 78.30
CA ALA S 21 44.99 -40.90 78.81
C ALA S 21 46.41 -40.38 78.49
N LYS S 22 46.81 -39.27 79.14
CA LYS S 22 48.06 -38.52 78.83
C LYS S 22 47.95 -37.80 77.47
N GLY S 23 47.59 -36.51 77.48
CA GLY S 23 47.44 -35.75 76.24
C GLY S 23 46.99 -34.31 76.41
N GLU S 24 47.86 -33.40 75.97
CA GLU S 24 47.70 -31.97 76.20
C GLU S 24 48.09 -31.21 74.90
N LYS S 25 47.39 -31.58 73.83
CA LYS S 25 47.75 -31.20 72.47
C LYS S 25 46.86 -30.05 71.96
N ARG S 26 47.45 -29.13 71.21
CA ARG S 26 46.71 -27.99 70.60
C ARG S 26 46.41 -28.21 69.12
N LEU S 27 47.28 -28.95 68.43
CA LEU S 27 47.12 -29.20 66.99
C LEU S 27 45.97 -30.21 66.76
N ILE S 28 44.90 -30.08 67.55
CA ILE S 28 43.70 -30.90 67.39
C ILE S 28 42.71 -30.05 66.59
N LYS S 29 42.45 -30.51 65.36
CA LYS S 29 41.65 -29.79 64.37
C LYS S 29 40.50 -30.71 64.01
N THR S 30 39.32 -30.17 63.77
CA THR S 30 38.22 -30.99 63.28
C THR S 30 37.28 -30.28 62.31
N TRP S 31 36.51 -31.10 61.59
CA TRP S 31 35.46 -30.66 60.70
C TRP S 31 34.08 -31.04 61.24
N SER S 32 33.99 -31.53 62.47
CA SER S 32 32.70 -31.93 63.04
C SER S 32 32.17 -30.87 64.00
N ARG S 33 31.94 -29.69 63.46
CA ARG S 33 31.22 -28.64 64.17
C ARG S 33 29.83 -29.11 64.67
N ARG S 34 29.34 -30.22 64.12
CA ARG S 34 28.01 -30.73 64.44
C ARG S 34 27.94 -31.55 65.72
N SER S 35 29.05 -31.63 66.45
CA SER S 35 29.12 -32.49 67.64
C SER S 35 29.05 -31.69 68.95
N THR S 36 28.28 -32.20 69.93
CA THR S 36 28.17 -31.56 71.25
C THR S 36 29.49 -31.62 71.98
N ILE S 37 29.80 -30.55 72.69
CA ILE S 37 30.92 -30.56 73.61
C ILE S 37 30.56 -31.44 74.81
N VAL S 38 31.37 -32.47 75.01
CA VAL S 38 31.02 -33.57 75.88
C VAL S 38 31.54 -33.29 77.28
N PRO S 39 30.75 -33.71 78.30
CA PRO S 39 31.07 -33.62 79.71
C PRO S 39 32.54 -33.39 80.02
N GLU S 40 32.91 -32.12 80.09
CA GLU S 40 34.17 -31.71 80.70
C GLU S 40 35.40 -32.13 79.90
N MET S 41 35.26 -32.33 78.59
CA MET S 41 36.45 -32.57 77.75
C MET S 41 36.99 -31.20 77.37
N VAL S 42 37.40 -30.47 78.40
CA VAL S 42 37.58 -29.03 78.35
C VAL S 42 39.03 -28.75 77.97
N GLY S 43 39.68 -27.80 78.67
CA GLY S 43 41.13 -27.62 78.67
C GLY S 43 41.81 -27.62 77.32
N HIS S 44 41.49 -28.63 76.51
CA HIS S 44 42.01 -28.79 75.14
C HIS S 44 41.63 -27.60 74.27
N THR S 45 42.37 -27.41 73.18
CA THR S 45 41.98 -26.44 72.16
C THR S 45 41.70 -27.15 70.83
N ILE S 46 40.42 -27.24 70.48
CA ILE S 46 39.99 -27.75 69.18
C ILE S 46 39.88 -26.61 68.15
N ALA S 47 40.46 -26.82 66.97
CA ALA S 47 40.32 -25.90 65.85
C ALA S 47 39.15 -26.41 65.02
N VAL S 48 38.17 -25.53 64.82
CA VAL S 48 36.96 -25.91 64.09
C VAL S 48 36.94 -25.21 62.74
N TYR S 49 36.51 -25.96 61.75
CA TYR S 49 36.40 -25.49 60.40
C TYR S 49 35.12 -24.68 60.28
N ASN S 50 35.26 -23.47 59.74
CA ASN S 50 34.11 -22.64 59.41
C ASN S 50 33.72 -22.83 57.95
N GLY S 51 34.42 -23.73 57.26
CA GLY S 51 34.23 -23.95 55.83
C GLY S 51 35.35 -23.36 54.99
N LYS S 52 36.25 -22.62 55.63
CA LYS S 52 37.40 -22.00 54.97
C LYS S 52 38.72 -22.31 55.70
N GLN S 53 38.65 -22.39 57.01
CA GLN S 53 39.81 -22.69 57.82
C GLN S 53 39.36 -23.14 59.20
N HIS S 54 40.31 -23.60 60.00
CA HIS S 54 40.03 -23.97 61.37
C HIS S 54 40.34 -22.81 62.28
N VAL S 55 39.42 -22.54 63.19
CA VAL S 55 39.69 -21.51 64.18
C VAL S 55 39.84 -22.14 65.54
N PRO S 56 40.94 -21.79 66.22
CA PRO S 56 41.12 -22.24 67.59
C PRO S 56 40.00 -21.75 68.51
N VAL S 57 39.13 -22.66 68.94
CA VAL S 57 38.16 -22.36 70.00
C VAL S 57 38.62 -22.99 71.31
N TYR S 58 39.06 -22.17 72.26
CA TYR S 58 39.44 -22.67 73.60
C TYR S 58 38.17 -23.03 74.37
N ILE S 59 38.11 -24.28 74.79
CA ILE S 59 36.90 -24.85 75.39
C ILE S 59 37.03 -24.87 76.93
N THR S 60 36.16 -24.12 77.62
CA THR S 60 36.14 -23.98 79.08
C THR S 60 34.86 -24.66 79.59
N GLU S 61 34.56 -24.50 80.88
CA GLU S 61 33.50 -25.27 81.58
C GLU S 61 32.10 -24.72 81.34
N ASN S 62 32.00 -23.40 81.36
CA ASN S 62 30.72 -22.69 81.22
C ASN S 62 29.95 -22.99 79.93
N MET S 63 30.61 -23.62 78.97
CA MET S 63 30.08 -23.76 77.61
C MET S 63 29.94 -25.22 77.18
N VAL S 64 29.48 -26.08 78.09
CA VAL S 64 29.57 -27.51 77.81
C VAL S 64 28.35 -28.06 77.07
N GLY S 65 27.14 -27.71 77.47
CA GLY S 65 25.94 -28.13 76.72
C GLY S 65 25.99 -27.92 75.19
N HIS S 66 26.76 -26.93 74.75
CA HIS S 66 26.70 -26.41 73.37
C HIS S 66 27.38 -27.26 72.30
N LYS S 67 27.15 -26.90 71.03
CA LYS S 67 27.87 -27.49 69.89
C LYS S 67 29.15 -26.75 69.57
N LEU S 68 29.97 -27.39 68.76
CA LEU S 68 31.29 -26.90 68.49
C LEU S 68 31.29 -25.73 67.55
N GLY S 69 30.38 -25.75 66.57
CA GLY S 69 30.35 -24.75 65.51
C GLY S 69 29.82 -23.42 65.96
N GLU S 70 29.14 -23.42 67.10
CA GLU S 70 28.73 -22.19 67.74
C GLU S 70 29.92 -21.27 68.00
N PHE S 71 31.14 -21.75 67.82
CA PHE S 71 32.31 -20.92 68.03
C PHE S 71 33.17 -20.78 66.79
N ALA S 72 32.74 -21.40 65.69
CA ALA S 72 33.35 -21.18 64.37
C ALA S 72 32.37 -20.45 63.44
N PRO S 73 32.31 -19.12 63.54
CA PRO S 73 31.29 -18.37 62.82
C PRO S 73 31.56 -18.38 61.30
N THR S 74 30.56 -18.73 60.49
CA THR S 74 30.87 -19.00 59.08
C THR S 74 30.91 -17.79 58.16
N ARG S 75 30.10 -16.76 58.40
CA ARG S 75 30.02 -15.60 57.48
C ARG S 75 30.82 -14.38 57.98
N THR S 76 31.20 -13.45 57.09
CA THR S 76 32.03 -12.28 57.50
C THR S 76 31.29 -10.91 57.57
N TYR S 77 31.71 -10.07 58.56
CA TYR S 77 31.06 -8.81 59.05
C TYR S 77 29.49 -8.78 58.94
N ARG S 78 28.89 -9.16 60.06
CA ARG S 78 27.46 -9.39 60.16
C ARG S 78 26.79 -8.36 61.10
N ARG T 1 79.39 29.53 -41.11
CA ARG T 1 78.80 30.84 -40.69
C ARG T 1 78.97 31.92 -41.76
N ASN T 2 79.46 31.56 -42.95
CA ASN T 2 79.82 32.51 -43.98
C ASN T 2 79.16 32.08 -45.28
N LEU T 3 77.89 32.45 -45.45
CA LEU T 3 77.07 32.02 -46.59
C LEU T 3 77.37 32.93 -47.77
N SER T 4 78.01 32.40 -48.80
CA SER T 4 78.69 33.24 -49.79
C SER T 4 77.74 33.96 -50.73
N ALA T 5 76.47 33.52 -50.76
CA ALA T 5 75.40 34.30 -51.45
C ALA T 5 74.58 35.44 -50.64
N LEU T 6 75.07 35.91 -49.50
CA LEU T 6 75.19 37.40 -49.27
C LEU T 6 76.11 38.20 -50.33
N LYS T 7 76.58 37.52 -51.37
CA LYS T 7 76.90 38.18 -52.62
C LYS T 7 75.66 38.85 -53.18
N ARG T 8 74.51 38.22 -52.95
CA ARG T 8 73.25 38.75 -53.48
C ARG T 8 73.00 40.06 -52.79
N HIS T 9 73.31 40.13 -51.51
CA HIS T 9 73.21 41.44 -50.85
C HIS T 9 74.02 42.51 -51.58
N ARG T 10 75.29 42.21 -51.85
CA ARG T 10 76.15 43.18 -52.49
C ARG T 10 75.48 43.64 -53.80
N GLN T 11 75.07 42.68 -54.62
CA GLN T 11 74.47 43.03 -55.89
C GLN T 11 73.30 44.00 -55.70
N SER T 12 72.40 43.65 -54.78
CA SER T 12 71.15 44.39 -54.58
C SER T 12 71.40 45.88 -54.39
N LEU T 13 72.37 46.17 -53.53
CA LEU T 13 72.74 47.54 -53.28
C LEU T 13 73.16 48.28 -54.55
N LYS T 14 73.93 47.64 -55.43
CA LYS T 14 74.32 48.28 -56.71
C LYS T 14 73.13 48.49 -57.63
N ARG T 15 72.28 47.47 -57.78
CA ARG T 15 71.07 47.59 -58.60
C ARG T 15 70.13 48.67 -58.02
N ARG T 16 69.97 48.63 -56.70
CA ARG T 16 69.18 49.65 -56.00
C ARG T 16 69.62 51.01 -56.44
N LEU T 17 70.91 51.22 -56.32
CA LEU T 17 71.47 52.50 -56.55
C LEU T 17 71.16 52.93 -57.97
N ARG T 18 71.27 51.98 -58.87
CA ARG T 18 71.08 52.24 -60.28
C ARG T 18 69.62 52.64 -60.53
N ASN T 19 68.67 51.85 -60.06
CA ASN T 19 67.24 52.17 -60.19
C ASN T 19 66.91 53.52 -59.58
N LYS T 20 67.33 53.70 -58.33
CA LYS T 20 67.08 54.90 -57.55
C LYS T 20 67.33 56.18 -58.36
N ALA T 21 68.46 56.18 -59.04
CA ALA T 21 68.82 57.29 -59.87
C ALA T 21 67.91 57.42 -61.07
N LYS T 22 67.70 56.31 -61.77
CA LYS T 22 66.90 56.39 -62.99
C LYS T 22 65.57 57.05 -62.69
N LYS T 23 64.98 56.75 -61.52
CA LYS T 23 63.64 57.22 -61.16
C LYS T 23 63.68 58.67 -60.78
N SER T 24 64.72 59.06 -60.05
CA SER T 24 64.86 60.46 -59.66
C SER T 24 64.88 61.35 -60.88
N ALA T 25 65.44 60.84 -61.96
CA ALA T 25 65.56 61.63 -63.17
C ALA T 25 64.20 61.88 -63.77
N ILE T 26 63.41 60.80 -63.75
CA ILE T 26 62.10 60.75 -64.37
C ILE T 26 61.20 61.70 -63.63
N LYS T 27 61.24 61.62 -62.31
CA LYS T 27 60.51 62.56 -61.47
C LYS T 27 60.90 63.96 -61.91
N THR T 28 62.14 64.37 -61.63
CA THR T 28 62.52 65.79 -61.79
C THR T 28 62.26 66.33 -63.18
N LEU T 29 62.30 65.47 -64.19
CA LEU T 29 62.04 65.91 -65.55
C LEU T 29 60.59 66.05 -65.87
N SER T 30 59.79 65.12 -65.35
CA SER T 30 58.33 65.19 -65.50
C SER T 30 57.87 66.46 -64.83
N LYS T 31 58.18 66.60 -63.54
CA LYS T 31 57.84 67.80 -62.81
C LYS T 31 58.22 69.03 -63.63
N LYS T 32 59.40 69.00 -64.24
CA LYS T 32 59.93 70.09 -65.06
C LYS T 32 59.01 70.39 -66.22
N ALA T 33 58.49 69.33 -66.83
CA ALA T 33 57.69 69.45 -68.01
C ALA T 33 56.34 70.06 -67.66
N ILE T 34 55.75 69.55 -66.57
CA ILE T 34 54.38 69.95 -66.21
C ILE T 34 54.49 71.40 -65.79
N GLN T 35 55.54 71.70 -65.05
CA GLN T 35 55.87 73.05 -64.65
C GLN T 35 55.94 73.99 -65.85
N LEU T 36 56.54 73.54 -66.94
CA LEU T 36 56.69 74.43 -68.08
C LEU T 36 55.35 74.70 -68.68
N ALA T 37 54.55 73.65 -68.75
CA ALA T 37 53.23 73.70 -69.37
C ALA T 37 52.28 74.63 -68.62
N GLN T 38 52.50 74.82 -67.31
CA GLN T 38 51.82 75.86 -66.50
C GLN T 38 51.96 77.28 -67.05
N GLU T 39 53.02 77.53 -67.79
CA GLU T 39 53.29 78.84 -68.28
C GLU T 39 53.15 78.82 -69.80
N GLY T 40 52.44 77.80 -70.28
CA GLY T 40 52.13 77.64 -71.70
C GLY T 40 53.37 77.72 -72.54
N LYS T 41 54.03 76.58 -72.71
CA LYS T 41 55.37 76.61 -73.25
C LYS T 41 55.59 75.82 -74.52
N ALA T 42 56.19 76.55 -75.46
CA ALA T 42 56.42 76.09 -76.82
C ALA T 42 57.12 74.73 -76.82
N GLU T 43 58.12 74.59 -77.69
CA GLU T 43 58.97 73.42 -77.70
C GLU T 43 59.24 72.99 -76.28
N GLU T 44 59.85 73.87 -75.50
CA GLU T 44 60.57 73.42 -74.31
C GLU T 44 59.72 72.54 -73.38
N ALA T 45 58.44 72.86 -73.24
CA ALA T 45 57.57 72.00 -72.45
C ALA T 45 57.51 70.58 -73.05
N LEU T 46 57.35 70.49 -74.36
CA LEU T 46 57.24 69.21 -75.01
C LEU T 46 58.61 68.59 -75.13
N LYS T 47 59.57 69.38 -75.59
CA LYS T 47 60.98 68.93 -75.73
C LYS T 47 61.41 68.17 -74.50
N ILE T 48 61.15 68.77 -73.34
CA ILE T 48 61.38 68.08 -72.10
C ILE T 48 60.49 66.86 -71.96
N MET T 49 59.19 67.03 -72.16
CA MET T 49 58.26 65.91 -72.09
C MET T 49 58.78 64.73 -72.90
N ARG T 50 59.26 65.06 -74.08
CA ARG T 50 59.71 64.10 -75.04
C ARG T 50 60.92 63.38 -74.44
N LYS T 51 61.84 64.12 -73.83
CA LYS T 51 63.01 63.48 -73.19
C LYS T 51 62.51 62.49 -72.15
N ALA T 52 61.73 63.01 -71.21
CA ALA T 52 61.14 62.22 -70.14
C ALA T 52 60.37 60.96 -70.60
N GLU T 53 59.60 61.07 -71.67
CA GLU T 53 58.97 59.89 -72.24
C GLU T 53 60.03 58.82 -72.49
N SER T 54 61.11 59.22 -73.16
CA SER T 54 62.21 58.29 -73.43
C SER T 54 62.76 57.67 -72.16
N LEU T 55 63.23 58.52 -71.26
CA LEU T 55 63.69 58.05 -69.96
C LEU T 55 62.78 57.02 -69.25
N ILE T 56 61.47 57.17 -69.38
CA ILE T 56 60.50 56.20 -68.85
C ILE T 56 60.55 54.85 -69.57
N ASP T 57 60.30 54.88 -70.87
CA ASP T 57 60.30 53.67 -71.68
C ASP T 57 61.60 52.94 -71.52
N LYS T 58 62.68 53.71 -71.41
CA LYS T 58 63.98 53.18 -71.08
C LYS T 58 63.97 52.40 -69.77
N ALA T 59 63.51 53.03 -68.69
CA ALA T 59 63.58 52.40 -67.38
C ALA T 59 62.83 51.10 -67.41
N ALA T 60 61.73 51.08 -68.16
CA ALA T 60 60.87 49.92 -68.22
C ALA T 60 61.52 48.74 -68.94
N LYS T 61 62.53 49.04 -69.77
CA LYS T 61 63.35 48.01 -70.43
C LYS T 61 63.93 47.03 -69.45
N GLY T 62 64.61 47.57 -68.46
CA GLY T 62 65.05 46.76 -67.34
C GLY T 62 64.08 46.63 -66.19
N SER T 63 64.63 46.20 -65.07
CA SER T 63 63.90 45.93 -63.80
C SER T 63 63.34 47.15 -63.08
N THR T 64 63.60 48.36 -63.60
CA THR T 64 63.53 49.56 -62.75
C THR T 64 62.12 49.87 -62.49
N LEU T 65 61.39 49.82 -63.58
CA LEU T 65 60.16 50.50 -63.72
C LEU T 65 59.25 49.59 -64.46
N HIS T 66 59.66 48.32 -64.53
CA HIS T 66 59.11 47.45 -65.51
C HIS T 66 57.62 47.77 -65.76
N LYS T 67 57.22 47.46 -67.01
CA LYS T 67 55.87 47.15 -67.37
C LYS T 67 55.16 48.35 -67.96
N ASN T 68 54.32 48.92 -67.14
CA ASN T 68 53.11 49.59 -67.57
C ASN T 68 52.69 50.52 -66.40
N ALA T 69 53.40 50.32 -65.28
CA ALA T 69 53.96 51.41 -64.45
C ALA T 69 54.60 52.48 -65.31
N ALA T 70 55.31 52.02 -66.36
CA ALA T 70 55.82 52.89 -67.42
C ALA T 70 54.70 53.59 -68.14
N ALA T 71 53.78 52.78 -68.68
CA ALA T 71 52.61 53.28 -69.42
C ALA T 71 51.77 54.25 -68.62
N ARG T 72 51.54 53.87 -67.35
CA ARG T 72 50.88 54.72 -66.36
C ARG T 72 51.52 56.11 -66.29
N ARG T 73 52.82 56.15 -66.03
CA ARG T 73 53.55 57.41 -65.92
C ARG T 73 53.50 58.29 -67.15
N LYS T 74 53.66 57.67 -68.32
CA LYS T 74 53.56 58.37 -69.61
C LYS T 74 52.20 58.99 -69.77
N SER T 75 51.19 58.14 -69.50
CA SER T 75 49.79 58.53 -69.49
C SER T 75 49.57 59.76 -68.59
N ARG T 76 49.80 59.63 -67.28
CA ARG T 76 49.65 60.74 -66.33
C ARG T 76 50.38 61.97 -66.83
N LEU T 77 51.51 61.76 -67.48
CA LEU T 77 52.39 62.86 -67.79
C LEU T 77 51.91 63.60 -68.99
N MET T 78 51.71 62.92 -70.12
CA MET T 78 51.40 63.65 -71.34
C MET T 78 49.89 63.97 -71.46
N ARG T 79 49.14 63.61 -70.43
CA ARG T 79 47.79 64.11 -70.26
C ARG T 79 47.99 65.47 -69.61
N LYS T 80 48.32 65.46 -68.33
CA LYS T 80 48.74 66.63 -67.55
C LYS T 80 49.39 67.75 -68.38
N VAL T 81 50.33 67.40 -69.23
CA VAL T 81 51.02 68.40 -70.05
C VAL T 81 50.05 69.03 -71.05
N ARG T 82 49.38 68.17 -71.83
CA ARG T 82 48.43 68.66 -72.82
C ARG T 82 47.28 69.52 -72.22
N GLN T 83 46.71 69.07 -71.10
CA GLN T 83 45.71 69.84 -70.37
C GLN T 83 46.24 71.22 -69.97
N LEU T 84 47.31 71.26 -69.18
CA LEU T 84 47.92 72.55 -68.74
C LEU T 84 48.33 73.47 -69.87
N LEU T 85 48.55 72.90 -71.05
CA LEU T 85 48.87 73.71 -72.23
C LEU T 85 47.67 74.44 -72.77
N GLU T 86 46.56 73.70 -72.93
CA GLU T 86 45.32 74.30 -73.47
C GLU T 86 44.65 75.29 -72.51
N ALA T 87 45.00 75.27 -71.23
CA ALA T 87 44.92 76.49 -70.44
C ALA T 87 46.09 77.41 -70.94
N ALA T 88 45.75 78.34 -71.84
CA ALA T 88 46.68 79.20 -72.65
C ALA T 88 46.85 78.65 -74.08
N GLY T 89 47.84 79.13 -74.84
CA GLY T 89 47.91 78.90 -76.30
C GLY T 89 48.38 77.56 -76.90
N ALA T 90 48.47 77.58 -78.25
CA ALA T 90 48.65 76.43 -79.17
C ALA T 90 49.76 75.47 -78.77
N PRO T 91 49.70 74.17 -79.21
CA PRO T 91 50.76 73.16 -78.95
C PRO T 91 51.90 73.30 -79.96
N LEU T 92 52.63 74.41 -79.82
CA LEU T 92 53.53 74.94 -80.85
C LEU T 92 54.45 73.87 -81.43
N ILE T 93 55.74 73.88 -81.08
CA ILE T 93 56.63 72.83 -81.56
C ILE T 93 55.92 71.51 -81.23
N GLY T 94 55.52 70.80 -82.28
CA GLY T 94 54.56 69.68 -82.19
C GLY T 94 55.03 68.51 -81.35
N GLY T 95 56.34 68.38 -81.22
CA GLY T 95 56.90 67.41 -80.30
C GLY T 95 56.15 66.09 -80.24
N GLY T 96 55.60 65.78 -79.06
CA GLY T 96 55.24 64.39 -78.72
C GLY T 96 53.77 64.01 -78.65
N LEU T 97 52.90 64.94 -79.06
CA LEU T 97 51.47 64.78 -78.89
C LEU T 97 50.78 64.63 -80.24
N SER T 98 49.84 63.66 -80.32
CA SER T 98 49.07 63.39 -81.57
C SER T 98 48.32 64.64 -81.91
N ALA T 99 48.50 65.09 -83.16
CA ALA T 99 48.07 66.42 -83.61
C ALA T 99 46.69 66.84 -83.04
N GLY U 1 -5.59 -14.01 66.97
CA GLY U 1 -6.08 -15.34 67.43
C GLY U 1 -5.31 -16.42 66.70
N LYS U 2 -5.62 -16.61 65.40
CA LYS U 2 -5.02 -17.67 64.57
C LYS U 2 -3.52 -17.74 64.69
N GLY U 3 -2.88 -16.66 65.13
CA GLY U 3 -1.44 -16.64 65.22
C GLY U 3 -0.88 -17.03 66.56
N ASP U 4 -1.77 -17.38 67.49
CA ASP U 4 -1.40 -17.68 68.90
C ASP U 4 -1.40 -19.19 69.14
N ARG U 5 -0.22 -19.72 69.43
CA ARG U 5 -0.09 -21.15 69.71
C ARG U 5 -0.92 -21.57 70.96
N ARG U 6 -1.01 -20.69 71.96
CA ARG U 6 -1.72 -20.99 73.20
C ARG U 6 -3.26 -20.79 73.16
N THR U 7 -3.84 -20.49 71.99
CA THR U 7 -5.28 -20.55 71.82
C THR U 7 -5.59 -21.93 71.24
N ARG U 8 -6.87 -22.25 71.09
CA ARG U 8 -7.33 -23.44 70.38
C ARG U 8 -7.23 -23.17 68.88
N ARG U 9 -7.61 -21.96 68.49
CA ARG U 9 -7.61 -21.56 67.09
C ARG U 9 -6.20 -21.54 66.53
N GLY U 10 -5.25 -21.13 67.35
CA GLY U 10 -3.87 -21.10 66.92
C GLY U 10 -3.45 -22.49 66.51
N LYS U 11 -3.84 -23.45 67.34
CA LYS U 11 -3.60 -24.85 67.06
C LYS U 11 -4.24 -25.27 65.75
N ILE U 12 -5.54 -25.06 65.61
CA ILE U 12 -6.26 -25.54 64.44
C ILE U 12 -5.51 -25.17 63.14
N TRP U 13 -5.28 -23.88 63.02
CA TRP U 13 -4.65 -23.24 61.87
C TRP U 13 -3.32 -23.90 61.60
N ARG U 14 -2.56 -24.07 62.68
CA ARG U 14 -1.28 -24.73 62.65
C ARG U 14 -1.40 -26.23 62.44
N GLY U 15 -2.63 -26.72 62.37
CA GLY U 15 -2.89 -28.17 62.32
C GLY U 15 -2.57 -28.97 63.57
N THR U 16 -1.86 -28.37 64.54
CA THR U 16 -1.41 -29.07 65.74
C THR U 16 -2.52 -29.34 66.76
N TYR U 17 -2.09 -30.13 67.74
CA TYR U 17 -2.86 -30.57 68.89
C TYR U 17 -1.97 -30.37 70.11
N GLY U 18 -2.58 -30.17 71.27
CA GLY U 18 -1.82 -29.96 72.51
C GLY U 18 -2.70 -29.75 73.72
N LYS U 19 -2.14 -29.13 74.75
CA LYS U 19 -2.92 -28.82 75.94
C LYS U 19 -4.10 -27.97 75.51
N TYR U 20 -3.80 -26.95 74.72
CA TYR U 20 -4.79 -25.96 74.36
C TYR U 20 -5.72 -26.49 73.26
N ARG U 21 -5.40 -27.65 72.71
CA ARG U 21 -6.39 -28.37 71.90
C ARG U 21 -6.16 -29.89 71.98
N PRO U 22 -6.98 -30.56 72.80
CA PRO U 22 -6.77 -31.97 73.01
C PRO U 22 -7.53 -32.79 71.96
N ARG U 23 -7.12 -34.05 71.76
CA ARG U 23 -7.89 -34.97 70.92
C ARG U 23 -8.97 -35.62 71.76
N LYS U 24 -10.15 -34.99 71.76
CA LYS U 24 -11.33 -35.34 72.58
C LYS U 24 -11.11 -35.65 74.09
#